data_3CMM
#
_entry.id   3CMM
#
_cell.length_a   115.363
_cell.length_b   118.564
_cell.length_c   207.567
_cell.angle_alpha   90.00
_cell.angle_beta   90.00
_cell.angle_gamma   90.00
#
_symmetry.space_group_name_H-M   'P 21 21 21'
#
loop_
_entity.id
_entity.type
_entity.pdbx_description
1 polymer 'Ubiquitin-activating enzyme E1 1'
2 polymer Ubiquitin
3 non-polymer PROLINE
4 water water
#
loop_
_entity_poly.entity_id
_entity_poly.type
_entity_poly.pdbx_seq_one_letter_code
_entity_poly.pdbx_strand_id
1 'polypeptide(L)'
;AAGEIDESLYSRQLYVLGKEAMLKMQTSNVLILGLKGLGVEIAKNVVLAGVKSMTVFDPEPVQLADLSTQFFLTEKDIGQ
KRGDVTRAKLAELNAYVPVNVLDSLDDVTQLSQFQVVVATDTVSLEDKVKINEFCHSSGIRFISSETRGLFGNTFVDLGD
EFTVLDPTGEEPRTGMVSDIEPDGTVTMLDDNRHGLEDGNFVRFSEVEGLDKLNDGTLFKVEVLGPFAFRIGSVKEYGEY
KKGGIFTEVKVPRKISFKSLKQQLSNPEFVFSDFAKFDRAAQLHLGFQALHQFAVRHNGELPRTMNDEDANELIKLVTDL
SVQQPEVLGEGVDVNEDLIKELSYQARGDIPGVVAFFGGLVAQEVLKACSGKFTPLKQFMYFDSLESLPDPKNFPRNEKT
TQPVNSRYDNQIAVFGLDFQKKIANSKVFLVGSGAIGCEMLKNWALLGLGSGSDGYIVVTDNDSIEKSNLNRQFLFRPKD
VGKNKSEVAAEAVCAMNPDLKGKINAKIDKVGPETEEIFNDSFWESLDFVTNALDNVDARTYVDRRCVFYRKPLLESGTL
GTKGNTQVIIPRLTESYSSSRDPPEKSIPLCTLRSFPNKIDHTIAWAKSLFQGYFTDSAENVNMYLTQPNFVEQTLKQSG
DVKGVLESISDSLSSKPHNFEDCIKWARLEFEKKFNHDIKQLLFNFPKDAKTSNGEPFWSGAKRAPTPLEFDIYNNDHFH
FVVAGASLRAYNYGIKSDDSNSKPNVDEYKSVIDHMIIPEFTPNANLKIQVNDDDPDPNANAANGSDEIDQLVSSLPDPS
TLAGFKLEPVDFEKDDDTNHHIEFITACSNCRAQNYFIETADRQKTKFIAGRIIPAIATTTSLVTGLVNLELYKLIDNKT
DIEQYKNGFVNLALPFFGFSEPIASPKGEYNNKKYDKIWDRFDIKGDIKLSDLIEHFEKDEGLEITMLSYGVSLLYASFF
PPKKLKERLNLPITQLVKLVTKKDIPAHVSTMILEICADDKEGEDVEVPFITIHL
;
A,C
2 'polypeptide(L)' MQIFVKTLTGKTITLEVESSDTIDNVKSKIQDKEGIPPDQQRLIFAGKQLEDGRTLSDYNIQKESTLHLVLRLRGG B,D
#
# COMPACT_ATOMS: atom_id res chain seq x y z
N GLY A 3 -18.27 2.19 -3.56
CA GLY A 3 -18.38 1.24 -2.41
C GLY A 3 -17.16 0.34 -2.26
N GLU A 4 -16.12 0.87 -1.60
CA GLU A 4 -14.88 0.11 -1.33
C GLU A 4 -15.08 -1.03 -0.30
N ILE A 5 -15.31 -2.24 -0.81
CA ILE A 5 -15.40 -3.44 0.03
C ILE A 5 -16.72 -3.51 0.83
N ASP A 6 -17.69 -4.23 0.25
CA ASP A 6 -18.94 -4.62 0.87
C ASP A 6 -18.66 -5.56 2.06
N GLU A 7 -18.82 -5.03 3.27
CA GLU A 7 -18.51 -5.76 4.50
C GLU A 7 -19.49 -6.89 4.81
N SER A 8 -20.75 -6.75 4.38
CA SER A 8 -21.75 -7.80 4.58
C SER A 8 -21.51 -9.04 3.71
N LEU A 9 -20.79 -8.87 2.59
CA LEU A 9 -20.38 -10.00 1.77
C LEU A 9 -19.00 -10.52 2.19
N TYR A 10 -18.03 -9.61 2.32
CA TYR A 10 -16.61 -10.00 2.49
C TYR A 10 -16.14 -10.03 3.96
N SER A 11 -17.07 -9.74 4.86
CA SER A 11 -16.90 -9.83 6.31
C SER A 11 -15.77 -10.77 6.79
N ARG A 12 -16.04 -12.08 6.80
CA ARG A 12 -15.11 -13.08 7.33
C ARG A 12 -13.78 -13.09 6.58
N GLN A 13 -13.84 -12.90 5.27
CA GLN A 13 -12.64 -12.88 4.44
C GLN A 13 -11.79 -11.64 4.74
N LEU A 14 -12.48 -10.55 5.01
CA LEU A 14 -11.84 -9.30 5.41
C LEU A 14 -10.98 -9.38 6.70
N TYR A 15 -11.28 -10.32 7.60
CA TYR A 15 -10.43 -10.54 8.78
C TYR A 15 -9.19 -11.40 8.44
N VAL A 16 -9.25 -12.13 7.32
CA VAL A 16 -8.11 -12.91 6.85
C VAL A 16 -7.17 -12.02 6.00
N LEU A 17 -7.67 -11.48 4.90
CA LEU A 17 -6.91 -10.52 4.10
C LEU A 17 -7.13 -9.16 4.73
N GLY A 18 -6.28 -8.18 4.49
CA GLY A 18 -6.61 -6.88 5.06
C GLY A 18 -7.65 -6.15 4.23
N LYS A 19 -7.98 -4.93 4.62
CA LYS A 19 -8.69 -4.00 3.75
C LYS A 19 -7.80 -3.65 2.55
N GLU A 20 -6.57 -3.22 2.86
CA GLU A 20 -5.57 -2.81 1.88
C GLU A 20 -5.31 -3.87 0.81
N ALA A 21 -5.17 -5.13 1.22
CA ALA A 21 -4.91 -6.21 0.26
C ALA A 21 -6.12 -6.46 -0.66
N MET A 22 -7.32 -6.29 -0.11
CA MET A 22 -8.55 -6.47 -0.90
C MET A 22 -8.78 -5.30 -1.84
N LEU A 23 -8.41 -4.09 -1.42
CA LEU A 23 -8.30 -2.97 -2.34
C LEU A 23 -7.37 -3.28 -3.53
N LYS A 24 -6.28 -4.02 -3.29
CA LYS A 24 -5.36 -4.40 -4.35
C LYS A 24 -5.87 -5.53 -5.25
N MET A 25 -6.54 -6.52 -4.65
CA MET A 25 -7.24 -7.57 -5.39
C MET A 25 -8.33 -6.99 -6.27
N GLN A 26 -9.14 -6.09 -5.71
CA GLN A 26 -10.26 -5.44 -6.38
C GLN A 26 -9.79 -4.75 -7.68
N THR A 27 -8.49 -4.60 -7.86
CA THR A 27 -7.97 -4.02 -9.11
C THR A 27 -7.15 -5.00 -9.98
N SER A 28 -7.25 -6.30 -9.76
CA SER A 28 -6.49 -7.24 -10.56
C SER A 28 -7.36 -8.02 -11.51
N ASN A 29 -6.85 -8.21 -12.73
CA ASN A 29 -7.46 -9.09 -13.71
C ASN A 29 -6.73 -10.42 -13.78
N VAL A 30 -7.50 -11.50 -13.73
CA VAL A 30 -6.95 -12.85 -13.70
C VAL A 30 -7.38 -13.58 -14.97
N LEU A 31 -6.47 -14.35 -15.54
CA LEU A 31 -6.75 -15.22 -16.67
C LEU A 31 -6.43 -16.66 -16.25
N ILE A 32 -7.42 -17.54 -16.34
CA ILE A 32 -7.16 -18.97 -16.10
C ILE A 32 -7.26 -19.76 -17.40
N LEU A 33 -6.24 -20.57 -17.65
CA LEU A 33 -6.14 -21.33 -18.90
C LEU A 33 -6.51 -22.78 -18.65
N GLY A 34 -7.62 -23.20 -19.25
CA GLY A 34 -8.11 -24.55 -19.10
C GLY A 34 -9.15 -24.58 -18.01
N LEU A 35 -10.32 -25.13 -18.33
CA LEU A 35 -11.37 -25.25 -17.35
C LEU A 35 -11.85 -26.68 -17.18
N LYS A 36 -10.91 -27.55 -16.84
CA LYS A 36 -11.31 -28.87 -16.35
C LYS A 36 -11.43 -28.74 -14.82
N GLY A 37 -11.44 -29.86 -14.10
CA GLY A 37 -11.62 -29.85 -12.66
C GLY A 37 -10.74 -28.82 -11.97
N LEU A 38 -9.44 -28.87 -12.23
CA LEU A 38 -8.50 -27.98 -11.54
C LEU A 38 -8.76 -26.51 -11.83
N GLY A 39 -9.07 -26.22 -13.08
CA GLY A 39 -9.25 -24.84 -13.47
C GLY A 39 -10.48 -24.24 -12.83
N VAL A 40 -11.57 -25.01 -12.79
CA VAL A 40 -12.83 -24.49 -12.28
C VAL A 40 -12.78 -24.36 -10.74
N GLU A 41 -12.01 -25.22 -10.06
CA GLU A 41 -11.78 -25.04 -8.63
C GLU A 41 -11.11 -23.71 -8.39
N ILE A 42 -9.97 -23.49 -9.06
CA ILE A 42 -9.20 -22.26 -8.85
C ILE A 42 -10.14 -21.10 -9.09
N ALA A 43 -10.81 -21.14 -10.23
CA ALA A 43 -11.71 -20.10 -10.63
C ALA A 43 -12.80 -19.82 -9.60
N LYS A 44 -13.43 -20.87 -9.06
CA LYS A 44 -14.47 -20.71 -8.03
C LYS A 44 -13.93 -19.91 -6.83
N ASN A 45 -12.78 -20.34 -6.33
CA ASN A 45 -12.16 -19.72 -5.17
C ASN A 45 -11.70 -18.27 -5.41
N VAL A 46 -11.26 -17.98 -6.62
CA VAL A 46 -10.77 -16.66 -6.96
C VAL A 46 -11.93 -15.69 -7.18
N VAL A 47 -12.97 -16.14 -7.87
CA VAL A 47 -14.15 -15.30 -8.09
C VAL A 47 -14.81 -14.95 -6.76
N LEU A 48 -14.84 -15.92 -5.83
CA LEU A 48 -15.49 -15.73 -4.52
C LEU A 48 -14.76 -14.68 -3.70
N ALA A 49 -13.43 -14.70 -3.78
CA ALA A 49 -12.58 -13.72 -3.13
C ALA A 49 -12.76 -12.27 -3.65
N GLY A 50 -13.11 -12.14 -4.92
CA GLY A 50 -13.44 -10.83 -5.46
C GLY A 50 -12.27 -10.08 -6.03
N VAL A 51 -11.75 -10.55 -7.16
CA VAL A 51 -10.80 -9.82 -7.98
C VAL A 51 -11.53 -8.81 -8.90
N LYS A 52 -10.81 -7.97 -9.62
CA LYS A 52 -11.45 -7.04 -10.55
C LYS A 52 -12.24 -7.75 -11.65
N SER A 53 -11.69 -8.84 -12.21
CA SER A 53 -12.34 -9.59 -13.30
C SER A 53 -11.71 -10.96 -13.47
N MET A 54 -12.51 -11.91 -13.92
CA MET A 54 -12.06 -13.28 -14.21
C MET A 54 -12.24 -13.60 -15.69
N THR A 55 -11.15 -13.96 -16.36
CA THR A 55 -11.22 -14.38 -17.75
C THR A 55 -10.76 -15.81 -17.89
N VAL A 56 -11.38 -16.49 -18.84
CA VAL A 56 -11.36 -17.93 -18.88
C VAL A 56 -11.17 -18.40 -20.32
N PHE A 57 -10.28 -19.38 -20.48
CA PHE A 57 -9.89 -19.88 -21.80
C PHE A 57 -9.96 -21.40 -21.86
N ASP A 58 -10.94 -21.91 -22.57
CA ASP A 58 -10.99 -23.35 -22.86
C ASP A 58 -11.94 -23.63 -23.99
N PRO A 59 -11.43 -23.62 -25.24
CA PRO A 59 -12.18 -23.92 -26.45
C PRO A 59 -12.39 -25.43 -26.71
N GLU A 60 -11.82 -26.28 -25.86
CA GLU A 60 -12.00 -27.72 -25.97
C GLU A 60 -13.44 -28.18 -25.72
N PRO A 61 -13.90 -29.18 -26.49
CA PRO A 61 -15.29 -29.56 -26.32
C PRO A 61 -15.50 -30.43 -25.09
N VAL A 62 -16.60 -30.19 -24.36
CA VAL A 62 -16.91 -30.95 -23.15
C VAL A 62 -17.11 -32.42 -23.51
N GLN A 63 -16.33 -33.26 -22.84
CA GLN A 63 -16.43 -34.70 -22.97
C GLN A 63 -16.96 -35.28 -21.66
N LEU A 64 -17.52 -36.49 -21.73
CA LEU A 64 -18.11 -37.15 -20.53
C LEU A 64 -17.14 -37.21 -19.37
N ALA A 65 -15.92 -37.68 -19.63
CA ALA A 65 -14.95 -37.91 -18.58
C ALA A 65 -14.52 -36.64 -17.80
N ASP A 66 -14.74 -35.47 -18.41
CA ASP A 66 -14.40 -34.19 -17.75
C ASP A 66 -15.17 -34.01 -16.46
N LEU A 67 -16.37 -34.56 -16.40
CA LEU A 67 -17.25 -34.41 -15.26
C LEU A 67 -16.71 -35.07 -14.01
N SER A 68 -15.51 -35.65 -14.11
CA SER A 68 -14.94 -36.40 -12.99
C SER A 68 -14.69 -35.45 -11.82
N THR A 69 -14.33 -34.21 -12.16
CA THR A 69 -14.04 -33.22 -11.15
C THR A 69 -14.58 -31.85 -11.55
N GLN A 70 -15.13 -31.74 -12.74
CA GLN A 70 -15.72 -30.47 -13.16
C GLN A 70 -17.21 -30.35 -12.74
N PHE A 71 -17.41 -29.82 -11.53
CA PHE A 71 -18.75 -29.73 -10.91
C PHE A 71 -19.72 -28.75 -11.61
N PHE A 72 -19.21 -28.00 -12.58
CA PHE A 72 -20.04 -27.03 -13.28
C PHE A 72 -20.44 -27.53 -14.69
N LEU A 73 -20.09 -28.76 -15.02
CA LEU A 73 -20.52 -29.35 -16.30
C LEU A 73 -21.62 -30.35 -16.06
N THR A 74 -22.48 -30.56 -17.05
CA THR A 74 -23.49 -31.59 -16.95
C THR A 74 -23.45 -32.40 -18.23
N GLU A 75 -24.14 -33.54 -18.21
CA GLU A 75 -24.29 -34.42 -19.37
C GLU A 75 -24.83 -33.66 -20.60
N LYS A 76 -25.65 -32.62 -20.38
CA LYS A 76 -26.23 -31.83 -21.47
C LYS A 76 -25.18 -31.02 -22.22
N ASP A 77 -24.14 -30.59 -21.51
CA ASP A 77 -23.13 -29.69 -22.09
C ASP A 77 -22.16 -30.34 -23.08
N ILE A 78 -22.05 -31.67 -23.04
CA ILE A 78 -21.16 -32.43 -23.95
C ILE A 78 -21.18 -31.91 -25.42
N GLY A 79 -19.99 -31.68 -25.96
CA GLY A 79 -19.86 -31.15 -27.31
C GLY A 79 -19.68 -29.64 -27.37
N GLN A 80 -20.22 -28.93 -26.38
CA GLN A 80 -19.97 -27.48 -26.24
C GLN A 80 -18.57 -27.18 -25.69
N LYS A 81 -18.12 -25.95 -25.92
CA LYS A 81 -16.82 -25.47 -25.42
C LYS A 81 -16.84 -25.30 -23.90
N ARG A 82 -15.90 -25.94 -23.21
CA ARG A 82 -15.82 -25.88 -21.73
C ARG A 82 -15.92 -24.47 -21.15
N GLY A 83 -15.17 -23.53 -21.74
CA GLY A 83 -15.22 -22.12 -21.36
C GLY A 83 -16.61 -21.50 -21.42
N ASP A 84 -17.28 -21.63 -22.56
CA ASP A 84 -18.62 -21.06 -22.73
C ASP A 84 -19.61 -21.52 -21.67
N VAL A 85 -19.51 -22.80 -21.31
CA VAL A 85 -20.49 -23.46 -20.44
C VAL A 85 -20.26 -23.17 -18.97
N THR A 86 -19.01 -22.91 -18.60
CA THR A 86 -18.63 -22.63 -17.22
C THR A 86 -18.80 -21.15 -16.90
N ARG A 87 -18.39 -20.29 -17.83
CA ARG A 87 -18.51 -18.84 -17.72
C ARG A 87 -19.79 -18.38 -17.00
N ALA A 88 -20.94 -18.82 -17.49
CA ALA A 88 -22.22 -18.41 -16.90
C ALA A 88 -22.34 -18.85 -15.44
N LYS A 89 -21.81 -20.04 -15.13
CA LYS A 89 -21.96 -20.64 -13.80
C LYS A 89 -21.09 -19.91 -12.79
N LEU A 90 -19.85 -19.62 -13.23
CA LEU A 90 -18.87 -18.81 -12.49
C LEU A 90 -19.39 -17.39 -12.31
N ALA A 91 -19.97 -16.83 -13.37
CA ALA A 91 -20.55 -15.48 -13.32
C ALA A 91 -21.65 -15.30 -12.27
N GLU A 92 -22.22 -16.41 -11.79
CA GLU A 92 -23.27 -16.38 -10.77
C GLU A 92 -22.75 -16.33 -9.35
N LEU A 93 -21.44 -16.53 -9.18
CA LEU A 93 -20.80 -16.67 -7.86
C LEU A 93 -20.59 -15.35 -7.10
N ASN A 94 -20.42 -14.24 -7.84
CA ASN A 94 -20.05 -12.95 -7.25
C ASN A 94 -20.36 -11.80 -8.21
N ALA A 95 -21.50 -11.15 -7.99
CA ALA A 95 -21.94 -10.08 -8.88
C ALA A 95 -20.88 -9.01 -9.15
N TYR A 96 -19.94 -8.85 -8.21
CA TYR A 96 -18.88 -7.85 -8.32
C TYR A 96 -17.78 -8.20 -9.31
N VAL A 97 -17.68 -9.47 -9.68
CA VAL A 97 -16.61 -9.94 -10.56
C VAL A 97 -17.19 -10.36 -11.91
N PRO A 98 -16.91 -9.57 -12.95
CA PRO A 98 -17.31 -9.95 -14.32
C PRO A 98 -16.55 -11.20 -14.74
N VAL A 99 -17.19 -12.06 -15.52
CA VAL A 99 -16.53 -13.28 -15.97
C VAL A 99 -16.65 -13.41 -17.50
N ASN A 100 -15.51 -13.39 -18.17
CA ASN A 100 -15.43 -13.38 -19.63
C ASN A 100 -14.82 -14.66 -20.19
N VAL A 101 -15.12 -15.00 -21.44
CA VAL A 101 -14.44 -16.08 -22.13
C VAL A 101 -13.48 -15.51 -23.15
N LEU A 102 -12.26 -16.02 -23.18
CA LEU A 102 -11.31 -15.69 -24.24
C LEU A 102 -11.34 -16.78 -25.28
N ASP A 103 -11.39 -16.38 -26.55
CA ASP A 103 -11.62 -17.33 -27.64
C ASP A 103 -10.38 -17.91 -28.30
N SER A 104 -9.34 -17.10 -28.43
CA SER A 104 -8.05 -17.59 -28.93
C SER A 104 -6.94 -17.05 -28.04
N LEU A 105 -5.71 -17.53 -28.25
CA LEU A 105 -4.59 -16.99 -27.48
C LEU A 105 -3.56 -16.21 -28.32
N ASP A 106 -3.72 -16.21 -29.65
CA ASP A 106 -2.81 -15.46 -30.52
C ASP A 106 -3.22 -14.00 -30.57
N ASP A 107 -2.48 -13.20 -29.79
CA ASP A 107 -2.65 -11.76 -29.60
C ASP A 107 -1.71 -11.37 -28.44
N VAL A 108 -1.49 -10.08 -28.24
CA VAL A 108 -0.63 -9.66 -27.15
C VAL A 108 -1.36 -8.62 -26.30
N THR A 109 -2.13 -7.75 -26.99
CA THR A 109 -2.89 -6.65 -26.39
C THR A 109 -3.90 -7.05 -25.30
N GLN A 110 -4.66 -8.14 -25.54
CA GLN A 110 -5.43 -8.76 -24.46
C GLN A 110 -4.43 -9.22 -23.40
N LEU A 111 -3.60 -10.22 -23.76
CA LEU A 111 -2.71 -10.92 -22.82
C LEU A 111 -2.00 -10.02 -21.82
N SER A 112 -1.53 -8.86 -22.29
CA SER A 112 -0.73 -7.97 -21.46
C SER A 112 -1.56 -7.15 -20.46
N GLN A 113 -2.88 -7.27 -20.55
CA GLN A 113 -3.77 -6.55 -19.64
C GLN A 113 -4.00 -7.32 -18.34
N PHE A 114 -3.68 -8.61 -18.32
CA PHE A 114 -3.89 -9.44 -17.12
C PHE A 114 -2.76 -9.32 -16.13
N GLN A 115 -3.08 -9.34 -14.83
CA GLN A 115 -2.05 -9.26 -13.78
C GLN A 115 -1.52 -10.62 -13.38
N VAL A 116 -2.39 -11.61 -13.42
CA VAL A 116 -2.01 -12.99 -13.12
C VAL A 116 -2.57 -13.93 -14.19
N VAL A 117 -1.73 -14.87 -14.60
CA VAL A 117 -2.12 -15.87 -15.57
C VAL A 117 -1.83 -17.22 -14.96
N VAL A 118 -2.83 -18.09 -14.98
CA VAL A 118 -2.74 -19.43 -14.38
C VAL A 118 -2.86 -20.46 -15.49
N ALA A 119 -1.83 -21.28 -15.66
CA ALA A 119 -1.85 -22.35 -16.67
C ALA A 119 -2.15 -23.67 -15.99
N THR A 120 -3.09 -24.41 -16.54
CA THR A 120 -3.72 -25.52 -15.86
C THR A 120 -3.32 -26.87 -16.49
N ASP A 121 -3.91 -27.97 -16.02
CA ASP A 121 -3.58 -29.28 -16.57
C ASP A 121 -3.77 -29.40 -18.09
N THR A 122 -4.64 -28.57 -18.67
CA THR A 122 -4.92 -28.62 -20.12
C THR A 122 -3.83 -28.01 -21.00
N VAL A 123 -2.90 -27.29 -20.38
CA VAL A 123 -1.84 -26.59 -21.13
C VAL A 123 -0.57 -27.44 -21.06
N SER A 124 0.02 -27.74 -22.21
CA SER A 124 1.23 -28.58 -22.24
C SER A 124 2.48 -27.86 -21.69
N LEU A 125 3.51 -28.62 -21.33
CA LEU A 125 4.73 -28.03 -20.76
C LEU A 125 5.46 -27.12 -21.74
N GLU A 126 5.48 -27.51 -23.01
CA GLU A 126 6.01 -26.63 -24.05
C GLU A 126 5.31 -25.28 -23.99
N ASP A 127 3.99 -25.30 -24.03
CA ASP A 127 3.20 -24.07 -24.08
C ASP A 127 3.30 -23.27 -22.77
N LYS A 128 3.39 -24.00 -21.65
CA LYS A 128 3.68 -23.41 -20.34
C LYS A 128 4.98 -22.62 -20.30
N VAL A 129 6.01 -23.14 -20.95
CA VAL A 129 7.32 -22.50 -20.95
C VAL A 129 7.26 -21.18 -21.73
N LYS A 130 6.48 -21.19 -22.80
CA LYS A 130 6.31 -20.04 -23.66
C LYS A 130 5.47 -18.95 -22.99
N ILE A 131 4.44 -19.35 -22.24
CA ILE A 131 3.54 -18.36 -21.69
C ILE A 131 4.21 -17.72 -20.50
N ASN A 132 4.86 -18.54 -19.71
CA ASN A 132 5.66 -18.03 -18.62
C ASN A 132 6.74 -17.06 -19.10
N GLU A 133 7.33 -17.35 -20.25
CA GLU A 133 8.37 -16.48 -20.75
C GLU A 133 7.82 -15.11 -21.06
N PHE A 134 6.62 -15.09 -21.62
CA PHE A 134 5.99 -13.86 -22.01
C PHE A 134 5.57 -13.10 -20.78
N CYS A 135 5.11 -13.83 -19.77
CA CYS A 135 4.66 -13.22 -18.54
C CYS A 135 5.85 -12.64 -17.79
N HIS A 136 6.84 -13.48 -17.53
CA HIS A 136 8.03 -13.03 -16.82
C HIS A 136 8.56 -11.71 -17.39
N SER A 137 8.82 -11.68 -18.69
CA SER A 137 9.43 -10.51 -19.32
C SER A 137 8.46 -9.33 -19.44
N SER A 138 7.18 -9.61 -19.19
CA SER A 138 6.14 -8.59 -19.27
C SER A 138 5.80 -8.04 -17.90
N GLY A 139 6.23 -8.72 -16.85
CA GLY A 139 5.88 -8.32 -15.50
C GLY A 139 4.51 -8.82 -15.08
N ILE A 140 4.07 -9.90 -15.72
CA ILE A 140 2.80 -10.55 -15.42
C ILE A 140 3.08 -11.81 -14.58
N ARG A 141 2.43 -11.89 -13.43
CA ARG A 141 2.59 -12.99 -12.49
C ARG A 141 2.07 -14.28 -13.12
N PHE A 142 2.79 -15.37 -12.95
CA PHE A 142 2.45 -16.61 -13.61
C PHE A 142 2.39 -17.74 -12.61
N ILE A 143 1.32 -18.52 -12.69
CA ILE A 143 1.17 -19.69 -11.81
C ILE A 143 0.68 -20.81 -12.67
N SER A 144 1.22 -22.00 -12.42
CA SER A 144 0.75 -23.18 -13.13
C SER A 144 0.61 -24.33 -12.18
N SER A 145 -0.18 -25.31 -12.58
CA SER A 145 -0.51 -26.43 -11.73
C SER A 145 -1.04 -27.54 -12.58
N GLU A 146 -0.61 -28.77 -12.30
CA GLU A 146 -1.23 -29.91 -12.94
C GLU A 146 -1.46 -31.04 -11.96
N THR A 147 -2.36 -31.92 -12.33
CA THR A 147 -2.89 -32.93 -11.45
C THR A 147 -2.96 -34.19 -12.31
N ARG A 148 -2.54 -35.30 -11.74
CA ARG A 148 -2.47 -36.57 -12.48
C ARG A 148 -2.61 -37.69 -11.46
N GLY A 149 -3.80 -38.28 -11.40
CA GLY A 149 -4.11 -39.28 -10.39
C GLY A 149 -3.87 -38.72 -9.01
N LEU A 150 -3.23 -39.52 -8.16
CA LEU A 150 -2.98 -39.12 -6.78
C LEU A 150 -1.78 -38.21 -6.65
N PHE A 151 -1.32 -37.63 -7.75
CA PHE A 151 -0.15 -36.74 -7.77
C PHE A 151 -0.55 -35.32 -8.23
N GLY A 152 0.26 -34.33 -7.87
CA GLY A 152 0.04 -32.97 -8.36
C GLY A 152 1.27 -32.10 -8.16
N ASN A 153 1.33 -31.01 -8.90
CA ASN A 153 2.28 -29.95 -8.61
C ASN A 153 1.73 -28.56 -8.87
N THR A 154 2.32 -27.59 -8.20
CA THR A 154 2.12 -26.20 -8.52
C THR A 154 3.47 -25.53 -8.73
N PHE A 155 3.50 -24.57 -9.64
CA PHE A 155 4.67 -23.74 -9.87
C PHE A 155 4.30 -22.28 -9.86
N VAL A 156 5.06 -21.49 -9.12
CA VAL A 156 4.82 -20.08 -9.02
C VAL A 156 6.01 -19.30 -9.56
N ASP A 157 5.74 -18.40 -10.51
CA ASP A 157 6.71 -17.39 -10.92
C ASP A 157 6.07 -16.01 -10.82
N LEU A 158 6.53 -15.20 -9.87
CA LEU A 158 5.94 -13.89 -9.68
C LEU A 158 6.77 -12.76 -10.30
N GLY A 159 7.78 -13.10 -11.08
CA GLY A 159 8.60 -12.13 -11.79
C GLY A 159 9.93 -11.81 -11.13
N ASP A 160 10.73 -10.98 -11.79
CA ASP A 160 12.01 -10.51 -11.25
C ASP A 160 11.87 -9.68 -9.99
N GLU A 161 10.78 -8.93 -9.92
CA GLU A 161 10.56 -8.03 -8.78
C GLU A 161 9.15 -8.28 -8.23
N PHE A 162 9.11 -8.70 -6.97
CA PHE A 162 7.86 -8.77 -6.26
C PHE A 162 8.08 -8.29 -4.85
N THR A 163 7.09 -7.60 -4.29
CA THR A 163 7.21 -7.13 -2.93
C THR A 163 6.16 -7.70 -2.01
N VAL A 164 6.62 -8.40 -0.98
CA VAL A 164 5.72 -8.90 0.06
C VAL A 164 5.54 -7.81 1.09
N LEU A 165 4.29 -7.49 1.38
CA LEU A 165 3.96 -6.41 2.32
C LEU A 165 3.82 -6.92 3.74
N ASP A 166 3.44 -8.19 3.86
CA ASP A 166 3.18 -8.84 5.15
C ASP A 166 3.35 -10.35 4.97
N PRO A 167 4.42 -10.93 5.54
CA PRO A 167 4.72 -12.32 5.20
C PRO A 167 3.79 -13.36 5.83
N THR A 168 3.08 -12.99 6.91
CA THR A 168 2.40 -13.98 7.74
C THR A 168 0.89 -13.75 7.94
N GLY A 169 0.46 -12.50 7.97
CA GLY A 169 -0.94 -12.20 8.26
C GLY A 169 -1.25 -12.24 9.74
N GLU A 170 -0.23 -12.32 10.56
CA GLU A 170 -0.38 -12.38 12.00
C GLU A 170 -0.44 -10.97 12.60
N GLU A 171 -1.24 -10.77 13.64
CA GLU A 171 -1.29 -9.48 14.30
C GLU A 171 0.10 -9.13 14.73
N PRO A 172 0.49 -7.86 14.55
CA PRO A 172 1.82 -7.42 14.99
C PRO A 172 1.97 -7.62 16.49
N ARG A 173 3.16 -8.00 16.94
CA ARG A 173 3.43 -8.13 18.36
C ARG A 173 3.46 -6.77 19.04
N THR A 174 3.14 -6.75 20.33
CA THR A 174 3.01 -5.54 21.10
C THR A 174 3.43 -5.87 22.52
N GLY A 175 4.00 -4.91 23.22
CA GLY A 175 4.29 -5.16 24.62
C GLY A 175 4.80 -3.95 25.35
N MET A 176 4.71 -4.04 26.67
CA MET A 176 5.05 -2.95 27.57
C MET A 176 6.51 -2.96 27.95
N VAL A 177 7.10 -1.78 27.96
CA VAL A 177 8.52 -1.65 28.21
C VAL A 177 8.71 -1.34 29.69
N SER A 178 9.66 -2.05 30.32
CA SER A 178 10.04 -1.77 31.69
C SER A 178 11.30 -0.94 31.72
N ASP A 179 12.15 -1.07 30.70
CA ASP A 179 13.46 -0.44 30.70
C ASP A 179 14.09 -0.44 29.32
N ILE A 180 14.79 0.64 29.02
CA ILE A 180 15.67 0.70 27.88
C ILE A 180 17.01 1.25 28.37
N GLU A 181 18.06 0.44 28.22
CA GLU A 181 19.39 0.84 28.65
C GLU A 181 20.12 1.56 27.54
N PRO A 182 21.16 2.33 27.90
CA PRO A 182 21.91 3.09 26.89
C PRO A 182 22.36 2.28 25.66
N ASP A 183 22.70 1.00 25.84
CA ASP A 183 23.16 0.15 24.73
C ASP A 183 21.99 -0.46 23.93
N GLY A 184 20.80 0.03 24.20
CA GLY A 184 19.63 -0.37 23.44
C GLY A 184 19.00 -1.66 23.89
N THR A 185 19.30 -2.12 25.09
CA THR A 185 18.61 -3.32 25.55
C THR A 185 17.25 -2.95 26.18
N VAL A 186 16.19 -3.54 25.65
CA VAL A 186 14.84 -3.30 26.09
C VAL A 186 14.42 -4.49 26.90
N THR A 187 14.21 -4.28 28.19
CA THR A 187 13.66 -5.32 29.06
C THR A 187 12.13 -5.19 29.13
N MET A 188 11.45 -6.32 29.04
CA MET A 188 10.01 -6.35 29.11
C MET A 188 9.58 -6.19 30.54
N LEU A 189 8.33 -5.77 30.68
CA LEU A 189 7.67 -5.64 31.96
C LEU A 189 7.51 -7.02 32.57
N ASP A 190 7.99 -7.14 33.81
CA ASP A 190 8.05 -8.39 34.55
C ASP A 190 7.09 -9.48 34.04
N ASP A 191 7.64 -10.49 33.35
CA ASP A 191 6.87 -11.67 32.88
C ASP A 191 6.33 -11.62 31.44
N ASN A 192 5.96 -10.44 30.94
CA ASN A 192 5.45 -10.30 29.56
C ASN A 192 6.45 -10.76 28.50
N ARG A 193 6.04 -11.65 27.62
CA ARG A 193 6.94 -12.10 26.56
C ARG A 193 6.82 -11.13 25.40
N HIS A 194 7.93 -10.75 24.80
CA HIS A 194 7.83 -9.92 23.59
C HIS A 194 7.34 -10.72 22.37
N GLY A 195 7.76 -11.97 22.28
CA GLY A 195 7.41 -12.86 21.16
C GLY A 195 8.07 -12.49 19.84
N LEU A 196 9.05 -11.58 19.89
CA LEU A 196 9.75 -11.14 18.71
C LEU A 196 10.78 -12.15 18.24
N GLU A 197 11.24 -11.95 17.03
CA GLU A 197 12.20 -12.83 16.40
C GLU A 197 13.31 -11.94 15.86
N ASP A 198 14.55 -12.44 15.83
CA ASP A 198 15.66 -11.69 15.26
C ASP A 198 15.31 -11.15 13.88
N GLY A 199 15.58 -9.89 13.65
CA GLY A 199 15.30 -9.27 12.37
C GLY A 199 13.89 -8.72 12.19
N ASN A 200 13.04 -8.86 13.20
CA ASN A 200 11.78 -8.12 13.22
C ASN A 200 12.06 -6.63 13.39
N PHE A 201 11.08 -5.82 13.03
CA PHE A 201 11.24 -4.39 13.26
C PHE A 201 10.20 -3.88 14.23
N VAL A 202 10.53 -2.81 14.93
CA VAL A 202 9.68 -2.39 16.01
C VAL A 202 9.67 -0.86 16.08
N ARG A 203 8.51 -0.27 16.39
CA ARG A 203 8.43 1.18 16.69
C ARG A 203 8.07 1.40 18.15
N PHE A 204 8.20 2.63 18.64
CA PHE A 204 7.98 2.89 20.07
C PHE A 204 7.01 4.02 20.36
N SER A 205 6.26 3.84 21.45
CA SER A 205 5.38 4.86 21.99
C SER A 205 5.68 5.08 23.47
N GLU A 206 5.50 6.32 23.90
CA GLU A 206 5.31 6.61 25.32
C GLU A 206 6.57 6.37 26.15
N VAL A 207 7.69 6.20 25.47
CA VAL A 207 8.98 6.14 26.12
C VAL A 207 9.36 7.58 26.50
N GLU A 208 9.03 7.94 27.74
CA GLU A 208 9.39 9.21 28.34
C GLU A 208 10.89 9.17 28.62
N GLY A 209 11.63 10.14 28.08
CA GLY A 209 13.08 10.25 28.26
C GLY A 209 13.91 10.14 26.99
N LEU A 210 13.45 9.33 26.04
CA LEU A 210 14.14 9.14 24.77
C LEU A 210 13.29 9.70 23.62
N ASP A 211 12.70 10.87 23.83
CA ASP A 211 11.54 11.31 23.04
C ASP A 211 11.53 10.99 21.54
N LYS A 212 12.57 11.39 20.80
CA LYS A 212 12.58 11.12 19.35
C LYS A 212 12.55 9.62 18.98
N LEU A 213 12.73 8.76 19.97
CA LEU A 213 12.58 7.31 19.80
C LEU A 213 11.12 6.92 19.45
N ASN A 214 10.17 7.80 19.77
CA ASN A 214 8.73 7.55 19.63
C ASN A 214 8.22 8.10 18.32
N ASP A 215 9.20 8.47 17.50
CA ASP A 215 9.12 9.08 16.19
C ASP A 215 8.25 8.33 15.18
N GLY A 216 8.20 7.01 15.32
CA GLY A 216 7.76 6.17 14.21
C GLY A 216 8.96 5.47 13.59
N THR A 217 10.16 5.93 13.91
CA THR A 217 11.40 5.29 13.48
C THR A 217 11.35 3.83 13.87
N LEU A 218 11.81 2.95 12.98
CA LEU A 218 11.89 1.51 13.28
C LEU A 218 13.28 1.03 13.70
N PHE A 219 13.32 -0.05 14.45
CA PHE A 219 14.57 -0.59 14.97
C PHE A 219 14.63 -2.08 14.74
N LYS A 220 15.77 -2.54 14.22
CA LYS A 220 16.00 -3.95 13.99
C LYS A 220 16.16 -4.61 15.35
N VAL A 221 15.55 -5.77 15.52
CA VAL A 221 15.48 -6.41 16.81
C VAL A 221 16.44 -7.62 16.92
N GLU A 222 17.27 -7.60 17.96
CA GLU A 222 18.15 -8.71 18.27
C GLU A 222 17.69 -9.34 19.59
N VAL A 223 17.26 -10.60 19.52
CA VAL A 223 16.61 -11.24 20.66
C VAL A 223 17.61 -11.71 21.71
N LEU A 224 17.43 -11.26 22.95
CA LEU A 224 18.30 -11.67 24.05
C LEU A 224 17.75 -12.86 24.85
N GLY A 225 16.45 -12.82 25.13
CA GLY A 225 15.74 -13.93 25.74
C GLY A 225 14.26 -13.66 25.54
N PRO A 226 13.39 -14.47 26.16
CA PRO A 226 11.95 -14.29 26.04
C PRO A 226 11.44 -12.93 26.52
N PHE A 227 12.16 -12.28 27.43
CA PHE A 227 11.67 -11.06 28.06
C PHE A 227 12.58 -9.86 27.80
N ALA A 228 13.39 -9.91 26.75
CA ALA A 228 14.34 -8.83 26.51
C ALA A 228 14.95 -8.87 25.11
N PHE A 229 15.20 -7.69 24.55
CA PHE A 229 15.77 -7.59 23.21
C PHE A 229 16.50 -6.28 23.02
N ARG A 230 17.50 -6.31 22.15
CA ARG A 230 18.36 -5.16 21.94
C ARG A 230 18.08 -4.49 20.60
N ILE A 231 18.24 -3.18 20.56
CA ILE A 231 17.96 -2.39 19.36
C ILE A 231 19.14 -1.48 19.00
N GLY A 232 20.32 -1.75 19.57
CA GLY A 232 21.48 -0.86 19.40
C GLY A 232 21.42 0.39 20.27
N SER A 233 22.55 1.07 20.40
CA SER A 233 22.67 2.22 21.28
C SER A 233 21.58 3.29 21.07
N VAL A 234 21.02 3.76 22.18
CA VAL A 234 20.07 4.85 22.23
C VAL A 234 20.63 6.07 23.01
N LYS A 235 21.89 5.97 23.47
CA LYS A 235 22.59 7.07 24.13
C LYS A 235 22.32 8.44 23.51
N GLU A 236 22.12 8.47 22.19
CA GLU A 236 21.96 9.73 21.46
C GLU A 236 20.50 10.25 21.44
N TYR A 237 19.56 9.44 21.92
CA TYR A 237 18.18 9.89 22.09
C TYR A 237 17.89 10.48 23.49
N GLY A 238 18.79 10.23 24.45
CA GLY A 238 18.59 10.67 25.84
C GLY A 238 18.70 9.50 26.80
N GLU A 239 18.16 9.66 28.02
CA GLU A 239 18.15 8.58 29.01
C GLU A 239 16.72 8.12 29.33
N TYR A 240 16.47 6.81 29.27
CA TYR A 240 15.15 6.26 29.64
C TYR A 240 14.70 6.73 31.03
N LYS A 241 13.43 7.11 31.14
CA LYS A 241 12.85 7.46 32.44
C LYS A 241 11.73 6.49 32.83
N LYS A 242 10.67 6.41 32.01
CA LYS A 242 9.52 5.55 32.30
C LYS A 242 8.63 5.39 31.08
N GLY A 243 7.66 4.48 31.19
CA GLY A 243 6.64 4.25 30.18
C GLY A 243 7.20 3.41 29.06
N GLY A 244 6.39 3.19 28.04
CA GLY A 244 6.89 2.58 26.82
C GLY A 244 6.11 1.41 26.27
N ILE A 245 5.75 1.52 24.99
CA ILE A 245 5.10 0.43 24.25
C ILE A 245 5.81 0.15 22.92
N PHE A 246 6.18 -1.10 22.68
CA PHE A 246 6.72 -1.46 21.38
C PHE A 246 5.59 -2.02 20.51
N THR A 247 5.70 -1.80 19.21
CA THR A 247 4.79 -2.38 18.25
C THR A 247 5.62 -2.86 17.08
N GLU A 248 5.44 -4.14 16.76
CA GLU A 248 6.12 -4.70 15.61
C GLU A 248 5.53 -4.08 14.34
N VAL A 249 6.40 -3.82 13.36
CA VAL A 249 5.95 -3.26 12.09
C VAL A 249 6.51 -4.14 10.99
N LYS A 250 5.64 -4.66 10.15
CA LYS A 250 6.07 -5.41 8.98
C LYS A 250 6.56 -4.48 7.86
N VAL A 251 7.72 -4.80 7.32
CA VAL A 251 8.43 -3.94 6.37
C VAL A 251 8.48 -4.61 5.00
N PRO A 252 8.42 -3.83 3.91
CA PRO A 252 8.39 -4.46 2.59
C PRO A 252 9.64 -5.30 2.31
N ARG A 253 9.44 -6.49 1.76
CA ARG A 253 10.56 -7.31 1.33
C ARG A 253 10.47 -7.58 -0.17
N LYS A 254 11.49 -7.14 -0.92
CA LYS A 254 11.54 -7.45 -2.34
C LYS A 254 12.19 -8.79 -2.58
N ILE A 255 11.47 -9.63 -3.32
CA ILE A 255 11.95 -10.94 -3.71
C ILE A 255 11.93 -11.11 -5.24
N SER A 256 12.72 -12.08 -5.71
CA SER A 256 12.96 -12.28 -7.11
C SER A 256 12.66 -13.72 -7.48
N PHE A 257 11.87 -13.93 -8.53
CA PHE A 257 11.54 -15.28 -8.95
C PHE A 257 12.22 -15.60 -10.25
N LYS A 258 12.51 -16.88 -10.45
CA LYS A 258 13.07 -17.40 -11.69
C LYS A 258 11.97 -17.87 -12.65
N SER A 259 12.29 -17.90 -13.94
CA SER A 259 11.36 -18.39 -14.93
C SER A 259 11.19 -19.89 -14.85
N LEU A 260 10.12 -20.39 -15.45
CA LEU A 260 9.87 -21.81 -15.50
C LEU A 260 11.05 -22.52 -16.16
N LYS A 261 11.52 -21.99 -17.30
CA LYS A 261 12.62 -22.60 -18.03
C LYS A 261 13.82 -22.79 -17.10
N GLN A 262 14.14 -21.75 -16.31
CA GLN A 262 15.25 -21.84 -15.37
C GLN A 262 14.94 -22.85 -14.30
N GLN A 263 13.73 -22.78 -13.77
CA GLN A 263 13.36 -23.61 -12.65
C GLN A 263 13.31 -25.10 -12.99
N LEU A 264 13.01 -25.43 -14.25
CA LEU A 264 12.99 -26.81 -14.70
C LEU A 264 14.31 -27.55 -14.49
N SER A 265 15.43 -26.87 -14.69
CA SER A 265 16.72 -27.54 -14.52
C SER A 265 17.40 -27.23 -13.18
N ASN A 266 17.02 -26.13 -12.54
CA ASN A 266 17.44 -25.81 -11.17
C ASN A 266 16.26 -25.38 -10.32
N PRO A 267 15.48 -26.36 -9.83
CA PRO A 267 14.28 -26.01 -9.10
C PRO A 267 14.51 -25.64 -7.64
N GLU A 268 13.64 -24.77 -7.13
CA GLU A 268 13.55 -24.45 -5.72
C GLU A 268 12.22 -25.04 -5.17
N PHE A 269 12.30 -25.90 -4.14
CA PHE A 269 11.13 -26.63 -3.62
C PHE A 269 10.55 -26.08 -2.33
N VAL A 270 9.23 -26.22 -2.19
CA VAL A 270 8.57 -26.19 -0.89
C VAL A 270 7.91 -27.54 -0.76
N PHE A 271 8.11 -28.21 0.37
CA PHE A 271 7.67 -29.59 0.47
C PHE A 271 6.25 -29.64 0.97
N SER A 272 5.47 -30.58 0.42
CA SER A 272 4.10 -30.79 0.86
C SER A 272 4.06 -31.75 2.03
N ASP A 273 5.07 -32.59 2.15
CA ASP A 273 5.08 -33.62 3.17
C ASP A 273 6.51 -33.98 3.50
N PHE A 274 6.96 -33.61 4.68
CA PHE A 274 8.34 -33.86 5.12
C PHE A 274 8.68 -35.34 5.27
N ALA A 275 7.68 -36.19 5.40
CA ALA A 275 7.92 -37.62 5.43
C ALA A 275 8.32 -38.09 4.03
N LYS A 276 8.12 -37.21 3.05
CA LYS A 276 8.22 -37.55 1.63
C LYS A 276 9.14 -36.59 0.87
N PHE A 277 10.15 -36.03 1.56
CA PHE A 277 10.99 -35.00 0.93
C PHE A 277 11.82 -35.50 -0.28
N ASP A 278 12.33 -36.72 -0.18
CA ASP A 278 13.11 -37.35 -1.26
C ASP A 278 12.29 -37.56 -2.54
N ARG A 279 10.97 -37.38 -2.48
CA ARG A 279 10.09 -37.56 -3.65
C ARG A 279 9.97 -36.36 -4.57
N ALA A 280 10.29 -35.17 -4.07
CA ALA A 280 10.09 -33.94 -4.82
C ALA A 280 10.98 -33.93 -6.06
N ALA A 281 12.27 -34.14 -5.85
CA ALA A 281 13.23 -34.23 -6.92
C ALA A 281 12.78 -35.30 -7.93
N GLN A 282 12.24 -36.39 -7.42
CA GLN A 282 11.82 -37.52 -8.24
C GLN A 282 10.63 -37.17 -9.11
N LEU A 283 9.63 -36.53 -8.52
CA LEU A 283 8.42 -36.16 -9.24
C LEU A 283 8.68 -34.98 -10.18
N HIS A 284 9.60 -34.10 -9.80
CA HIS A 284 10.02 -33.02 -10.66
C HIS A 284 10.55 -33.57 -11.97
N LEU A 285 11.34 -34.63 -11.88
CA LEU A 285 11.83 -35.33 -13.05
C LEU A 285 10.71 -36.10 -13.70
N GLY A 286 9.84 -36.70 -12.88
CA GLY A 286 8.71 -37.48 -13.37
C GLY A 286 7.78 -36.67 -14.24
N PHE A 287 7.37 -35.50 -13.75
CA PHE A 287 6.43 -34.64 -14.45
C PHE A 287 7.02 -34.10 -15.74
N GLN A 288 8.33 -33.90 -15.77
CA GLN A 288 8.96 -33.50 -17.02
C GLN A 288 8.90 -34.65 -18.01
N ALA A 289 9.15 -35.86 -17.52
CA ALA A 289 9.10 -37.06 -18.35
C ALA A 289 7.73 -37.34 -18.98
N LEU A 290 6.63 -37.13 -18.26
CA LEU A 290 5.36 -37.40 -18.91
C LEU A 290 4.94 -36.37 -19.96
N HIS A 291 5.60 -35.22 -19.94
CA HIS A 291 5.54 -34.29 -21.07
C HIS A 291 6.40 -34.69 -22.26
N GLN A 292 7.59 -35.22 -22.00
CA GLN A 292 8.41 -35.77 -23.09
C GLN A 292 7.67 -36.95 -23.74
N PHE A 293 6.98 -37.74 -22.93
CA PHE A 293 6.11 -38.84 -23.39
C PHE A 293 5.00 -38.39 -24.34
N ALA A 294 4.26 -37.36 -23.95
CA ALA A 294 3.18 -36.79 -24.75
C ALA A 294 3.70 -36.30 -26.11
N VAL A 295 4.77 -35.51 -26.08
CA VAL A 295 5.34 -35.02 -27.33
C VAL A 295 5.62 -36.20 -28.26
N ARG A 296 6.18 -37.26 -27.70
CA ARG A 296 6.56 -38.45 -28.46
C ARG A 296 5.34 -39.26 -28.95
N HIS A 297 4.21 -39.16 -28.25
CA HIS A 297 3.00 -39.96 -28.53
C HIS A 297 1.82 -39.07 -28.91
N ASN A 298 2.08 -38.06 -29.74
CA ASN A 298 1.07 -37.08 -30.17
C ASN A 298 0.11 -36.55 -29.10
N GLY A 299 0.67 -35.90 -28.09
CA GLY A 299 -0.12 -35.26 -27.05
C GLY A 299 -0.78 -36.18 -26.05
N GLU A 300 -0.64 -37.50 -26.25
CA GLU A 300 -1.29 -38.49 -25.37
C GLU A 300 -0.43 -38.83 -24.15
N LEU A 301 -1.09 -38.92 -22.99
CA LEU A 301 -0.45 -39.39 -21.75
C LEU A 301 -0.30 -40.92 -21.78
N PRO A 302 0.55 -41.50 -20.89
CA PRO A 302 0.65 -42.95 -20.82
C PRO A 302 -0.70 -43.57 -20.53
N ARG A 303 -0.98 -44.76 -21.06
CA ARG A 303 -2.28 -45.31 -20.79
C ARG A 303 -2.43 -46.00 -19.40
N THR A 304 -3.69 -46.11 -18.98
CA THR A 304 -4.01 -46.50 -17.61
C THR A 304 -3.47 -47.88 -17.26
N MET A 305 -2.65 -47.93 -16.21
CA MET A 305 -2.07 -49.17 -15.70
C MET A 305 -1.29 -49.96 -16.76
N ASN A 306 -0.85 -49.27 -17.80
CA ASN A 306 -0.11 -49.93 -18.90
C ASN A 306 1.39 -50.17 -18.61
N ASP A 307 1.80 -51.43 -18.66
CA ASP A 307 3.18 -51.79 -18.30
C ASP A 307 4.24 -51.19 -19.23
N GLU A 308 4.03 -51.30 -20.54
CA GLU A 308 4.94 -50.73 -21.53
C GLU A 308 5.17 -49.23 -21.33
N ASP A 309 4.09 -48.46 -21.23
CA ASP A 309 4.17 -47.02 -21.05
C ASP A 309 4.91 -46.63 -19.75
N ALA A 310 4.75 -47.43 -18.70
CA ALA A 310 5.47 -47.18 -17.46
C ALA A 310 6.99 -47.34 -17.65
N ASN A 311 7.39 -48.44 -18.28
CA ASN A 311 8.80 -48.70 -18.61
C ASN A 311 9.40 -47.56 -19.43
N GLU A 312 8.61 -47.02 -20.35
CA GLU A 312 9.06 -45.93 -21.18
C GLU A 312 9.34 -44.72 -20.32
N LEU A 313 8.48 -44.52 -19.32
CA LEU A 313 8.53 -43.35 -18.47
C LEU A 313 9.73 -43.45 -17.55
N ILE A 314 9.94 -44.64 -17.01
CA ILE A 314 11.16 -44.93 -16.24
C ILE A 314 12.44 -44.67 -17.05
N LYS A 315 12.44 -45.00 -18.34
CA LYS A 315 13.57 -44.69 -19.19
C LYS A 315 13.76 -43.20 -19.40
N LEU A 316 12.64 -42.48 -19.43
CA LEU A 316 12.72 -41.05 -19.69
C LEU A 316 13.32 -40.36 -18.46
N VAL A 317 12.83 -40.73 -17.29
CA VAL A 317 13.34 -40.21 -16.02
C VAL A 317 14.81 -40.58 -15.83
N THR A 318 15.16 -41.83 -16.13
CA THR A 318 16.55 -42.27 -16.04
C THR A 318 17.48 -41.40 -16.89
N ASP A 319 17.04 -41.12 -18.12
CA ASP A 319 17.83 -40.32 -19.04
C ASP A 319 18.02 -38.91 -18.53
N LEU A 320 16.94 -38.33 -17.99
CA LEU A 320 17.02 -37.05 -17.29
C LEU A 320 18.12 -37.03 -16.22
N SER A 321 18.15 -38.06 -15.36
CA SER A 321 19.14 -38.12 -14.28
C SER A 321 20.56 -38.40 -14.75
N VAL A 322 20.74 -39.17 -15.81
CA VAL A 322 22.08 -39.34 -16.41
C VAL A 322 22.62 -37.96 -16.89
N GLN A 323 21.76 -37.19 -17.54
CA GLN A 323 22.10 -35.88 -18.07
C GLN A 323 22.30 -34.87 -16.97
N GLN A 324 21.45 -34.90 -15.95
CA GLN A 324 21.65 -34.05 -14.78
C GLN A 324 21.72 -34.92 -13.52
N PRO A 325 22.94 -35.31 -13.11
CA PRO A 325 23.11 -36.07 -11.86
C PRO A 325 22.79 -35.22 -10.63
N GLU A 326 22.85 -33.90 -10.78
CA GLU A 326 22.55 -33.00 -9.68
C GLU A 326 21.09 -33.07 -9.23
N VAL A 327 20.17 -33.35 -10.14
CA VAL A 327 18.74 -33.22 -9.78
C VAL A 327 18.20 -34.24 -8.79
N LEU A 328 18.60 -35.48 -8.91
CA LEU A 328 18.25 -36.46 -7.91
C LEU A 328 19.30 -36.46 -6.83
N GLY A 329 20.52 -36.06 -7.21
CA GLY A 329 21.68 -36.13 -6.32
C GLY A 329 22.68 -37.18 -6.78
N GLU A 330 23.94 -36.87 -6.60
CA GLU A 330 25.01 -37.77 -7.00
C GLU A 330 24.82 -39.13 -6.33
N GLY A 331 24.83 -40.19 -7.12
CA GLY A 331 24.62 -41.51 -6.58
C GLY A 331 23.18 -41.92 -6.33
N VAL A 332 22.27 -40.96 -6.30
CA VAL A 332 20.87 -41.26 -6.03
C VAL A 332 20.20 -41.96 -7.23
N ASP A 333 19.54 -43.09 -6.95
CA ASP A 333 18.86 -43.88 -7.98
C ASP A 333 17.49 -43.34 -8.32
N VAL A 334 17.00 -43.68 -9.51
CA VAL A 334 15.62 -43.39 -9.89
C VAL A 334 14.66 -44.30 -9.10
N ASN A 335 13.67 -43.67 -8.47
CA ASN A 335 12.66 -44.43 -7.75
C ASN A 335 11.63 -45.02 -8.73
N GLU A 336 11.93 -46.22 -9.22
CA GLU A 336 11.12 -46.82 -10.26
C GLU A 336 9.65 -47.09 -9.87
N ASP A 337 9.41 -47.55 -8.64
CA ASP A 337 8.02 -47.80 -8.22
C ASP A 337 7.16 -46.52 -8.12
N LEU A 338 7.80 -45.37 -7.86
CA LEU A 338 7.11 -44.08 -7.83
C LEU A 338 6.79 -43.61 -9.22
N ILE A 339 7.78 -43.67 -10.10
CA ILE A 339 7.63 -43.22 -11.47
C ILE A 339 6.65 -44.13 -12.23
N LYS A 340 6.71 -45.43 -11.96
CA LYS A 340 5.73 -46.40 -12.44
C LYS A 340 4.31 -45.95 -12.10
N GLU A 341 4.08 -45.70 -10.83
CA GLU A 341 2.79 -45.22 -10.38
C GLU A 341 2.31 -43.93 -11.04
N LEU A 342 3.22 -42.98 -11.25
CA LEU A 342 2.88 -41.78 -11.98
C LEU A 342 2.35 -42.12 -13.38
N SER A 343 2.99 -43.08 -14.04
CA SER A 343 2.57 -43.50 -15.38
C SER A 343 1.18 -44.12 -15.31
N TYR A 344 1.04 -45.10 -14.42
CA TYR A 344 -0.21 -45.83 -14.19
C TYR A 344 -1.40 -44.90 -14.00
N GLN A 345 -1.18 -43.80 -13.28
CA GLN A 345 -2.25 -42.90 -12.87
C GLN A 345 -2.31 -41.58 -13.64
N ALA A 346 -1.53 -41.42 -14.70
CA ALA A 346 -1.45 -40.12 -15.36
C ALA A 346 -2.79 -39.60 -15.90
N ARG A 347 -3.69 -40.50 -16.30
CA ARG A 347 -5.03 -40.11 -16.78
C ARG A 347 -6.07 -39.88 -15.66
N GLY A 348 -5.69 -40.18 -14.42
CA GLY A 348 -6.59 -40.10 -13.30
C GLY A 348 -6.91 -38.66 -12.94
N ASP A 349 -8.14 -38.44 -12.48
CA ASP A 349 -8.64 -37.11 -12.18
C ASP A 349 -9.40 -37.29 -10.87
N ILE A 350 -8.73 -37.00 -9.75
CA ILE A 350 -9.23 -37.28 -8.40
C ILE A 350 -9.69 -36.00 -7.69
N PRO A 351 -10.99 -35.95 -7.30
CA PRO A 351 -11.61 -34.82 -6.63
C PRO A 351 -10.83 -34.30 -5.42
N GLY A 352 -10.39 -35.21 -4.55
CA GLY A 352 -9.57 -34.82 -3.40
C GLY A 352 -8.31 -34.06 -3.78
N VAL A 353 -7.64 -34.49 -4.85
CA VAL A 353 -6.36 -33.90 -5.25
C VAL A 353 -6.61 -32.53 -5.90
N VAL A 354 -7.62 -32.48 -6.77
CA VAL A 354 -8.03 -31.25 -7.42
C VAL A 354 -8.41 -30.17 -6.41
N ALA A 355 -9.26 -30.53 -5.45
CA ALA A 355 -9.65 -29.62 -4.34
C ALA A 355 -8.44 -29.02 -3.60
N PHE A 356 -7.48 -29.89 -3.30
CA PHE A 356 -6.27 -29.48 -2.63
C PHE A 356 -5.51 -28.47 -3.49
N PHE A 357 -5.25 -28.82 -4.75
CA PHE A 357 -4.50 -27.89 -5.58
C PHE A 357 -5.25 -26.63 -5.95
N GLY A 358 -6.58 -26.75 -6.06
CA GLY A 358 -7.44 -25.60 -6.32
C GLY A 358 -7.45 -24.61 -5.16
N GLY A 359 -7.66 -25.10 -3.94
CA GLY A 359 -7.60 -24.21 -2.78
C GLY A 359 -6.26 -23.47 -2.68
N LEU A 360 -5.18 -24.20 -2.93
CA LEU A 360 -3.84 -23.67 -2.67
C LEU A 360 -3.32 -22.79 -3.83
N VAL A 361 -3.65 -23.17 -5.07
CA VAL A 361 -3.28 -22.34 -6.21
C VAL A 361 -4.05 -21.05 -6.19
N ALA A 362 -5.34 -21.13 -5.88
CA ALA A 362 -6.19 -19.98 -5.73
C ALA A 362 -5.63 -18.96 -4.73
N GLN A 363 -5.15 -19.46 -3.58
CA GLN A 363 -4.55 -18.58 -2.60
C GLN A 363 -3.25 -17.92 -3.12
N GLU A 364 -2.42 -18.68 -3.86
CA GLU A 364 -1.25 -18.09 -4.51
C GLU A 364 -1.66 -16.97 -5.46
N VAL A 365 -2.74 -17.17 -6.22
CA VAL A 365 -3.30 -16.11 -7.07
C VAL A 365 -3.55 -14.83 -6.25
N LEU A 366 -4.20 -14.99 -5.11
CA LEU A 366 -4.55 -13.87 -4.26
C LEU A 366 -3.31 -13.20 -3.71
N LYS A 367 -2.30 -14.01 -3.40
CA LYS A 367 -1.02 -13.51 -2.94
C LYS A 367 -0.40 -12.68 -4.03
N ALA A 368 -0.49 -13.17 -5.26
CA ALA A 368 0.13 -12.48 -6.38
C ALA A 368 -0.56 -11.14 -6.69
N CYS A 369 -1.83 -11.01 -6.30
CA CYS A 369 -2.58 -9.77 -6.51
C CYS A 369 -2.32 -8.69 -5.48
N SER A 370 -1.96 -9.10 -4.26
CA SER A 370 -1.97 -8.20 -3.12
C SER A 370 -0.61 -7.97 -2.50
N GLY A 371 0.31 -8.91 -2.66
CA GLY A 371 1.55 -8.87 -1.89
C GLY A 371 1.35 -9.26 -0.44
N LYS A 372 0.23 -9.89 -0.14
CA LYS A 372 -0.12 -10.29 1.21
C LYS A 372 0.12 -11.80 1.41
N PHE A 373 0.88 -12.15 2.47
CA PHE A 373 1.35 -13.53 2.73
C PHE A 373 2.58 -13.86 1.90
N THR A 374 3.26 -14.95 2.22
CA THR A 374 4.51 -15.32 1.53
C THR A 374 4.22 -16.27 0.40
N PRO A 375 4.53 -15.86 -0.82
CA PRO A 375 4.35 -16.73 -2.01
C PRO A 375 5.08 -18.07 -1.88
N LEU A 376 4.58 -19.09 -2.55
CA LEU A 376 5.24 -20.37 -2.63
C LEU A 376 6.47 -20.16 -3.47
N LYS A 377 7.67 -20.35 -2.90
CA LYS A 377 8.89 -20.13 -3.68
C LYS A 377 9.20 -21.29 -4.58
N GLN A 378 8.33 -21.34 -5.57
CA GLN A 378 8.51 -21.84 -6.90
C GLN A 378 7.90 -23.21 -7.11
N PHE A 379 8.51 -24.28 -6.63
CA PHE A 379 7.92 -25.60 -6.93
C PHE A 379 7.35 -26.32 -5.73
N MET A 380 6.17 -26.91 -5.89
CA MET A 380 5.74 -27.91 -4.94
C MET A 380 5.11 -29.14 -5.60
N TYR A 381 5.56 -30.31 -5.13
CA TYR A 381 5.00 -31.59 -5.52
C TYR A 381 4.22 -32.27 -4.39
N PHE A 382 3.19 -33.03 -4.76
CA PHE A 382 2.32 -33.73 -3.83
C PHE A 382 1.99 -35.10 -4.39
N ASP A 383 1.75 -36.07 -3.49
CA ASP A 383 1.14 -37.37 -3.82
C ASP A 383 0.36 -37.89 -2.62
N SER A 384 -0.65 -38.70 -2.86
CA SER A 384 -1.35 -39.33 -1.76
C SER A 384 -1.49 -40.83 -2.03
N LEU A 385 -0.36 -41.46 -2.34
CA LEU A 385 -0.31 -42.87 -2.64
C LEU A 385 -0.92 -43.77 -1.56
N GLU A 386 -0.82 -43.37 -0.29
CA GLU A 386 -1.47 -44.12 0.79
C GLU A 386 -3.00 -44.24 0.62
N SER A 387 -3.58 -43.48 -0.30
CA SER A 387 -5.02 -43.56 -0.58
C SER A 387 -5.39 -44.81 -1.39
N LEU A 388 -4.43 -45.36 -2.15
CA LEU A 388 -4.66 -46.59 -2.91
C LEU A 388 -5.16 -47.73 -2.02
N PRO A 389 -6.21 -48.44 -2.46
CA PRO A 389 -6.62 -49.65 -1.74
C PRO A 389 -5.59 -50.77 -1.80
N ASP A 390 -5.72 -51.74 -0.90
CA ASP A 390 -4.88 -52.93 -0.87
C ASP A 390 -5.18 -53.74 -2.12
N PRO A 391 -4.13 -54.06 -2.91
CA PRO A 391 -4.24 -54.72 -4.22
C PRO A 391 -4.96 -56.04 -4.12
N LYS A 392 -4.91 -56.67 -2.95
CA LYS A 392 -5.47 -58.01 -2.82
C LYS A 392 -6.99 -58.01 -2.75
N ASN A 393 -7.56 -56.88 -2.32
CA ASN A 393 -9.01 -56.72 -2.31
C ASN A 393 -9.58 -55.90 -3.47
N PHE A 394 -8.86 -54.88 -3.89
CA PHE A 394 -9.24 -54.14 -5.08
C PHE A 394 -8.08 -54.12 -6.06
N PRO A 395 -7.87 -55.25 -6.77
CA PRO A 395 -6.78 -55.36 -7.73
C PRO A 395 -6.90 -54.33 -8.83
N ARG A 396 -5.78 -53.66 -9.08
CA ARG A 396 -5.67 -52.58 -10.02
C ARG A 396 -4.94 -53.19 -11.21
N ASN A 397 -5.63 -53.34 -12.34
CA ASN A 397 -4.97 -53.74 -13.59
C ASN A 397 -5.70 -53.13 -14.77
N GLU A 398 -5.24 -53.41 -15.98
CA GLU A 398 -5.83 -52.84 -17.19
C GLU A 398 -7.32 -53.17 -17.42
N LYS A 399 -7.79 -54.34 -16.97
CA LYS A 399 -9.22 -54.66 -17.14
C LYS A 399 -10.05 -53.92 -16.08
N THR A 400 -9.58 -54.00 -14.85
CA THR A 400 -10.24 -53.47 -13.68
C THR A 400 -10.51 -51.97 -13.74
N THR A 401 -9.73 -51.30 -14.57
CA THR A 401 -9.43 -49.90 -14.39
C THR A 401 -9.79 -49.09 -15.65
N GLN A 402 -10.36 -49.80 -16.63
CA GLN A 402 -10.66 -49.26 -17.95
C GLN A 402 -11.95 -48.42 -17.93
N PRO A 403 -12.03 -47.40 -18.82
CA PRO A 403 -13.25 -46.60 -18.97
C PRO A 403 -14.49 -47.43 -19.31
N VAL A 404 -15.60 -47.16 -18.62
CA VAL A 404 -16.87 -47.87 -18.90
C VAL A 404 -17.96 -46.91 -19.36
N ASN A 405 -17.55 -45.73 -19.85
CA ASN A 405 -18.44 -44.71 -20.39
C ASN A 405 -19.28 -44.04 -19.28
N SER A 406 -18.59 -43.38 -18.38
CA SER A 406 -19.19 -42.84 -17.17
C SER A 406 -18.41 -41.63 -16.68
N ARG A 407 -19.13 -40.69 -16.07
CA ARG A 407 -18.53 -39.49 -15.49
C ARG A 407 -17.43 -39.86 -14.48
N TYR A 408 -17.43 -41.13 -14.06
CA TYR A 408 -16.50 -41.59 -13.02
C TYR A 408 -15.30 -42.31 -13.59
N ASP A 409 -15.11 -42.34 -14.90
CA ASP A 409 -14.09 -43.30 -15.35
C ASP A 409 -12.63 -42.83 -15.24
N ASN A 410 -12.42 -41.51 -15.08
CA ASN A 410 -11.12 -41.01 -14.64
C ASN A 410 -10.88 -41.17 -13.13
N GLN A 411 -11.92 -41.58 -12.40
CA GLN A 411 -11.72 -42.04 -11.02
C GLN A 411 -11.46 -43.56 -11.02
N ILE A 412 -12.18 -44.28 -11.88
CA ILE A 412 -11.96 -45.70 -12.13
C ILE A 412 -10.54 -45.91 -12.63
N ALA A 413 -10.07 -44.98 -13.45
CA ALA A 413 -8.68 -44.97 -13.90
C ALA A 413 -7.67 -45.24 -12.79
N VAL A 414 -7.92 -44.71 -11.59
CA VAL A 414 -7.00 -44.91 -10.47
C VAL A 414 -7.37 -46.10 -9.57
N PHE A 415 -8.67 -46.23 -9.25
CA PHE A 415 -9.11 -47.09 -8.14
C PHE A 415 -9.72 -48.42 -8.53
N GLY A 416 -10.14 -48.56 -9.79
CA GLY A 416 -10.85 -49.76 -10.21
C GLY A 416 -12.35 -49.57 -10.07
N LEU A 417 -13.12 -50.29 -10.88
CA LEU A 417 -14.55 -50.21 -10.79
C LEU A 417 -15.11 -50.60 -9.41
N ASP A 418 -14.71 -51.77 -8.88
CA ASP A 418 -15.23 -52.31 -7.61
C ASP A 418 -15.06 -51.34 -6.44
N PHE A 419 -13.91 -50.69 -6.40
CA PHE A 419 -13.67 -49.71 -5.37
C PHE A 419 -14.63 -48.53 -5.55
N GLN A 420 -14.65 -47.94 -6.75
CA GLN A 420 -15.59 -46.86 -7.09
C GLN A 420 -17.05 -47.21 -6.75
N LYS A 421 -17.42 -48.47 -6.99
CA LYS A 421 -18.74 -48.97 -6.65
C LYS A 421 -19.00 -49.01 -5.14
N LYS A 422 -17.99 -49.41 -4.38
CA LYS A 422 -18.09 -49.44 -2.92
C LYS A 422 -18.27 -48.04 -2.31
N ILE A 423 -17.72 -47.02 -2.97
CA ILE A 423 -17.91 -45.61 -2.58
C ILE A 423 -19.36 -45.26 -2.78
N ALA A 424 -19.91 -45.67 -3.91
CA ALA A 424 -21.28 -45.38 -4.22
C ALA A 424 -22.17 -46.02 -3.14
N ASN A 425 -21.76 -47.20 -2.64
CA ASN A 425 -22.60 -47.90 -1.68
C ASN A 425 -22.45 -47.52 -0.20
N SER A 426 -21.64 -46.51 0.09
CA SER A 426 -21.45 -46.04 1.45
C SER A 426 -22.69 -45.37 2.01
N LYS A 427 -22.91 -45.55 3.32
CA LYS A 427 -23.93 -44.80 4.01
C LYS A 427 -23.22 -43.84 4.96
N VAL A 428 -23.33 -42.52 4.68
CA VAL A 428 -22.62 -41.49 5.47
C VAL A 428 -23.48 -40.42 6.11
N PHE A 429 -22.97 -39.89 7.22
CA PHE A 429 -23.54 -38.77 7.93
C PHE A 429 -22.60 -37.58 7.87
N LEU A 430 -23.13 -36.47 7.35
CA LEU A 430 -22.47 -35.17 7.33
C LEU A 430 -23.20 -34.26 8.32
N VAL A 431 -22.47 -33.82 9.34
CA VAL A 431 -23.02 -33.04 10.43
C VAL A 431 -22.56 -31.60 10.22
N GLY A 432 -23.45 -30.79 9.64
CA GLY A 432 -23.13 -29.42 9.31
C GLY A 432 -23.17 -29.19 7.81
N SER A 433 -23.63 -28.02 7.41
CA SER A 433 -23.72 -27.70 6.00
C SER A 433 -23.25 -26.28 5.72
N GLY A 434 -22.19 -25.85 6.39
CA GLY A 434 -21.59 -24.55 6.14
C GLY A 434 -20.50 -24.64 5.07
N ALA A 435 -19.38 -23.98 5.34
CA ALA A 435 -18.29 -23.89 4.38
C ALA A 435 -17.74 -25.27 4.03
N ILE A 436 -17.34 -26.01 5.05
CA ILE A 436 -16.83 -27.36 4.84
C ILE A 436 -17.93 -28.28 4.32
N GLY A 437 -19.14 -28.16 4.88
CA GLY A 437 -20.31 -28.87 4.34
C GLY A 437 -20.45 -28.75 2.83
N CYS A 438 -20.59 -27.52 2.33
CA CYS A 438 -20.74 -27.27 0.90
C CYS A 438 -19.59 -27.87 0.10
N GLU A 439 -18.36 -27.65 0.53
CA GLU A 439 -17.23 -28.24 -0.18
C GLU A 439 -17.30 -29.77 -0.13
N MET A 440 -17.76 -30.30 0.99
CA MET A 440 -17.82 -31.74 1.19
C MET A 440 -18.87 -32.39 0.29
N LEU A 441 -20.12 -31.94 0.41
CA LEU A 441 -21.19 -32.42 -0.43
C LEU A 441 -20.75 -32.37 -1.89
N LYS A 442 -19.99 -31.34 -2.24
CA LYS A 442 -19.56 -31.15 -3.60
C LYS A 442 -18.62 -32.27 -4.01
N ASN A 443 -17.63 -32.55 -3.16
CA ASN A 443 -16.70 -33.64 -3.37
C ASN A 443 -17.45 -34.93 -3.48
N TRP A 444 -18.45 -35.11 -2.61
CA TRP A 444 -19.20 -36.35 -2.59
C TRP A 444 -19.99 -36.57 -3.88
N ALA A 445 -20.57 -35.50 -4.42
CA ALA A 445 -21.27 -35.52 -5.70
C ALA A 445 -20.37 -36.05 -6.80
N LEU A 446 -19.12 -35.60 -6.77
CA LEU A 446 -18.14 -35.98 -7.78
C LEU A 446 -17.65 -37.39 -7.54
N LEU A 447 -17.59 -37.77 -6.28
CA LEU A 447 -17.21 -39.13 -5.92
C LEU A 447 -18.26 -40.14 -6.37
N GLY A 448 -19.51 -39.67 -6.56
CA GLY A 448 -20.69 -40.54 -6.67
C GLY A 448 -21.02 -41.21 -5.34
N LEU A 449 -20.55 -40.62 -4.24
CA LEU A 449 -20.68 -41.21 -2.92
C LEU A 449 -22.14 -41.27 -2.49
N GLY A 450 -22.60 -42.46 -2.09
CA GLY A 450 -23.98 -42.64 -1.68
C GLY A 450 -24.96 -42.90 -2.81
N SER A 451 -24.51 -42.79 -4.08
CA SER A 451 -25.33 -43.23 -5.21
C SER A 451 -25.38 -44.76 -5.21
N GLY A 452 -26.21 -45.39 -6.02
CA GLY A 452 -26.23 -46.86 -5.98
C GLY A 452 -27.02 -47.43 -4.81
N SER A 453 -27.74 -48.51 -5.09
CA SER A 453 -28.89 -48.93 -4.26
C SER A 453 -28.66 -49.03 -2.74
N ASP A 454 -27.45 -49.42 -2.34
CA ASP A 454 -27.16 -49.67 -0.93
C ASP A 454 -26.64 -48.47 -0.14
N GLY A 455 -26.28 -47.38 -0.82
CA GLY A 455 -25.75 -46.19 -0.13
C GLY A 455 -26.69 -45.01 -0.01
N TYR A 456 -26.22 -43.95 0.68
CA TYR A 456 -26.98 -42.70 0.82
C TYR A 456 -26.22 -41.70 1.67
N ILE A 457 -26.69 -40.45 1.68
CA ILE A 457 -26.10 -39.37 2.46
C ILE A 457 -27.15 -38.73 3.40
N VAL A 458 -26.79 -38.51 4.66
CA VAL A 458 -27.61 -37.69 5.52
C VAL A 458 -26.79 -36.45 5.89
N VAL A 459 -27.37 -35.27 5.69
CA VAL A 459 -26.74 -34.01 6.10
C VAL A 459 -27.70 -33.35 7.05
N THR A 460 -27.22 -32.84 8.18
CA THR A 460 -28.06 -32.02 9.06
C THR A 460 -27.40 -30.71 9.38
N ASP A 461 -28.23 -29.71 9.62
CA ASP A 461 -27.79 -28.40 10.00
C ASP A 461 -29.07 -27.66 10.30
N ASN A 462 -29.13 -27.05 11.48
CA ASN A 462 -30.32 -26.32 11.86
C ASN A 462 -30.26 -24.86 11.42
N ASP A 463 -29.11 -24.42 10.94
CA ASP A 463 -28.91 -23.03 10.50
C ASP A 463 -29.56 -22.76 9.17
N SER A 464 -30.07 -21.53 9.03
CA SER A 464 -30.46 -21.01 7.73
C SER A 464 -29.28 -20.24 7.09
N ILE A 465 -29.42 -19.95 5.80
CA ILE A 465 -28.36 -19.29 5.03
C ILE A 465 -28.27 -17.78 5.32
N GLU A 466 -27.10 -17.32 5.77
CA GLU A 466 -26.84 -15.90 6.03
C GLU A 466 -26.00 -15.22 4.91
N LYS A 467 -26.21 -13.92 4.70
CA LYS A 467 -25.50 -13.16 3.66
C LYS A 467 -23.96 -13.20 3.73
N SER A 468 -23.43 -13.05 4.95
CA SER A 468 -21.99 -13.13 5.20
C SER A 468 -21.36 -14.48 4.87
N ASN A 469 -22.18 -15.46 4.54
CA ASN A 469 -21.72 -16.82 4.25
C ASN A 469 -21.46 -17.09 2.79
N LEU A 470 -22.10 -16.33 1.91
CA LEU A 470 -22.01 -16.61 0.48
C LEU A 470 -20.56 -16.66 0.00
N ASN A 471 -19.74 -15.77 0.56
CA ASN A 471 -18.32 -15.66 0.29
C ASN A 471 -17.49 -16.94 0.37
N ARG A 472 -17.95 -17.96 1.09
CA ARG A 472 -17.21 -19.22 1.20
C ARG A 472 -18.09 -20.46 1.12
N GLN A 473 -19.41 -20.26 1.04
CA GLN A 473 -20.37 -21.37 0.98
C GLN A 473 -21.01 -21.37 -0.40
N PHE A 474 -20.26 -21.87 -1.38
CA PHE A 474 -20.52 -21.57 -2.78
C PHE A 474 -21.72 -22.28 -3.41
N LEU A 475 -22.34 -23.19 -2.67
CA LEU A 475 -23.61 -23.77 -3.09
C LEU A 475 -24.82 -22.85 -2.85
N PHE A 476 -24.61 -21.69 -2.25
CA PHE A 476 -25.73 -20.80 -1.94
C PHE A 476 -25.68 -19.55 -2.79
N ARG A 477 -26.85 -18.98 -3.06
CA ARG A 477 -26.96 -17.80 -3.92
C ARG A 477 -27.60 -16.68 -3.11
N PRO A 478 -27.34 -15.39 -3.45
CA PRO A 478 -28.00 -14.31 -2.69
C PRO A 478 -29.52 -14.49 -2.51
N LYS A 479 -30.18 -15.11 -3.48
CA LYS A 479 -31.62 -15.34 -3.40
C LYS A 479 -32.06 -16.43 -2.40
N ASP A 480 -31.08 -17.15 -1.84
CA ASP A 480 -31.34 -18.31 -0.97
C ASP A 480 -31.29 -17.96 0.51
N VAL A 481 -30.86 -16.74 0.80
CA VAL A 481 -30.67 -16.29 2.18
C VAL A 481 -31.98 -16.46 2.94
N GLY A 482 -31.94 -17.07 4.11
CA GLY A 482 -33.15 -17.31 4.90
C GLY A 482 -33.69 -18.73 4.75
N LYS A 483 -33.27 -19.41 3.69
CA LYS A 483 -33.59 -20.83 3.50
C LYS A 483 -32.62 -21.67 4.32
N ASN A 484 -32.97 -22.94 4.51
CA ASN A 484 -32.16 -23.84 5.32
C ASN A 484 -30.96 -24.36 4.56
N LYS A 485 -29.81 -24.28 5.21
CA LYS A 485 -28.51 -24.64 4.64
C LYS A 485 -28.45 -26.01 4.00
N SER A 486 -28.89 -27.03 4.71
CA SER A 486 -28.74 -28.41 4.28
C SER A 486 -29.65 -28.70 3.09
N GLU A 487 -30.87 -28.16 3.11
CA GLU A 487 -31.82 -28.37 2.03
C GLU A 487 -31.35 -27.76 0.72
N VAL A 488 -30.85 -26.53 0.78
CA VAL A 488 -30.36 -25.86 -0.40
C VAL A 488 -29.13 -26.57 -0.95
N ALA A 489 -28.26 -27.04 -0.06
CA ALA A 489 -27.04 -27.72 -0.46
C ALA A 489 -27.30 -29.07 -1.12
N ALA A 490 -28.28 -29.83 -0.63
CA ALA A 490 -28.62 -31.10 -1.23
C ALA A 490 -29.19 -30.86 -2.63
N GLU A 491 -30.19 -30.00 -2.71
CA GLU A 491 -30.70 -29.53 -4.00
C GLU A 491 -29.56 -29.19 -4.96
N ALA A 492 -28.66 -28.31 -4.54
CA ALA A 492 -27.62 -27.76 -5.42
C ALA A 492 -26.67 -28.82 -5.93
N VAL A 493 -26.46 -29.85 -5.11
CA VAL A 493 -25.51 -30.90 -5.41
C VAL A 493 -26.05 -31.96 -6.38
N CYS A 494 -27.36 -32.23 -6.28
CA CYS A 494 -28.07 -33.06 -7.26
C CYS A 494 -28.14 -32.42 -8.62
N ALA A 495 -28.12 -31.09 -8.66
CA ALA A 495 -28.01 -30.38 -9.93
C ALA A 495 -26.66 -30.69 -10.61
N MET A 496 -25.61 -30.82 -9.79
CA MET A 496 -24.27 -31.19 -10.29
C MET A 496 -24.20 -32.65 -10.74
N ASN A 497 -24.72 -33.55 -9.90
CA ASN A 497 -24.72 -34.96 -10.25
C ASN A 497 -26.05 -35.61 -9.94
N PRO A 498 -26.94 -35.67 -10.95
CA PRO A 498 -28.25 -36.29 -10.88
C PRO A 498 -28.24 -37.72 -10.32
N ASP A 499 -27.11 -38.40 -10.35
CA ASP A 499 -27.02 -39.75 -9.74
C ASP A 499 -27.37 -39.73 -8.26
N LEU A 500 -27.40 -38.54 -7.64
CA LEU A 500 -27.76 -38.42 -6.23
C LEU A 500 -29.21 -38.03 -5.94
N LYS A 501 -30.05 -37.84 -6.97
CA LYS A 501 -31.50 -37.64 -6.74
C LYS A 501 -32.09 -38.76 -5.87
N GLY A 502 -32.99 -38.39 -4.96
CA GLY A 502 -33.60 -39.31 -4.00
C GLY A 502 -32.58 -40.06 -3.15
N LYS A 503 -31.34 -39.60 -3.16
CA LYS A 503 -30.29 -40.28 -2.41
C LYS A 503 -29.71 -39.45 -1.26
N ILE A 504 -30.06 -38.16 -1.18
CA ILE A 504 -29.59 -37.33 -0.06
C ILE A 504 -30.75 -36.92 0.82
N ASN A 505 -30.70 -37.34 2.07
CA ASN A 505 -31.71 -36.98 3.07
C ASN A 505 -31.23 -35.73 3.84
N ALA A 506 -31.81 -34.59 3.49
CA ALA A 506 -31.41 -33.32 4.08
C ALA A 506 -32.27 -33.00 5.30
N LYS A 507 -31.68 -33.10 6.48
CA LYS A 507 -32.37 -32.86 7.74
C LYS A 507 -31.94 -31.51 8.32
N ILE A 508 -32.77 -30.95 9.19
CA ILE A 508 -32.57 -29.61 9.73
C ILE A 508 -32.47 -29.57 11.25
N ASP A 509 -32.02 -30.67 11.86
CA ASP A 509 -31.92 -30.81 13.33
C ASP A 509 -30.48 -30.67 13.87
N LYS A 510 -30.36 -30.10 15.07
CA LYS A 510 -29.06 -30.06 15.75
C LYS A 510 -28.67 -31.49 16.18
N VAL A 511 -27.39 -31.72 16.49
CA VAL A 511 -26.95 -33.05 16.93
C VAL A 511 -26.41 -32.97 18.36
N GLY A 512 -27.27 -33.24 19.33
CA GLY A 512 -26.91 -33.17 20.73
C GLY A 512 -27.97 -33.84 21.59
N PRO A 513 -27.84 -33.74 22.94
CA PRO A 513 -28.71 -34.46 23.88
C PRO A 513 -30.19 -34.43 23.50
N GLU A 514 -30.64 -33.28 23.00
CA GLU A 514 -32.04 -33.06 22.73
C GLU A 514 -32.59 -33.73 21.48
N THR A 515 -31.71 -34.27 20.62
CA THR A 515 -32.19 -34.89 19.37
C THR A 515 -31.96 -36.41 19.26
N GLU A 516 -31.73 -37.06 20.41
CA GLU A 516 -31.40 -38.48 20.44
C GLU A 516 -32.54 -39.41 19.95
N GLU A 517 -33.79 -38.93 20.01
CA GLU A 517 -34.90 -39.71 19.45
C GLU A 517 -34.79 -39.84 17.95
N ILE A 518 -34.52 -38.74 17.25
CA ILE A 518 -34.44 -38.83 15.80
C ILE A 518 -33.16 -39.53 15.36
N PHE A 519 -32.07 -39.27 16.08
CA PHE A 519 -30.79 -39.94 15.81
C PHE A 519 -30.55 -41.07 16.80
N ASN A 520 -31.35 -42.14 16.65
CA ASN A 520 -31.33 -43.28 17.57
C ASN A 520 -30.27 -44.33 17.19
N ASP A 521 -30.25 -45.46 17.89
CA ASP A 521 -29.27 -46.52 17.61
C ASP A 521 -29.40 -47.03 16.19
N SER A 522 -30.64 -47.23 15.76
CA SER A 522 -30.94 -47.67 14.41
C SER A 522 -30.32 -46.72 13.36
N PHE A 523 -30.41 -45.41 13.61
CA PHE A 523 -29.81 -44.42 12.72
C PHE A 523 -28.30 -44.58 12.63
N TRP A 524 -27.61 -44.50 13.78
CA TRP A 524 -26.15 -44.62 13.85
C TRP A 524 -25.60 -45.98 13.39
N GLU A 525 -26.19 -47.08 13.89
CA GLU A 525 -25.73 -48.42 13.52
C GLU A 525 -25.65 -48.62 12.00
N SER A 526 -26.63 -48.10 11.27
CA SER A 526 -26.68 -48.18 9.81
C SER A 526 -25.47 -47.58 9.06
N LEU A 527 -24.86 -46.56 9.63
CA LEU A 527 -23.87 -45.77 8.91
C LEU A 527 -22.52 -46.45 8.77
N ASP A 528 -21.84 -46.17 7.66
CA ASP A 528 -20.47 -46.63 7.50
C ASP A 528 -19.49 -45.71 8.19
N PHE A 529 -19.65 -44.41 7.98
CA PHE A 529 -18.79 -43.44 8.63
C PHE A 529 -19.44 -42.08 8.73
N VAL A 530 -18.82 -41.22 9.52
CA VAL A 530 -19.36 -39.93 9.87
C VAL A 530 -18.35 -38.85 9.53
N THR A 531 -18.84 -37.72 9.07
CA THR A 531 -17.97 -36.62 8.68
C THR A 531 -18.45 -35.35 9.35
N ASN A 532 -17.53 -34.73 10.08
CA ASN A 532 -17.78 -33.46 10.74
C ASN A 532 -17.62 -32.28 9.77
N ALA A 533 -18.60 -31.41 9.72
CA ALA A 533 -18.47 -30.13 9.04
C ALA A 533 -18.95 -29.01 9.99
N LEU A 534 -18.39 -29.02 11.20
CA LEU A 534 -18.87 -28.16 12.25
C LEU A 534 -17.90 -27.03 12.52
N ASP A 535 -18.35 -26.09 13.34
CA ASP A 535 -17.63 -24.85 13.56
C ASP A 535 -17.55 -24.47 15.05
N ASN A 536 -17.83 -25.44 15.92
CA ASN A 536 -17.62 -25.25 17.35
C ASN A 536 -17.21 -26.56 17.99
N VAL A 537 -16.70 -26.50 19.22
CA VAL A 537 -16.06 -27.66 19.84
C VAL A 537 -17.05 -28.58 20.55
N ASP A 538 -18.04 -28.00 21.23
CA ASP A 538 -19.05 -28.81 21.94
C ASP A 538 -19.70 -29.85 21.05
N ALA A 539 -20.07 -29.43 19.85
CA ALA A 539 -20.75 -30.30 18.90
C ALA A 539 -19.81 -31.34 18.31
N ARG A 540 -18.56 -30.95 18.05
CA ARG A 540 -17.51 -31.89 17.66
C ARG A 540 -17.35 -32.96 18.74
N THR A 541 -17.27 -32.54 20.00
CA THR A 541 -17.21 -33.48 21.10
C THR A 541 -18.43 -34.43 21.21
N TYR A 542 -19.65 -33.90 21.03
CA TYR A 542 -20.81 -34.76 21.07
C TYR A 542 -20.70 -35.87 20.02
N VAL A 543 -20.34 -35.50 18.81
CA VAL A 543 -20.32 -36.48 17.74
C VAL A 543 -19.21 -37.51 18.00
N ASP A 544 -18.03 -37.03 18.39
CA ASP A 544 -16.91 -37.90 18.74
C ASP A 544 -17.36 -38.98 19.76
N ARG A 545 -18.10 -38.57 20.81
CA ARG A 545 -18.70 -39.52 21.79
C ARG A 545 -19.58 -40.61 21.13
N ARG A 546 -20.48 -40.18 20.24
CA ARG A 546 -21.35 -41.11 19.52
C ARG A 546 -20.57 -42.08 18.65
N CYS A 547 -19.58 -41.57 17.91
CA CYS A 547 -18.76 -42.43 17.07
C CYS A 547 -18.01 -43.51 17.85
N VAL A 548 -17.59 -43.21 19.08
CA VAL A 548 -16.89 -44.23 19.86
C VAL A 548 -17.87 -45.20 20.45
N PHE A 549 -19.08 -44.73 20.75
CA PHE A 549 -20.08 -45.65 21.26
C PHE A 549 -20.53 -46.60 20.16
N TYR A 550 -20.71 -46.08 18.95
CA TYR A 550 -21.26 -46.87 17.88
C TYR A 550 -20.16 -47.52 17.05
N ARG A 551 -18.91 -47.18 17.36
CA ARG A 551 -17.73 -47.67 16.62
C ARG A 551 -17.79 -47.32 15.14
N LYS A 552 -17.87 -46.03 14.83
CA LYS A 552 -17.86 -45.57 13.44
C LYS A 552 -16.66 -44.67 13.18
N PRO A 553 -16.03 -44.81 11.99
CA PRO A 553 -14.95 -43.89 11.66
C PRO A 553 -15.45 -42.45 11.65
N LEU A 554 -14.60 -41.50 12.03
CA LEU A 554 -14.97 -40.10 12.00
C LEU A 554 -13.93 -39.26 11.26
N LEU A 555 -14.37 -38.56 10.21
CA LEU A 555 -13.56 -37.55 9.53
C LEU A 555 -13.75 -36.14 10.13
N GLU A 556 -12.67 -35.56 10.66
CA GLU A 556 -12.71 -34.26 11.32
C GLU A 556 -11.85 -33.27 10.55
N SER A 557 -12.24 -32.00 10.59
CA SER A 557 -11.46 -30.97 9.92
C SER A 557 -11.91 -29.65 10.48
N GLY A 558 -11.06 -28.65 10.41
CA GLY A 558 -11.42 -27.33 10.88
C GLY A 558 -10.54 -26.33 10.18
N THR A 559 -10.93 -25.06 10.22
CA THR A 559 -10.13 -23.97 9.64
C THR A 559 -10.19 -22.72 10.50
N LEU A 560 -9.18 -21.87 10.38
CA LEU A 560 -9.24 -20.53 10.93
C LEU A 560 -8.37 -19.71 10.01
N GLY A 561 -9.00 -18.91 9.17
CA GLY A 561 -8.28 -18.09 8.22
C GLY A 561 -7.52 -18.92 7.21
N THR A 562 -6.22 -18.74 7.12
CA THR A 562 -5.41 -19.53 6.22
C THR A 562 -4.99 -20.82 6.87
N LYS A 563 -5.34 -20.99 8.14
CA LYS A 563 -4.92 -22.18 8.87
C LYS A 563 -5.98 -23.26 8.82
N GLY A 564 -5.55 -24.51 8.73
CA GLY A 564 -6.50 -25.61 8.65
C GLY A 564 -5.90 -26.88 9.19
N ASN A 565 -6.76 -27.83 9.53
CA ASN A 565 -6.32 -29.11 10.05
C ASN A 565 -7.30 -30.19 9.70
N THR A 566 -6.82 -31.43 9.72
CA THR A 566 -7.60 -32.59 9.37
C THR A 566 -7.27 -33.71 10.38
N GLN A 567 -8.27 -34.48 10.80
CA GLN A 567 -8.03 -35.60 11.73
C GLN A 567 -8.91 -36.79 11.44
N VAL A 568 -8.32 -37.99 11.47
CA VAL A 568 -9.04 -39.26 11.31
C VAL A 568 -9.17 -40.06 12.61
N ILE A 569 -10.39 -40.51 12.89
CA ILE A 569 -10.65 -41.33 14.06
C ILE A 569 -11.08 -42.72 13.58
N ILE A 570 -10.25 -43.75 13.82
CA ILE A 570 -10.54 -45.12 13.40
C ILE A 570 -10.81 -46.03 14.58
N PRO A 571 -12.02 -46.62 14.63
CA PRO A 571 -12.42 -47.56 15.67
C PRO A 571 -11.33 -48.60 15.99
N ARG A 572 -11.15 -48.88 17.29
CA ARG A 572 -10.15 -49.85 17.78
C ARG A 572 -8.74 -49.60 17.24
N LEU A 573 -8.42 -48.36 16.86
CA LEU A 573 -7.13 -48.05 16.26
C LEU A 573 -6.53 -46.75 16.80
N THR A 574 -7.27 -45.66 16.69
CA THR A 574 -6.71 -44.35 17.04
C THR A 574 -7.27 -43.75 18.32
N GLU A 575 -6.60 -42.69 18.79
CA GLU A 575 -7.21 -41.76 19.73
C GLU A 575 -8.38 -41.09 19.03
N SER A 576 -9.34 -40.60 19.80
CA SER A 576 -10.46 -39.87 19.21
C SER A 576 -10.25 -38.37 19.37
N TYR A 577 -11.20 -37.59 18.87
CA TYR A 577 -11.12 -36.12 18.94
C TYR A 577 -10.90 -35.61 20.37
N SER A 578 -11.67 -36.19 21.30
CA SER A 578 -11.66 -35.80 22.69
C SER A 578 -10.42 -36.25 23.42
N SER A 579 -9.68 -37.21 22.88
CA SER A 579 -8.47 -37.72 23.54
C SER A 579 -7.45 -36.60 23.70
N SER A 580 -7.75 -35.48 23.07
CA SER A 580 -6.81 -34.41 22.90
C SER A 580 -7.53 -33.10 23.22
N ARG A 581 -6.83 -32.15 23.83
CA ARG A 581 -7.40 -30.80 23.97
C ARG A 581 -6.54 -29.68 23.37
N ASP A 582 -7.22 -28.74 22.74
CA ASP A 582 -6.56 -27.56 22.20
C ASP A 582 -6.33 -26.53 23.30
N PRO A 583 -5.36 -25.61 23.07
CA PRO A 583 -5.11 -24.52 24.03
C PRO A 583 -6.39 -23.73 24.39
N PRO A 584 -6.61 -23.42 25.68
CA PRO A 584 -7.84 -22.70 26.04
C PRO A 584 -7.77 -21.24 25.58
N GLU A 585 -8.91 -20.56 25.59
CA GLU A 585 -8.96 -19.11 25.39
C GLU A 585 -8.22 -18.47 26.58
N LYS A 586 -7.25 -17.61 26.26
CA LYS A 586 -6.47 -16.92 27.30
C LYS A 586 -7.36 -16.12 28.28
N SER A 587 -7.26 -16.44 29.57
CA SER A 587 -8.10 -15.81 30.58
C SER A 587 -7.60 -14.41 30.93
N ILE A 588 -8.50 -13.44 30.94
CA ILE A 588 -8.14 -12.06 31.32
C ILE A 588 -8.39 -11.86 32.82
N PRO A 589 -7.36 -11.41 33.58
CA PRO A 589 -7.52 -11.17 35.01
C PRO A 589 -8.67 -10.22 35.32
N LEU A 590 -9.49 -10.60 36.30
CA LEU A 590 -10.67 -9.85 36.75
C LEU A 590 -10.35 -8.39 37.05
N CYS A 591 -9.23 -8.16 37.73
CA CYS A 591 -8.81 -6.81 38.06
C CYS A 591 -8.41 -6.01 36.85
N THR A 592 -7.88 -6.67 35.83
CA THR A 592 -7.49 -5.98 34.59
C THR A 592 -8.74 -5.51 33.86
N LEU A 593 -9.76 -6.35 33.81
CA LEU A 593 -11.02 -5.95 33.23
C LEU A 593 -11.65 -4.86 34.05
N ARG A 594 -11.72 -5.08 35.36
CA ARG A 594 -12.44 -4.19 36.24
C ARG A 594 -11.85 -2.79 36.32
N SER A 595 -10.53 -2.70 36.45
CA SER A 595 -9.89 -1.44 36.81
C SER A 595 -8.71 -1.03 35.93
N PHE A 596 -7.97 -1.99 35.41
CA PHE A 596 -6.73 -1.67 34.72
C PHE A 596 -6.61 -2.19 33.28
N PRO A 597 -7.54 -1.80 32.39
CA PRO A 597 -7.41 -2.24 31.00
C PRO A 597 -6.20 -1.60 30.35
N ASN A 598 -5.61 -2.25 29.36
CA ASN A 598 -4.54 -1.62 28.59
C ASN A 598 -4.49 -2.10 27.14
N LYS A 599 -5.55 -2.79 26.73
CA LYS A 599 -5.73 -3.28 25.39
C LYS A 599 -7.21 -3.12 25.05
N ILE A 600 -7.51 -2.96 23.76
CA ILE A 600 -8.88 -2.84 23.26
C ILE A 600 -9.70 -4.12 23.53
N ASP A 601 -9.02 -5.26 23.68
CA ASP A 601 -9.68 -6.51 24.03
C ASP A 601 -10.26 -6.41 25.42
N HIS A 602 -9.55 -5.70 26.30
CA HIS A 602 -9.98 -5.51 27.69
C HIS A 602 -11.24 -4.67 27.76
N THR A 603 -11.31 -3.60 26.98
CA THR A 603 -12.46 -2.69 27.02
C THR A 603 -13.69 -3.26 26.29
N ILE A 604 -13.47 -4.06 25.26
CA ILE A 604 -14.58 -4.78 24.63
C ILE A 604 -15.23 -5.76 25.62
N ALA A 605 -14.43 -6.63 26.22
CA ALA A 605 -14.93 -7.61 27.19
C ALA A 605 -15.77 -6.92 28.25
N TRP A 606 -15.25 -5.81 28.79
CA TRP A 606 -15.93 -4.99 29.79
C TRP A 606 -17.22 -4.43 29.23
N ALA A 607 -17.16 -3.88 28.02
CA ALA A 607 -18.38 -3.36 27.37
C ALA A 607 -19.41 -4.45 27.10
N LYS A 608 -18.95 -5.68 26.86
CA LYS A 608 -19.84 -6.75 26.52
C LYS A 608 -20.57 -7.27 27.74
N SER A 609 -19.90 -7.29 28.89
CA SER A 609 -20.56 -7.74 30.11
C SER A 609 -21.47 -6.63 30.64
N LEU A 610 -21.08 -5.38 30.41
CA LEU A 610 -21.91 -4.24 30.78
C LEU A 610 -23.23 -4.28 30.02
N PHE A 611 -23.14 -4.50 28.71
CA PHE A 611 -24.30 -4.65 27.86
C PHE A 611 -25.19 -5.75 28.43
N GLN A 612 -24.61 -6.93 28.68
CA GLN A 612 -25.39 -8.04 29.25
C GLN A 612 -26.01 -7.70 30.60
N GLY A 613 -25.29 -6.91 31.40
CA GLY A 613 -25.81 -6.39 32.66
C GLY A 613 -27.02 -5.49 32.44
N TYR A 614 -26.85 -4.44 31.66
CA TYR A 614 -27.86 -3.45 31.40
C TYR A 614 -29.17 -4.00 30.81
N PHE A 615 -29.04 -4.74 29.72
CA PHE A 615 -30.19 -5.07 28.89
C PHE A 615 -30.57 -6.56 28.80
N THR A 616 -29.78 -7.45 29.43
CA THR A 616 -30.17 -8.87 29.50
C THR A 616 -30.51 -9.33 30.91
N ASP A 617 -29.53 -9.29 31.81
CA ASP A 617 -29.67 -9.86 33.15
C ASP A 617 -30.60 -9.07 34.07
N SER A 618 -30.60 -7.73 33.92
CA SER A 618 -31.59 -6.85 34.53
C SER A 618 -33.03 -7.27 34.28
N ALA A 619 -33.38 -7.44 33.01
CA ALA A 619 -34.74 -7.79 32.62
C ALA A 619 -35.10 -9.18 33.10
N GLU A 620 -34.24 -10.16 32.84
CA GLU A 620 -34.43 -11.53 33.31
C GLU A 620 -34.69 -11.57 34.81
N ASN A 621 -33.84 -10.88 35.58
CA ASN A 621 -33.96 -10.89 37.05
C ASN A 621 -35.27 -10.32 37.55
N VAL A 622 -35.68 -9.21 36.94
CA VAL A 622 -36.95 -8.55 37.25
C VAL A 622 -38.14 -9.48 36.99
N ASN A 623 -38.15 -10.11 35.82
CA ASN A 623 -39.23 -11.01 35.42
C ASN A 623 -39.25 -12.28 36.27
N MET A 624 -38.07 -12.71 36.73
CA MET A 624 -37.99 -13.81 37.68
C MET A 624 -38.53 -13.38 39.04
N TYR A 625 -38.11 -12.20 39.51
CA TYR A 625 -38.63 -11.61 40.74
C TYR A 625 -40.15 -11.49 40.69
N LEU A 626 -40.65 -10.88 39.61
CA LEU A 626 -42.09 -10.63 39.48
C LEU A 626 -42.98 -11.88 39.42
N THR A 627 -42.51 -12.93 38.76
CA THR A 627 -43.35 -14.12 38.49
C THR A 627 -43.22 -15.22 39.56
N GLN A 628 -41.99 -15.52 39.96
CA GLN A 628 -41.71 -16.63 40.88
C GLN A 628 -41.99 -16.29 42.35
N PRO A 629 -42.61 -17.23 43.09
CA PRO A 629 -42.99 -17.06 44.51
C PRO A 629 -41.81 -16.84 45.49
N ASN A 630 -40.80 -17.78 45.39
CA ASN A 630 -39.68 -17.78 46.33
C ASN A 630 -38.32 -17.32 45.76
N PHE A 631 -38.36 -16.41 44.78
CA PHE A 631 -37.13 -15.97 44.10
C PHE A 631 -36.11 -15.34 45.04
N VAL A 632 -36.60 -14.48 45.93
CA VAL A 632 -35.75 -13.72 46.86
C VAL A 632 -34.95 -14.62 47.81
N GLU A 633 -35.62 -15.56 48.48
CA GLU A 633 -34.91 -16.46 49.40
C GLU A 633 -33.88 -17.30 48.64
N GLN A 634 -34.28 -17.83 47.48
CA GLN A 634 -33.40 -18.68 46.68
C GLN A 634 -32.09 -17.96 46.34
N THR A 635 -32.18 -16.67 46.00
CA THR A 635 -31.03 -15.80 45.81
C THR A 635 -30.05 -15.83 47.00
N LEU A 636 -30.59 -15.66 48.22
CA LEU A 636 -29.81 -15.77 49.45
C LEU A 636 -28.98 -17.07 49.51
N LYS A 637 -29.65 -18.21 49.29
CA LYS A 637 -29.03 -19.54 49.36
C LYS A 637 -28.08 -19.88 48.19
N ASP A 641 -23.14 -11.30 43.39
CA ASP A 641 -24.15 -12.30 43.06
C ASP A 641 -25.29 -12.34 44.08
N VAL A 642 -25.26 -11.40 45.04
CA VAL A 642 -26.36 -11.26 46.01
C VAL A 642 -26.83 -9.80 46.10
N LYS A 643 -25.92 -8.88 46.41
CA LYS A 643 -26.22 -7.46 46.55
C LYS A 643 -26.59 -6.83 45.20
N GLY A 644 -25.75 -7.08 44.19
CA GLY A 644 -25.98 -6.56 42.84
C GLY A 644 -27.24 -7.11 42.18
N VAL A 645 -27.56 -8.38 42.47
CA VAL A 645 -28.78 -8.98 41.94
C VAL A 645 -29.99 -8.13 42.33
N LEU A 646 -30.13 -7.89 43.63
CA LEU A 646 -31.25 -7.12 44.20
C LEU A 646 -31.27 -5.65 43.73
N GLU A 647 -30.09 -5.02 43.68
CA GLU A 647 -29.98 -3.65 43.18
C GLU A 647 -30.48 -3.52 41.73
N SER A 648 -30.17 -4.52 40.90
CA SER A 648 -30.68 -4.61 39.55
C SER A 648 -32.22 -4.65 39.48
N ILE A 649 -32.83 -5.06 40.58
CA ILE A 649 -34.26 -5.25 40.59
C ILE A 649 -34.97 -4.04 41.18
N SER A 650 -34.23 -3.16 41.85
CA SER A 650 -34.85 -1.94 42.39
C SER A 650 -34.56 -0.70 41.52
N ASP A 651 -33.33 -0.54 41.06
CA ASP A 651 -33.06 0.44 40.01
C ASP A 651 -34.08 0.18 38.91
N SER A 652 -33.96 -1.01 38.31
CA SER A 652 -34.85 -1.45 37.23
C SER A 652 -36.35 -1.32 37.51
N LEU A 653 -36.75 -1.06 38.75
CA LEU A 653 -38.18 -0.93 39.04
C LEU A 653 -38.67 0.44 39.54
N SER A 654 -37.73 1.31 39.91
CA SER A 654 -38.08 2.66 40.38
C SER A 654 -37.44 3.71 39.48
N SER A 655 -36.74 3.22 38.46
CA SER A 655 -36.08 4.06 37.50
C SER A 655 -36.80 3.94 36.13
N LYS A 656 -38.02 3.39 36.15
CA LYS A 656 -38.80 3.16 34.94
C LYS A 656 -38.93 4.43 34.11
N PRO A 657 -38.49 4.38 32.85
CA PRO A 657 -38.72 5.49 31.91
C PRO A 657 -40.20 5.54 31.50
N HIS A 658 -40.70 6.73 31.16
CA HIS A 658 -42.07 6.88 30.69
C HIS A 658 -42.15 7.18 29.20
N ASN A 659 -41.05 7.70 28.67
CA ASN A 659 -40.94 7.95 27.24
C ASN A 659 -39.50 7.85 26.76
N PHE A 660 -39.28 8.06 25.47
CA PHE A 660 -37.91 7.96 24.96
C PHE A 660 -36.98 9.02 25.56
N GLU A 661 -37.51 10.21 25.83
CA GLU A 661 -36.75 11.28 26.47
C GLU A 661 -36.05 10.79 27.75
N ASP A 662 -36.80 10.06 28.58
CA ASP A 662 -36.34 9.47 29.85
C ASP A 662 -35.20 8.48 29.63
N CYS A 663 -35.24 7.78 28.48
CA CYS A 663 -34.19 6.85 28.11
C CYS A 663 -32.93 7.59 27.68
N ILE A 664 -33.08 8.75 27.06
CA ILE A 664 -31.91 9.54 26.69
C ILE A 664 -31.21 9.99 27.97
N LYS A 665 -31.99 10.54 28.91
CA LYS A 665 -31.47 10.97 30.21
C LYS A 665 -30.74 9.83 30.91
N TRP A 666 -31.36 8.65 30.91
CA TRP A 666 -30.78 7.51 31.59
C TRP A 666 -29.40 7.24 31.03
N ALA A 667 -29.31 7.12 29.71
CA ALA A 667 -28.06 6.77 29.06
C ALA A 667 -27.00 7.83 29.31
N ARG A 668 -27.40 9.10 29.25
CA ARG A 668 -26.48 10.20 29.45
C ARG A 668 -25.95 10.20 30.88
N LEU A 669 -26.82 9.86 31.84
CA LEU A 669 -26.40 9.71 33.22
C LEU A 669 -25.49 8.50 33.44
N GLU A 670 -25.79 7.41 32.74
CA GLU A 670 -24.93 6.24 32.78
C GLU A 670 -23.57 6.61 32.22
N PHE A 671 -23.55 7.39 31.14
CA PHE A 671 -22.29 7.87 30.60
C PHE A 671 -21.44 8.55 31.68
N GLU A 672 -22.07 9.40 32.49
CA GLU A 672 -21.37 10.13 33.53
C GLU A 672 -20.89 9.20 34.65
N LYS A 673 -21.68 8.17 34.97
CA LYS A 673 -21.30 7.17 35.96
C LYS A 673 -20.04 6.41 35.55
N LYS A 674 -20.07 5.81 34.36
CA LYS A 674 -19.06 4.85 33.96
C LYS A 674 -17.74 5.44 33.46
N PHE A 675 -17.78 6.65 32.92
CA PHE A 675 -16.62 7.25 32.26
C PHE A 675 -16.10 8.50 32.94
N ASN A 676 -16.87 9.01 33.90
CA ASN A 676 -16.45 10.15 34.70
C ASN A 676 -16.36 9.87 36.20
N HIS A 677 -17.49 9.52 36.82
CA HIS A 677 -17.57 9.31 38.27
C HIS A 677 -16.74 8.10 38.76
N ASP A 678 -16.91 6.97 38.08
CA ASP A 678 -16.17 5.75 38.43
C ASP A 678 -14.65 5.89 38.23
N ILE A 679 -14.25 6.71 37.26
CA ILE A 679 -12.84 6.98 36.98
C ILE A 679 -12.25 7.84 38.11
N LYS A 680 -13.01 8.87 38.48
CA LYS A 680 -12.65 9.77 39.56
C LYS A 680 -12.58 9.06 40.92
N GLN A 681 -13.37 8.00 41.08
CA GLN A 681 -13.33 7.22 42.32
C GLN A 681 -12.05 6.40 42.35
N LEU A 682 -11.70 5.82 41.20
CA LEU A 682 -10.48 5.04 41.06
C LEU A 682 -9.27 5.91 41.38
N LEU A 683 -9.27 7.14 40.87
CA LEU A 683 -8.18 8.08 41.09
C LEU A 683 -8.18 8.59 42.50
N PHE A 684 -9.35 8.62 43.13
CA PHE A 684 -9.41 8.94 44.54
C PHE A 684 -8.80 7.80 45.37
N ASN A 685 -9.14 6.56 44.99
CA ASN A 685 -8.66 5.34 45.62
C ASN A 685 -7.15 5.19 45.48
N PHE A 686 -6.67 5.45 44.27
CA PHE A 686 -5.25 5.41 43.96
C PHE A 686 -4.86 6.69 43.24
N PRO A 687 -4.46 7.71 43.98
CA PRO A 687 -4.07 8.99 43.40
C PRO A 687 -3.02 8.83 42.30
N LYS A 688 -3.09 9.69 41.27
CA LYS A 688 -2.14 9.69 40.14
C LYS A 688 -0.64 9.57 40.49
N ASP A 689 -0.23 10.12 41.63
CA ASP A 689 1.18 10.18 42.04
C ASP A 689 1.67 9.11 43.01
N ALA A 690 0.77 8.28 43.52
CA ALA A 690 1.16 7.20 44.44
C ALA A 690 2.34 6.37 43.93
N LYS A 691 3.24 6.02 44.84
CA LYS A 691 4.42 5.27 44.47
C LYS A 691 4.48 3.96 45.25
N THR A 692 4.66 2.84 44.54
CA THR A 692 4.91 1.54 45.19
C THR A 692 6.38 1.41 45.61
N SER A 693 6.84 0.17 45.83
CA SER A 693 8.23 -0.09 46.25
C SER A 693 9.24 0.52 45.27
N ASN A 694 10.40 0.90 45.81
CA ASN A 694 11.45 1.62 45.05
C ASN A 694 11.23 3.14 45.04
N GLY A 695 10.10 3.54 44.48
CA GLY A 695 9.82 4.92 44.10
C GLY A 695 9.09 4.87 42.77
N GLU A 696 8.78 3.64 42.34
CA GLU A 696 8.05 3.36 41.10
C GLU A 696 6.60 3.80 41.24
N PRO A 697 6.07 4.51 40.22
CA PRO A 697 4.67 4.91 40.24
C PRO A 697 3.73 3.71 40.31
N PHE A 698 2.64 3.88 41.03
CA PHE A 698 1.59 2.87 41.06
C PHE A 698 1.07 2.76 39.65
N TRP A 699 0.80 3.89 39.02
CA TRP A 699 0.34 3.94 37.63
C TRP A 699 1.48 3.81 36.60
N SER A 700 2.00 2.60 36.45
CA SER A 700 3.05 2.29 35.50
C SER A 700 2.85 0.86 35.05
N GLY A 701 3.52 0.45 33.97
CA GLY A 701 3.34 -0.90 33.43
C GLY A 701 1.93 -1.05 32.92
N ALA A 702 1.20 -2.06 33.42
CA ALA A 702 -0.14 -2.36 32.94
C ALA A 702 -1.20 -1.41 33.46
N LYS A 703 -0.81 -0.59 34.43
CA LYS A 703 -1.74 0.36 35.03
C LYS A 703 -1.57 1.75 34.45
N ARG A 704 -2.40 2.06 33.44
CA ARG A 704 -2.44 3.37 32.82
C ARG A 704 -3.36 4.29 33.61
N ALA A 705 -2.85 5.43 34.06
CA ALA A 705 -3.70 6.36 34.81
C ALA A 705 -4.77 6.96 33.88
N PRO A 706 -6.05 6.72 34.20
CA PRO A 706 -7.11 7.23 33.35
C PRO A 706 -7.47 8.69 33.62
N THR A 707 -8.21 9.27 32.70
CA THR A 707 -8.65 10.66 32.78
C THR A 707 -10.17 10.74 32.53
N PRO A 708 -10.94 11.38 33.44
CA PRO A 708 -12.40 11.32 33.26
C PRO A 708 -12.87 11.98 31.96
N LEU A 709 -13.98 11.51 31.41
CA LEU A 709 -14.53 12.06 30.18
C LEU A 709 -15.39 13.32 30.38
N GLU A 710 -15.36 14.23 29.41
CA GLU A 710 -16.31 15.32 29.38
C GLU A 710 -17.26 15.08 28.21
N PHE A 711 -18.53 14.80 28.50
CA PHE A 711 -19.45 14.48 27.44
C PHE A 711 -19.46 15.51 26.32
N ASP A 712 -19.39 15.02 25.09
CA ASP A 712 -19.33 15.88 23.91
C ASP A 712 -20.12 15.16 22.83
N ILE A 713 -21.29 15.69 22.52
CA ILE A 713 -22.21 15.06 21.56
C ILE A 713 -21.57 14.85 20.17
N TYR A 714 -20.62 15.69 19.81
CA TYR A 714 -20.00 15.58 18.52
C TYR A 714 -18.92 14.49 18.47
N ASN A 715 -18.59 13.94 19.62
CA ASN A 715 -17.70 12.81 19.68
C ASN A 715 -18.45 11.53 19.32
N ASN A 716 -17.94 10.79 18.34
CA ASN A 716 -18.65 9.62 17.81
C ASN A 716 -18.99 8.54 18.83
N ASP A 717 -18.12 8.37 19.82
CA ASP A 717 -18.32 7.35 20.83
C ASP A 717 -19.24 7.84 21.95
N HIS A 718 -19.14 9.11 22.33
CA HIS A 718 -20.02 9.68 23.33
C HIS A 718 -21.44 9.66 22.77
N PHE A 719 -21.60 10.12 21.54
CA PHE A 719 -22.90 10.18 20.89
C PHE A 719 -23.53 8.80 20.76
N HIS A 720 -22.81 7.84 20.19
CA HIS A 720 -23.38 6.50 19.97
C HIS A 720 -23.65 5.70 21.25
N PHE A 721 -22.95 6.01 22.33
CA PHE A 721 -23.24 5.35 23.59
C PHE A 721 -24.61 5.75 24.09
N VAL A 722 -24.93 7.03 23.92
CA VAL A 722 -26.21 7.54 24.34
C VAL A 722 -27.30 7.06 23.39
N VAL A 723 -27.02 7.00 22.09
CA VAL A 723 -28.05 6.60 21.13
C VAL A 723 -28.41 5.12 21.32
N ALA A 724 -27.39 4.28 21.30
CA ALA A 724 -27.56 2.85 21.43
C ALA A 724 -28.16 2.55 22.80
N GLY A 725 -27.60 3.19 23.83
CA GLY A 725 -28.09 3.06 25.20
C GLY A 725 -29.57 3.40 25.33
N ALA A 726 -29.98 4.56 24.84
CA ALA A 726 -31.40 4.94 24.87
C ALA A 726 -32.29 3.90 24.17
N SER A 727 -31.87 3.43 23.00
CA SER A 727 -32.74 2.60 22.20
C SER A 727 -32.94 1.24 22.87
N LEU A 728 -31.86 0.72 23.45
CA LEU A 728 -31.90 -0.58 24.12
C LEU A 728 -32.71 -0.54 25.40
N ARG A 729 -32.59 0.55 26.15
CA ARG A 729 -33.43 0.75 27.33
C ARG A 729 -34.92 0.88 26.94
N ALA A 730 -35.16 1.53 25.80
CA ALA A 730 -36.51 1.65 25.28
C ALA A 730 -37.04 0.26 25.08
N TYR A 731 -36.15 -0.60 24.59
CA TYR A 731 -36.51 -1.95 24.20
C TYR A 731 -36.83 -2.83 25.41
N ASN A 732 -36.03 -2.70 26.48
CA ASN A 732 -36.33 -3.38 27.73
C ASN A 732 -37.73 -3.00 28.22
N TYR A 733 -38.07 -1.71 28.14
CA TYR A 733 -39.32 -1.20 28.71
C TYR A 733 -40.46 -1.04 27.69
N GLY A 734 -40.25 -1.49 26.46
CA GLY A 734 -41.30 -1.52 25.44
C GLY A 734 -41.81 -0.13 25.07
N ILE A 735 -40.86 0.78 24.86
CA ILE A 735 -41.17 2.18 24.58
C ILE A 735 -40.75 2.52 23.16
N LYS A 736 -41.67 3.17 22.44
CA LYS A 736 -41.42 3.60 21.07
C LYS A 736 -40.27 4.60 21.04
N SER A 737 -39.14 4.12 20.50
CA SER A 737 -37.97 4.96 20.22
C SER A 737 -38.24 6.03 19.15
N ASP A 738 -37.56 7.17 19.29
CA ASP A 738 -37.62 8.26 18.31
C ASP A 738 -36.64 8.00 17.17
N ASP A 739 -35.70 7.09 17.42
CA ASP A 739 -34.79 6.58 16.38
C ASP A 739 -35.37 5.39 15.63
N SER A 740 -36.31 4.68 16.26
CA SER A 740 -36.94 3.48 15.67
C SER A 740 -37.28 3.61 14.17
N ASN A 741 -37.83 4.78 13.79
CA ASN A 741 -38.12 5.10 12.39
C ASN A 741 -36.89 5.58 11.61
N SER A 742 -35.94 6.22 12.29
CA SER A 742 -34.99 7.08 11.58
C SER A 742 -33.54 6.97 12.02
N LYS A 743 -32.69 7.77 11.34
CA LYS A 743 -31.35 8.05 11.80
C LYS A 743 -31.44 8.84 13.09
N PRO A 744 -30.52 8.58 14.02
CA PRO A 744 -30.52 9.33 15.27
C PRO A 744 -30.43 10.83 14.98
N ASN A 745 -31.37 11.60 15.53
CA ASN A 745 -31.45 13.05 15.38
C ASN A 745 -30.56 13.78 16.40
N VAL A 746 -29.39 14.27 15.95
CA VAL A 746 -28.42 14.90 16.86
C VAL A 746 -29.04 16.05 17.65
N ASP A 747 -29.71 16.97 16.95
CA ASP A 747 -30.34 18.09 17.62
C ASP A 747 -31.41 17.70 18.65
N GLU A 748 -32.02 16.54 18.49
CA GLU A 748 -32.93 16.05 19.53
C GLU A 748 -32.17 15.68 20.79
N TYR A 749 -31.25 14.73 20.66
CA TYR A 749 -30.42 14.28 21.78
C TYR A 749 -29.75 15.47 22.46
N LYS A 750 -29.31 16.44 21.65
CA LYS A 750 -28.62 17.61 22.17
C LYS A 750 -29.56 18.47 23.01
N SER A 751 -30.77 18.70 22.52
CA SER A 751 -31.67 19.56 23.27
C SER A 751 -31.99 18.96 24.64
N VAL A 752 -32.20 17.64 24.69
CA VAL A 752 -32.52 16.92 25.93
C VAL A 752 -31.35 17.00 26.94
N ILE A 753 -30.18 16.56 26.49
CA ILE A 753 -28.98 16.57 27.32
C ILE A 753 -28.60 17.99 27.76
N ASP A 754 -28.82 18.98 26.90
CA ASP A 754 -28.49 20.37 27.24
C ASP A 754 -29.30 20.93 28.41
N HIS A 755 -30.37 20.23 28.78
CA HIS A 755 -31.33 20.73 29.76
C HIS A 755 -31.29 19.88 31.05
N MET A 756 -30.33 18.95 31.12
CA MET A 756 -30.23 18.04 32.25
C MET A 756 -29.31 18.57 33.33
N ILE A 757 -29.66 18.35 34.60
CA ILE A 757 -28.69 18.52 35.67
C ILE A 757 -27.87 17.25 35.73
N ILE A 758 -26.57 17.40 35.49
CA ILE A 758 -25.61 16.34 35.71
C ILE A 758 -25.07 16.51 37.12
N PRO A 759 -25.45 15.61 38.05
CA PRO A 759 -25.00 15.77 39.42
C PRO A 759 -23.50 15.54 39.46
N GLU A 760 -22.80 16.26 40.33
CA GLU A 760 -21.35 16.14 40.38
C GLU A 760 -20.84 14.93 41.19
N PHE A 761 -19.53 14.75 41.16
CA PHE A 761 -18.90 13.59 41.76
C PHE A 761 -18.66 13.80 43.25
N THR A 762 -19.11 12.86 44.07
CA THR A 762 -18.73 12.83 45.49
C THR A 762 -17.99 11.52 45.74
N PRO A 763 -16.73 11.61 46.20
CA PRO A 763 -15.96 10.38 46.36
C PRO A 763 -16.40 9.60 47.58
N ASN A 764 -16.18 8.29 47.53
CA ASN A 764 -16.47 7.41 48.64
C ASN A 764 -15.16 7.13 49.37
N ALA A 765 -15.09 7.54 50.63
CA ALA A 765 -13.86 7.39 51.41
C ALA A 765 -13.66 5.98 51.97
N ASN A 766 -14.71 5.16 51.92
CA ASN A 766 -14.65 3.82 52.54
C ASN A 766 -14.66 2.64 51.55
N LEU A 767 -14.93 2.90 50.28
CA LEU A 767 -15.02 1.83 49.30
C LEU A 767 -13.67 1.53 48.68
N LYS A 768 -13.27 0.27 48.77
CA LYS A 768 -11.94 -0.15 48.37
C LYS A 768 -11.98 -1.02 47.10
N ILE A 769 -11.14 -0.68 46.11
CA ILE A 769 -11.06 -1.41 44.85
C ILE A 769 -9.84 -2.31 44.90
N GLN A 770 -9.97 -3.58 44.52
CA GLN A 770 -8.81 -4.49 44.62
C GLN A 770 -7.89 -4.42 43.39
N VAL A 771 -6.62 -4.72 43.63
CA VAL A 771 -5.55 -4.50 42.66
C VAL A 771 -5.18 -5.78 41.91
N ASN A 772 -5.07 -6.89 42.64
CA ASN A 772 -4.78 -8.22 42.10
C ASN A 772 -5.89 -9.19 42.46
N ASP A 773 -6.04 -10.24 41.64
CA ASP A 773 -7.02 -11.30 41.91
C ASP A 773 -6.68 -12.05 43.20
N ASP A 774 -5.39 -12.09 43.54
CA ASP A 774 -4.88 -12.81 44.72
C ASP A 774 -5.06 -12.01 46.02
N ASP A 775 -5.74 -10.86 45.93
CA ASP A 775 -5.92 -9.96 47.07
C ASP A 775 -7.26 -10.17 47.78
N PRO A 776 -7.25 -10.18 49.13
CA PRO A 776 -8.51 -9.94 49.85
C PRO A 776 -8.94 -8.46 49.65
N ASP A 777 -10.24 -8.14 49.61
CA ASP A 777 -11.36 -9.05 49.52
C ASP A 777 -12.12 -8.71 48.23
N PRO A 778 -12.98 -9.62 47.71
CA PRO A 778 -13.60 -9.45 46.38
C PRO A 778 -14.19 -8.06 46.10
N GLU A 788 -28.48 -2.72 55.61
CA GLU A 788 -28.11 -2.36 54.23
C GLU A 788 -28.64 -3.40 53.25
N ILE A 789 -28.96 -4.57 53.81
CA ILE A 789 -29.39 -5.73 53.04
C ILE A 789 -30.91 -5.87 53.05
N ASP A 790 -31.51 -5.69 54.21
CA ASP A 790 -32.97 -5.71 54.35
C ASP A 790 -33.56 -4.42 53.81
N GLN A 791 -32.79 -3.34 53.92
CA GLN A 791 -33.15 -2.05 53.32
C GLN A 791 -33.40 -2.24 51.83
N LEU A 792 -32.47 -2.91 51.16
CA LEU A 792 -32.65 -3.31 49.77
C LEU A 792 -33.79 -4.32 49.57
N VAL A 793 -34.04 -5.16 50.56
CA VAL A 793 -35.10 -6.17 50.46
C VAL A 793 -36.52 -5.57 50.54
N SER A 794 -36.98 -5.18 51.73
CA SER A 794 -38.34 -4.60 51.83
C SER A 794 -38.43 -3.12 51.44
N SER A 795 -37.59 -2.73 50.49
CA SER A 795 -37.81 -1.55 49.66
C SER A 795 -38.00 -2.03 48.21
N LEU A 796 -38.31 -3.31 48.06
CA LEU A 796 -38.77 -3.88 46.79
C LEU A 796 -40.30 -3.89 46.85
N PRO A 797 -40.94 -3.27 45.86
CA PRO A 797 -42.31 -2.80 46.07
C PRO A 797 -43.42 -3.84 45.89
N ASP A 798 -43.23 -5.06 46.38
CA ASP A 798 -44.25 -6.14 46.30
C ASP A 798 -44.63 -6.47 44.85
N PRO A 799 -44.53 -7.75 44.45
CA PRO A 799 -44.83 -8.11 43.05
C PRO A 799 -46.24 -7.73 42.63
N SER A 800 -47.13 -7.59 43.61
CA SER A 800 -48.55 -7.25 43.39
C SER A 800 -48.78 -5.86 42.78
N THR A 801 -47.89 -4.92 43.08
CA THR A 801 -47.96 -3.54 42.55
C THR A 801 -47.63 -3.51 41.05
N LEU A 802 -47.08 -4.60 40.53
CA LEU A 802 -46.61 -4.62 39.16
C LEU A 802 -47.07 -5.86 38.37
N ALA A 803 -48.26 -6.35 38.72
CA ALA A 803 -48.87 -7.50 38.03
C ALA A 803 -49.12 -7.18 36.55
N GLY A 804 -48.75 -8.13 35.68
CA GLY A 804 -48.90 -7.97 34.23
C GLY A 804 -47.87 -7.05 33.58
N PHE A 805 -46.76 -6.80 34.28
CA PHE A 805 -45.71 -5.95 33.75
C PHE A 805 -44.41 -6.73 33.55
N LYS A 806 -43.83 -6.61 32.37
CA LYS A 806 -42.63 -7.35 32.03
C LYS A 806 -41.59 -6.47 31.38
N LEU A 807 -40.34 -6.81 31.62
CA LEU A 807 -39.24 -6.20 30.92
C LEU A 807 -38.81 -7.12 29.79
N GLU A 808 -38.44 -6.54 28.66
CA GLU A 808 -38.13 -7.32 27.48
C GLU A 808 -36.61 -7.50 27.27
N PRO A 809 -36.08 -8.70 27.56
CA PRO A 809 -34.63 -8.95 27.59
C PRO A 809 -34.03 -8.99 26.20
N VAL A 810 -32.80 -8.50 26.09
CA VAL A 810 -32.12 -8.42 24.80
C VAL A 810 -31.34 -9.71 24.54
N ASP A 811 -31.44 -10.22 23.31
CA ASP A 811 -30.73 -11.43 22.90
C ASP A 811 -29.62 -11.05 21.93
N PHE A 812 -28.41 -10.85 22.46
CA PHE A 812 -27.25 -10.43 21.68
C PHE A 812 -27.14 -11.08 20.30
N GLU A 813 -27.36 -10.26 19.28
CA GLU A 813 -27.29 -10.71 17.89
C GLU A 813 -26.26 -9.83 17.14
N LYS A 814 -25.08 -10.41 16.94
CA LYS A 814 -23.91 -9.67 16.45
C LYS A 814 -24.01 -9.22 14.97
N ASP A 815 -24.74 -9.98 14.15
CA ASP A 815 -24.76 -9.77 12.70
C ASP A 815 -25.94 -8.96 12.20
N ASP A 816 -26.67 -8.34 13.12
CA ASP A 816 -27.80 -7.47 12.76
C ASP A 816 -27.43 -6.02 13.03
N ASP A 817 -26.99 -5.33 11.99
CA ASP A 817 -26.43 -4.00 12.13
C ASP A 817 -27.41 -2.92 12.58
N THR A 818 -28.70 -3.24 12.56
CA THR A 818 -29.74 -2.27 12.92
C THR A 818 -30.25 -2.38 14.37
N ASN A 819 -29.72 -3.31 15.15
CA ASN A 819 -30.28 -3.57 16.47
C ASN A 819 -29.63 -2.86 17.64
N HIS A 820 -28.61 -2.05 17.35
CA HIS A 820 -27.89 -1.25 18.35
C HIS A 820 -26.90 -2.01 19.24
N HIS A 821 -26.82 -3.33 19.09
CA HIS A 821 -25.96 -4.16 19.94
C HIS A 821 -24.49 -3.80 19.77
N ILE A 822 -23.98 -3.99 18.56
CA ILE A 822 -22.59 -3.69 18.22
C ILE A 822 -22.32 -2.19 18.35
N GLU A 823 -23.32 -1.40 17.98
CA GLU A 823 -23.29 0.02 18.19
C GLU A 823 -22.96 0.28 19.65
N PHE A 824 -23.64 -0.41 20.56
CA PHE A 824 -23.42 -0.14 21.97
C PHE A 824 -22.05 -0.59 22.45
N ILE A 825 -21.73 -1.85 22.19
CA ILE A 825 -20.45 -2.39 22.57
C ILE A 825 -19.29 -1.54 22.01
N THR A 826 -19.36 -1.16 20.74
CA THR A 826 -18.30 -0.32 20.14
C THR A 826 -18.15 1.01 20.90
N ALA A 827 -19.26 1.72 21.09
CA ALA A 827 -19.22 3.04 21.72
C ALA A 827 -18.73 2.94 23.17
N CYS A 828 -19.28 1.95 23.87
CA CYS A 828 -19.02 1.75 25.29
C CYS A 828 -17.57 1.34 25.50
N SER A 829 -17.05 0.51 24.62
CA SER A 829 -15.66 0.09 24.69
C SER A 829 -14.76 1.26 24.40
N ASN A 830 -15.09 2.01 23.35
CA ASN A 830 -14.26 3.13 22.96
C ASN A 830 -14.24 4.27 23.98
N CYS A 831 -15.32 4.45 24.73
CA CYS A 831 -15.32 5.51 25.76
C CYS A 831 -14.37 5.13 26.87
N ARG A 832 -14.43 3.85 27.28
CA ARG A 832 -13.49 3.35 28.28
C ARG A 832 -12.07 3.35 27.70
N ALA A 833 -11.94 3.05 26.42
CA ALA A 833 -10.63 3.16 25.77
C ALA A 833 -10.10 4.59 25.80
N GLN A 834 -10.99 5.57 25.59
CA GLN A 834 -10.61 6.97 25.69
C GLN A 834 -10.11 7.26 27.11
N ASN A 835 -10.80 6.71 28.13
CA ASN A 835 -10.44 6.88 29.54
C ASN A 835 -8.98 6.56 29.83
N TYR A 836 -8.54 5.42 29.30
CA TYR A 836 -7.25 4.80 29.62
C TYR A 836 -6.23 4.95 28.48
N PHE A 837 -6.50 5.85 27.54
CA PHE A 837 -5.59 6.11 26.43
C PHE A 837 -5.26 4.85 25.64
N ILE A 838 -6.30 4.16 25.21
CA ILE A 838 -6.14 3.04 24.29
C ILE A 838 -6.74 3.50 22.95
N GLU A 839 -6.10 3.15 21.84
CA GLU A 839 -6.65 3.48 20.53
C GLU A 839 -8.02 2.87 20.43
N THR A 840 -8.98 3.67 19.98
CA THR A 840 -10.33 3.18 19.82
C THR A 840 -10.40 2.30 18.58
N ALA A 841 -11.32 1.33 18.60
CA ALA A 841 -11.54 0.41 17.46
C ALA A 841 -12.83 0.73 16.70
N ASP A 842 -12.88 0.40 15.40
CA ASP A 842 -14.10 0.56 14.62
C ASP A 842 -15.11 -0.54 14.95
N ARG A 843 -16.32 -0.44 14.43
CA ARG A 843 -17.32 -1.42 14.79
C ARG A 843 -17.09 -2.80 14.18
N GLN A 844 -16.35 -2.89 13.08
CA GLN A 844 -16.06 -4.21 12.53
C GLN A 844 -15.05 -4.98 13.38
N LYS A 845 -14.08 -4.28 13.95
CA LYS A 845 -13.09 -4.94 14.80
C LYS A 845 -13.70 -5.34 16.14
N THR A 846 -14.65 -4.55 16.63
CA THR A 846 -15.33 -4.84 17.89
C THR A 846 -16.24 -6.05 17.68
N LYS A 847 -16.94 -6.06 16.54
CA LYS A 847 -17.85 -7.13 16.16
C LYS A 847 -17.12 -8.47 16.12
N PHE A 848 -15.86 -8.44 15.68
CA PHE A 848 -15.02 -9.62 15.55
C PHE A 848 -14.72 -10.20 16.92
N ILE A 849 -14.32 -9.31 17.84
CA ILE A 849 -13.86 -9.69 19.17
C ILE A 849 -15.00 -10.03 20.13
N ALA A 850 -16.04 -9.21 20.13
CA ALA A 850 -17.17 -9.41 21.02
C ALA A 850 -17.99 -10.59 20.57
N GLY A 851 -18.15 -10.74 19.27
CA GLY A 851 -18.95 -11.83 18.72
C GLY A 851 -18.19 -13.11 18.47
N ARG A 852 -16.90 -13.13 18.85
CA ARG A 852 -16.04 -14.31 18.68
C ARG A 852 -16.12 -14.91 17.27
N ILE A 853 -16.12 -14.07 16.23
CA ILE A 853 -16.27 -14.51 14.84
C ILE A 853 -14.97 -15.15 14.40
N ILE A 854 -15.05 -16.27 13.69
CA ILE A 854 -13.87 -16.96 13.15
C ILE A 854 -13.62 -16.62 11.67
N PRO A 855 -12.46 -16.00 11.38
CA PRO A 855 -12.08 -15.69 10.02
C PRO A 855 -12.17 -16.93 9.18
N ALA A 856 -12.70 -16.80 7.97
CA ALA A 856 -12.77 -17.93 7.04
C ALA A 856 -12.64 -17.44 5.61
N ILE A 857 -12.15 -18.32 4.76
CA ILE A 857 -11.99 -18.04 3.32
C ILE A 857 -12.27 -19.33 2.55
N ALA A 858 -12.84 -19.24 1.36
CA ALA A 858 -13.12 -20.47 0.59
C ALA A 858 -11.85 -21.29 0.31
N THR A 859 -10.75 -20.59 0.25
CA THR A 859 -9.49 -21.12 -0.21
C THR A 859 -9.00 -22.28 0.68
N THR A 860 -8.92 -22.02 1.98
CA THR A 860 -8.51 -22.98 2.98
C THR A 860 -9.57 -24.07 3.15
N THR A 861 -10.83 -23.71 2.94
CA THR A 861 -11.93 -24.67 3.02
C THR A 861 -11.91 -25.77 1.95
N SER A 862 -11.76 -25.43 0.68
CA SER A 862 -11.50 -26.43 -0.39
C SER A 862 -10.33 -27.36 -0.08
N LEU A 863 -9.18 -26.77 0.23
CA LEU A 863 -7.95 -27.52 0.50
C LEU A 863 -8.21 -28.53 1.63
N VAL A 864 -8.77 -28.04 2.72
CA VAL A 864 -9.02 -28.91 3.85
C VAL A 864 -10.03 -30.02 3.51
N THR A 865 -11.08 -29.69 2.77
CA THR A 865 -12.03 -30.70 2.36
C THR A 865 -11.39 -31.74 1.42
N GLY A 866 -10.49 -31.27 0.55
CA GLY A 866 -9.70 -32.13 -0.32
C GLY A 866 -8.92 -33.17 0.45
N LEU A 867 -8.24 -32.74 1.50
CA LEU A 867 -7.38 -33.66 2.26
C LEU A 867 -8.24 -34.68 3.00
N VAL A 868 -9.43 -34.27 3.42
CA VAL A 868 -10.38 -35.15 4.10
C VAL A 868 -10.77 -36.27 3.17
N ASN A 869 -11.11 -35.91 1.95
CA ASN A 869 -11.51 -36.89 0.96
C ASN A 869 -10.42 -37.85 0.49
N LEU A 870 -9.16 -37.48 0.67
CA LEU A 870 -8.06 -38.39 0.37
C LEU A 870 -7.88 -39.39 1.52
N GLU A 871 -8.34 -38.98 2.70
CA GLU A 871 -8.36 -39.81 3.86
C GLU A 871 -9.59 -40.72 3.77
N LEU A 872 -10.65 -40.24 3.11
CA LEU A 872 -11.88 -41.03 2.93
C LEU A 872 -11.62 -42.39 2.24
N TYR A 873 -10.78 -42.40 1.21
CA TYR A 873 -10.49 -43.62 0.49
C TYR A 873 -9.98 -44.71 1.42
N LYS A 874 -9.14 -44.30 2.38
CA LYS A 874 -8.55 -45.22 3.34
C LYS A 874 -9.60 -45.94 4.20
N LEU A 875 -10.67 -45.22 4.56
CA LEU A 875 -11.79 -45.79 5.30
C LEU A 875 -12.53 -46.81 4.46
N ILE A 876 -12.75 -46.48 3.20
CA ILE A 876 -13.42 -47.38 2.26
C ILE A 876 -12.66 -48.71 2.19
N ASP A 877 -11.32 -48.66 2.22
CA ASP A 877 -10.51 -49.91 2.24
C ASP A 877 -10.37 -50.56 3.65
N ASN A 878 -11.13 -50.10 4.63
CA ASN A 878 -11.01 -50.57 6.01
C ASN A 878 -9.55 -50.74 6.42
N LYS A 879 -8.75 -49.69 6.26
CA LYS A 879 -7.31 -49.81 6.52
C LYS A 879 -7.03 -50.05 7.99
N THR A 880 -6.13 -50.98 8.22
CA THR A 880 -5.87 -51.52 9.52
C THR A 880 -4.56 -50.96 10.04
N ASP A 881 -3.67 -50.61 9.12
CA ASP A 881 -2.34 -50.12 9.43
C ASP A 881 -2.40 -48.60 9.67
N ILE A 882 -2.10 -48.21 10.90
CA ILE A 882 -2.14 -46.82 11.33
C ILE A 882 -1.23 -45.92 10.50
N GLU A 883 -0.10 -46.46 10.03
CA GLU A 883 0.87 -45.65 9.28
C GLU A 883 0.37 -45.21 7.92
N GLN A 884 -0.81 -45.68 7.52
CA GLN A 884 -1.39 -45.29 6.24
C GLN A 884 -2.17 -43.99 6.34
N TYR A 885 -2.64 -43.67 7.54
CA TYR A 885 -3.48 -42.51 7.75
C TYR A 885 -2.66 -41.24 8.00
N LYS A 886 -3.22 -40.10 7.60
CA LYS A 886 -2.55 -38.80 7.67
C LYS A 886 -3.47 -37.77 8.37
N ASN A 887 -3.03 -37.24 9.51
CA ASN A 887 -3.63 -36.04 10.06
C ASN A 887 -2.94 -34.86 9.40
N GLY A 888 -3.73 -33.88 8.95
CA GLY A 888 -3.19 -32.78 8.15
C GLY A 888 -3.11 -31.49 8.92
N PHE A 889 -2.08 -30.69 8.64
CA PHE A 889 -1.95 -29.36 9.24
C PHE A 889 -1.46 -28.40 8.19
N VAL A 890 -2.09 -27.25 8.13
CA VAL A 890 -1.95 -26.39 7.00
C VAL A 890 -1.92 -24.92 7.42
N ASN A 891 -0.99 -24.16 6.85
CA ASN A 891 -1.11 -22.72 6.83
C ASN A 891 -0.72 -22.16 5.47
N LEU A 892 -1.73 -21.77 4.69
CA LEU A 892 -1.51 -21.26 3.33
C LEU A 892 -0.80 -19.90 3.29
N ALA A 893 -0.72 -19.22 4.43
CA ALA A 893 -0.04 -17.93 4.49
C ALA A 893 1.47 -18.08 4.29
N LEU A 894 2.01 -19.23 4.67
CA LEU A 894 3.48 -19.35 4.73
C LEU A 894 4.25 -19.72 3.43
N PRO A 895 3.77 -20.70 2.64
CA PRO A 895 2.71 -21.67 2.92
C PRO A 895 3.32 -22.91 3.54
N PHE A 896 2.54 -23.61 4.35
CA PHE A 896 3.00 -24.78 5.06
C PHE A 896 1.97 -25.89 5.04
N PHE A 897 2.46 -27.09 4.80
CA PHE A 897 1.67 -28.30 4.82
C PHE A 897 2.46 -29.33 5.61
N GLY A 898 1.78 -30.05 6.49
CA GLY A 898 2.46 -31.05 7.29
C GLY A 898 1.50 -32.15 7.65
N PHE A 899 2.04 -33.34 7.86
CA PHE A 899 1.21 -34.48 8.19
C PHE A 899 1.79 -35.29 9.33
N SER A 900 0.91 -35.92 10.09
CA SER A 900 1.32 -36.77 11.18
C SER A 900 0.40 -37.96 11.14
N GLU A 901 0.98 -39.11 11.40
CA GLU A 901 0.23 -40.33 11.49
C GLU A 901 -0.61 -40.24 12.80
N PRO A 902 -1.86 -40.72 12.78
CA PRO A 902 -2.67 -40.52 14.00
C PRO A 902 -2.08 -41.23 15.21
N ILE A 903 -2.42 -40.80 16.42
CA ILE A 903 -1.92 -41.49 17.61
C ILE A 903 -2.75 -42.73 17.95
N ALA A 904 -2.07 -43.79 18.35
CA ALA A 904 -2.74 -45.06 18.68
C ALA A 904 -3.60 -44.86 19.92
N SER A 905 -4.73 -45.55 19.96
CA SER A 905 -5.58 -45.55 21.16
C SER A 905 -4.80 -46.08 22.37
N PRO A 906 -4.90 -45.41 23.53
CA PRO A 906 -4.22 -45.93 24.72
C PRO A 906 -4.69 -47.33 25.10
N LYS A 907 -3.73 -48.16 25.52
CA LYS A 907 -4.05 -49.52 25.93
C LYS A 907 -3.96 -49.65 27.44
N GLY A 908 -4.94 -50.34 28.01
CA GLY A 908 -4.92 -50.64 29.44
C GLY A 908 -4.77 -52.11 29.68
N GLU A 909 -4.75 -52.49 30.95
CA GLU A 909 -4.57 -53.89 31.34
C GLU A 909 -5.29 -54.12 32.66
N TYR A 910 -6.03 -55.21 32.74
CA TYR A 910 -6.53 -55.67 34.03
C TYR A 910 -6.56 -57.21 34.09
N ASN A 911 -6.08 -57.76 35.21
CA ASN A 911 -5.95 -59.22 35.38
C ASN A 911 -5.23 -59.90 34.19
N ASN A 912 -4.13 -59.29 33.75
CA ASN A 912 -3.37 -59.73 32.56
C ASN A 912 -4.15 -59.80 31.24
N LYS A 913 -5.18 -58.97 31.15
CA LYS A 913 -6.08 -58.94 30.00
C LYS A 913 -6.01 -57.53 29.42
N LYS A 914 -5.55 -57.44 28.17
CA LYS A 914 -5.38 -56.15 27.49
C LYS A 914 -6.68 -55.63 26.90
N TYR A 915 -6.85 -54.31 26.94
CA TYR A 915 -8.04 -53.68 26.39
C TYR A 915 -7.78 -52.25 25.92
N ASP A 916 -8.58 -51.84 24.93
CA ASP A 916 -8.53 -50.51 24.37
C ASP A 916 -9.31 -49.53 25.26
N LYS A 917 -8.61 -48.55 25.84
CA LYS A 917 -9.20 -47.62 26.80
C LYS A 917 -10.29 -46.70 26.23
N ILE A 918 -10.26 -46.48 24.93
CA ILE A 918 -11.28 -45.69 24.28
C ILE A 918 -12.41 -46.58 23.73
N TRP A 919 -12.06 -47.60 22.97
CA TRP A 919 -13.04 -48.32 22.16
C TRP A 919 -13.62 -49.60 22.74
N ASP A 920 -13.04 -50.11 23.82
CA ASP A 920 -13.51 -51.37 24.43
C ASP A 920 -14.56 -51.18 25.50
N ARG A 921 -15.51 -52.11 25.50
CA ARG A 921 -16.70 -52.07 26.34
C ARG A 921 -17.17 -53.51 26.67
N PHE A 922 -17.85 -53.67 27.80
CA PHE A 922 -18.53 -54.93 28.15
C PHE A 922 -19.96 -54.83 27.67
N ASP A 923 -20.40 -55.80 26.87
CA ASP A 923 -21.77 -55.79 26.36
C ASP A 923 -22.65 -56.75 27.15
N ILE A 924 -23.85 -56.30 27.50
CA ILE A 924 -24.74 -57.07 28.37
C ILE A 924 -26.19 -57.07 27.85
N LYS A 925 -26.70 -58.27 27.58
CA LYS A 925 -28.03 -58.49 26.97
C LYS A 925 -29.16 -58.46 27.99
N GLY A 926 -30.24 -57.76 27.67
CA GLY A 926 -31.39 -57.62 28.57
C GLY A 926 -31.11 -56.61 29.68
N ASP A 927 -32.14 -56.30 30.47
CA ASP A 927 -32.00 -55.23 31.47
C ASP A 927 -31.58 -55.73 32.89
N ILE A 928 -30.66 -56.69 32.86
CA ILE A 928 -30.05 -57.37 34.02
C ILE A 928 -30.25 -56.73 35.40
N LYS A 929 -30.50 -57.58 36.41
CA LYS A 929 -30.58 -57.13 37.80
C LYS A 929 -29.20 -56.71 38.29
N LEU A 930 -29.17 -55.81 39.27
CA LEU A 930 -27.90 -55.30 39.82
C LEU A 930 -27.06 -56.41 40.44
N SER A 931 -27.71 -57.38 41.09
CA SER A 931 -26.99 -58.49 41.70
C SER A 931 -26.38 -59.40 40.64
N ASP A 932 -27.08 -59.56 39.51
CA ASP A 932 -26.57 -60.37 38.42
C ASP A 932 -25.36 -59.71 37.78
N LEU A 933 -25.44 -58.39 37.62
CA LEU A 933 -24.33 -57.62 37.10
C LEU A 933 -23.05 -57.94 37.87
N ILE A 934 -23.10 -57.73 39.19
CA ILE A 934 -21.96 -57.93 40.09
C ILE A 934 -21.39 -59.36 39.99
N GLU A 935 -22.29 -60.35 39.98
CA GLU A 935 -21.91 -61.76 39.85
C GLU A 935 -21.33 -62.09 38.47
N HIS A 936 -21.96 -61.58 37.41
CA HIS A 936 -21.44 -61.76 36.06
C HIS A 936 -20.00 -61.28 36.00
N PHE A 937 -19.71 -60.19 36.69
CA PHE A 937 -18.37 -59.61 36.70
C PHE A 937 -17.39 -60.35 37.58
N GLU A 938 -17.88 -61.26 38.42
CA GLU A 938 -16.99 -62.05 39.27
C GLU A 938 -16.73 -63.43 38.66
N LYS A 939 -17.79 -64.06 38.15
CA LYS A 939 -17.70 -65.41 37.55
C LYS A 939 -17.20 -65.36 36.08
N ASP A 940 -16.95 -64.16 35.55
CA ASP A 940 -16.52 -64.05 34.15
C ASP A 940 -15.33 -63.13 33.89
N GLU A 941 -15.07 -62.19 34.78
CA GLU A 941 -14.06 -61.17 34.48
C GLU A 941 -13.12 -60.85 35.65
N GLY A 942 -13.38 -61.48 36.81
CA GLY A 942 -12.59 -61.25 38.02
C GLY A 942 -12.66 -59.82 38.54
N LEU A 943 -13.84 -59.22 38.47
CA LEU A 943 -14.03 -57.85 38.90
C LEU A 943 -15.17 -57.72 39.91
N GLU A 944 -14.85 -57.08 41.03
CA GLU A 944 -15.84 -56.67 42.01
C GLU A 944 -16.13 -55.20 41.76
N ILE A 945 -17.41 -54.85 41.79
CA ILE A 945 -17.81 -53.47 41.55
C ILE A 945 -17.74 -52.60 42.81
N THR A 946 -16.83 -51.62 42.77
CA THR A 946 -16.70 -50.55 43.76
C THR A 946 -17.83 -49.55 43.58
N MET A 947 -18.16 -49.27 42.32
CA MET A 947 -19.02 -48.16 41.98
C MET A 947 -19.68 -48.38 40.64
N LEU A 948 -20.96 -48.03 40.56
CA LEU A 948 -21.74 -48.08 39.34
C LEU A 948 -22.60 -46.84 39.18
N SER A 949 -22.48 -46.23 38.00
CA SER A 949 -23.05 -44.93 37.72
C SER A 949 -23.57 -44.86 36.30
N TYR A 950 -24.67 -44.13 36.16
CA TYR A 950 -25.27 -43.83 34.87
C TYR A 950 -25.25 -42.32 34.77
N GLY A 951 -24.42 -41.80 33.87
CA GLY A 951 -24.15 -40.38 33.77
C GLY A 951 -23.59 -39.84 35.08
N VAL A 952 -24.21 -38.79 35.60
CA VAL A 952 -23.77 -38.13 36.83
C VAL A 952 -24.47 -38.70 38.07
N SER A 953 -25.22 -39.78 37.87
CA SER A 953 -25.97 -40.39 38.95
C SER A 953 -25.33 -41.67 39.47
N LEU A 954 -25.22 -41.75 40.79
CA LEU A 954 -24.62 -42.88 41.47
C LEU A 954 -25.69 -43.92 41.75
N LEU A 955 -25.50 -45.12 41.22
CA LEU A 955 -26.49 -46.17 41.38
C LEU A 955 -26.11 -47.17 42.48
N TYR A 956 -24.85 -47.59 42.50
CA TYR A 956 -24.37 -48.61 43.43
C TYR A 956 -22.95 -48.31 43.91
N ALA A 957 -22.67 -48.57 45.19
CA ALA A 957 -21.30 -48.47 45.69
C ALA A 957 -21.05 -49.41 46.85
N SER A 958 -19.90 -50.07 46.86
CA SER A 958 -19.62 -51.08 47.90
C SER A 958 -19.67 -50.53 49.35
N PHE A 959 -19.65 -49.21 49.50
CA PHE A 959 -19.70 -48.59 50.81
C PHE A 959 -21.13 -48.36 51.28
N PHE A 960 -22.11 -48.64 50.42
CA PHE A 960 -23.52 -48.46 50.78
C PHE A 960 -23.95 -49.34 51.95
N PRO A 961 -24.84 -48.81 52.81
CA PRO A 961 -25.43 -49.55 53.95
C PRO A 961 -26.27 -50.75 53.48
N PRO A 962 -26.57 -51.71 54.38
CA PRO A 962 -27.39 -52.89 54.05
C PRO A 962 -28.88 -52.57 53.76
N LYS A 963 -29.27 -51.32 54.18
CA LYS A 963 -30.60 -50.77 53.87
C LYS A 963 -30.73 -50.56 52.36
N LYS A 964 -29.86 -49.69 51.82
CA LYS A 964 -29.85 -49.37 50.40
C LYS A 964 -29.40 -50.53 49.53
N LEU A 965 -28.59 -51.44 50.09
CA LEU A 965 -28.04 -52.54 49.32
C LEU A 965 -29.15 -53.45 48.80
N LYS A 966 -29.90 -54.06 49.72
CA LYS A 966 -30.92 -55.07 49.38
C LYS A 966 -32.19 -54.53 48.71
N GLU A 967 -32.39 -53.20 48.77
CA GLU A 967 -33.45 -52.53 48.03
C GLU A 967 -33.07 -52.38 46.55
N ARG A 968 -31.76 -52.26 46.30
CA ARG A 968 -31.24 -52.01 44.97
C ARG A 968 -30.65 -53.25 44.30
N LEU A 969 -30.09 -54.16 45.09
CA LEU A 969 -29.42 -55.35 44.54
C LEU A 969 -30.35 -56.19 43.64
N ASN A 970 -31.63 -56.19 43.98
CA ASN A 970 -32.63 -56.99 43.30
C ASN A 970 -33.23 -56.34 42.04
N LEU A 971 -32.97 -55.05 41.85
CA LEU A 971 -33.58 -54.29 40.75
C LEU A 971 -32.88 -54.41 39.38
N PRO A 972 -33.68 -54.49 38.30
CA PRO A 972 -33.19 -54.36 36.92
C PRO A 972 -32.74 -52.93 36.69
N ILE A 973 -31.73 -52.73 35.84
CA ILE A 973 -31.09 -51.41 35.61
C ILE A 973 -32.09 -50.29 35.35
N THR A 974 -33.10 -50.58 34.53
CA THR A 974 -34.20 -49.66 34.24
C THR A 974 -34.79 -49.06 35.52
N GLN A 975 -35.23 -49.92 36.42
CA GLN A 975 -35.84 -49.52 37.68
C GLN A 975 -34.85 -48.85 38.62
N LEU A 976 -33.61 -49.33 38.62
CA LEU A 976 -32.54 -48.73 39.43
C LEU A 976 -32.34 -47.25 39.08
N VAL A 977 -32.49 -46.93 37.80
CA VAL A 977 -32.36 -45.56 37.32
C VAL A 977 -33.62 -44.73 37.64
N LYS A 978 -34.78 -45.39 37.70
CA LYS A 978 -36.02 -44.71 38.07
C LYS A 978 -35.94 -44.19 39.50
N LEU A 979 -35.28 -44.96 40.36
CA LEU A 979 -35.20 -44.69 41.80
C LEU A 979 -34.23 -43.56 42.09
N VAL A 980 -32.98 -43.71 41.63
CA VAL A 980 -31.94 -42.71 41.88
C VAL A 980 -32.29 -41.35 41.27
N THR A 981 -32.87 -41.34 40.08
CA THR A 981 -33.28 -40.10 39.44
C THR A 981 -34.67 -39.72 39.91
N LYS A 982 -34.74 -38.63 40.68
CA LYS A 982 -36.00 -38.10 41.26
C LYS A 982 -37.20 -38.25 40.33
N LYS A 983 -36.97 -38.05 39.03
CA LYS A 983 -37.93 -38.41 37.98
C LYS A 983 -37.14 -38.92 36.77
N ASP A 984 -37.19 -40.22 36.51
CA ASP A 984 -36.69 -40.74 35.24
C ASP A 984 -37.41 -41.96 34.73
N ILE A 985 -37.76 -41.89 33.44
CA ILE A 985 -38.24 -43.01 32.63
C ILE A 985 -37.80 -42.79 31.15
N PRO A 986 -36.75 -43.51 30.70
CA PRO A 986 -36.12 -43.52 29.35
C PRO A 986 -36.98 -43.29 28.09
N ALA A 987 -37.92 -44.20 27.81
CA ALA A 987 -39.00 -44.05 26.78
C ALA A 987 -38.77 -44.60 25.36
N HIS A 988 -37.64 -44.26 24.75
CA HIS A 988 -37.33 -44.66 23.37
C HIS A 988 -35.90 -45.22 23.29
N VAL A 989 -35.25 -45.25 24.44
CA VAL A 989 -33.85 -45.63 24.58
C VAL A 989 -33.76 -47.16 24.48
N SER A 990 -32.84 -47.65 23.67
CA SER A 990 -32.59 -49.09 23.59
C SER A 990 -31.21 -49.47 24.16
N THR A 991 -30.45 -48.45 24.52
CA THR A 991 -29.09 -48.66 25.01
C THR A 991 -28.78 -47.82 26.24
N MET A 992 -28.04 -48.38 27.18
CA MET A 992 -27.58 -47.62 28.33
C MET A 992 -26.10 -47.81 28.57
N ILE A 993 -25.40 -46.70 28.70
CA ILE A 993 -24.01 -46.68 29.11
C ILE A 993 -23.91 -46.61 30.63
N LEU A 994 -23.12 -47.51 31.19
CA LEU A 994 -22.84 -47.48 32.61
C LEU A 994 -21.35 -47.42 32.83
N GLU A 995 -20.92 -46.56 33.75
CA GLU A 995 -19.53 -46.52 34.14
C GLU A 995 -19.32 -47.27 35.42
N ILE A 996 -18.10 -47.76 35.59
CA ILE A 996 -17.80 -48.72 36.64
C ILE A 996 -16.47 -48.47 37.31
N CYS A 997 -16.43 -48.68 38.62
CA CYS A 997 -15.18 -48.82 39.33
C CYS A 997 -15.12 -50.23 39.88
N ALA A 998 -13.97 -50.88 39.67
CA ALA A 998 -13.79 -52.27 40.09
C ALA A 998 -12.44 -52.56 40.73
N ASP A 999 -12.44 -53.53 41.62
CA ASP A 999 -11.21 -54.08 42.16
C ASP A 999 -10.94 -55.37 41.42
N ASP A 1000 -9.66 -55.60 41.12
CA ASP A 1000 -9.21 -56.78 40.36
C ASP A 1000 -9.12 -58.07 41.20
N LYS A 1001 -8.63 -59.13 40.55
CA LYS A 1001 -8.46 -60.46 41.15
C LYS A 1001 -7.52 -60.44 42.36
N GLU A 1002 -6.71 -59.39 42.46
CA GLU A 1002 -5.76 -59.26 43.57
C GLU A 1002 -6.20 -58.26 44.66
N GLY A 1003 -7.34 -57.60 44.46
CA GLY A 1003 -7.89 -56.66 45.43
C GLY A 1003 -7.64 -55.18 45.18
N GLU A 1004 -6.74 -54.85 44.27
CA GLU A 1004 -6.41 -53.46 43.97
C GLU A 1004 -7.40 -52.89 42.95
N ASP A 1005 -7.47 -51.56 42.91
CA ASP A 1005 -8.41 -50.84 42.05
C ASP A 1005 -7.89 -50.74 40.61
N VAL A 1006 -8.76 -50.97 39.64
CA VAL A 1006 -8.36 -50.93 38.22
C VAL A 1006 -9.29 -50.13 37.33
N GLU A 1007 -8.70 -49.43 36.37
CA GLU A 1007 -9.42 -48.84 35.25
C GLU A 1007 -9.97 -49.95 34.36
N VAL A 1008 -11.21 -49.76 33.92
CA VAL A 1008 -11.98 -50.82 33.28
C VAL A 1008 -12.92 -50.24 32.20
N PRO A 1009 -13.10 -50.99 31.08
CA PRO A 1009 -14.01 -50.56 29.99
C PRO A 1009 -15.37 -50.14 30.54
N PHE A 1010 -16.13 -49.35 29.79
CA PHE A 1010 -17.49 -49.06 30.24
C PHE A 1010 -18.43 -50.23 29.96
N ILE A 1011 -19.66 -50.09 30.41
CA ILE A 1011 -20.70 -51.07 30.15
C ILE A 1011 -21.77 -50.54 29.22
N THR A 1012 -22.21 -51.38 28.30
CA THR A 1012 -23.40 -51.13 27.50
C THR A 1012 -24.47 -52.15 27.85
N ILE A 1013 -25.61 -51.67 28.36
CA ILE A 1013 -26.78 -52.53 28.54
C ILE A 1013 -27.72 -52.41 27.34
N HIS A 1014 -27.94 -53.53 26.67
CA HIS A 1014 -28.87 -53.61 25.56
C HIS A 1014 -30.24 -54.00 26.10
N LEU A 1015 -31.23 -53.14 25.88
CA LEU A 1015 -32.55 -53.33 26.48
C LEU A 1015 -33.37 -54.38 25.75
N ALA B 2 -11.24 -0.21 -10.36
CA ALA B 2 -10.43 -0.13 -11.61
C ALA B 2 -8.97 0.25 -11.30
N GLY B 3 -8.04 -0.56 -11.77
CA GLY B 3 -6.62 -0.23 -11.75
C GLY B 3 -6.26 0.73 -12.88
N GLU B 4 -7.31 1.29 -13.49
CA GLU B 4 -7.20 2.14 -14.68
C GLU B 4 -6.56 3.51 -14.37
N ILE B 5 -5.33 3.67 -14.81
CA ILE B 5 -4.63 4.96 -14.78
C ILE B 5 -4.52 5.44 -16.20
N ASP B 6 -5.37 6.40 -16.59
CA ASP B 6 -5.23 7.03 -17.90
C ASP B 6 -3.90 7.80 -17.93
N GLU B 7 -2.87 7.14 -18.44
CA GLU B 7 -1.54 7.72 -18.48
C GLU B 7 -1.50 8.89 -19.48
N SER B 8 -2.34 8.84 -20.51
CA SER B 8 -2.41 9.94 -21.46
C SER B 8 -3.00 11.20 -20.83
N LEU B 9 -3.81 11.04 -19.79
CA LEU B 9 -4.31 12.19 -19.08
C LEU B 9 -3.36 12.54 -17.95
N TYR B 10 -2.87 11.53 -17.23
CA TYR B 10 -2.17 11.77 -15.98
C TYR B 10 -0.63 11.72 -16.06
N SER B 11 -0.10 11.43 -17.24
CA SER B 11 1.36 11.38 -17.49
C SER B 11 2.21 12.17 -16.47
N ARG B 12 2.19 13.49 -16.55
CA ARG B 12 3.11 14.33 -15.78
C ARG B 12 2.88 14.23 -14.28
N GLN B 13 1.63 14.05 -13.89
CA GLN B 13 1.26 13.89 -12.49
C GLN B 13 1.71 12.52 -12.01
N LEU B 14 1.54 11.51 -12.86
CA LEU B 14 1.91 10.15 -12.53
C LEU B 14 3.38 10.01 -12.17
N TYR B 15 4.23 10.91 -12.67
CA TYR B 15 5.65 10.88 -12.27
C TYR B 15 5.95 11.59 -10.93
N VAL B 16 4.98 12.32 -10.40
CA VAL B 16 5.11 12.95 -9.08
C VAL B 16 4.59 12.00 -7.98
N LEU B 17 3.33 11.58 -8.09
CA LEU B 17 2.78 10.54 -7.23
C LEU B 17 2.97 9.21 -7.99
N GLY B 18 3.03 8.07 -7.30
CA GLY B 18 3.18 6.84 -8.08
C GLY B 18 1.85 6.29 -8.58
N LYS B 19 1.91 5.09 -9.16
CA LYS B 19 0.70 4.35 -9.51
C LYS B 19 -0.05 4.02 -8.22
N GLU B 20 0.68 3.63 -7.19
CA GLU B 20 0.02 3.18 -5.96
C GLU B 20 -0.76 4.27 -5.23
N ALA B 21 -0.23 5.50 -5.24
CA ALA B 21 -0.88 6.62 -4.59
C ALA B 21 -2.17 6.99 -5.31
N MET B 22 -2.15 6.87 -6.64
CA MET B 22 -3.29 7.30 -7.44
C MET B 22 -4.39 6.28 -7.40
N LEU B 23 -4.03 5.02 -7.19
CA LEU B 23 -5.03 4.02 -6.93
C LEU B 23 -5.70 4.25 -5.57
N LYS B 24 -4.94 4.67 -4.56
CA LYS B 24 -5.58 5.02 -3.29
C LYS B 24 -6.47 6.25 -3.47
N MET B 25 -5.95 7.26 -4.15
CA MET B 25 -6.69 8.51 -4.40
C MET B 25 -8.05 8.30 -5.06
N GLN B 26 -8.13 7.27 -5.90
CA GLN B 26 -9.35 6.96 -6.62
C GLN B 26 -10.36 6.20 -5.80
N THR B 27 -9.98 5.83 -4.60
CA THR B 27 -10.92 5.20 -3.68
C THR B 27 -11.30 6.20 -2.56
N SER B 28 -10.96 7.48 -2.75
CA SER B 28 -11.18 8.53 -1.74
C SER B 28 -12.31 9.52 -2.08
N ASN B 29 -13.30 9.60 -1.19
CA ASN B 29 -14.33 10.63 -1.31
C ASN B 29 -13.97 11.85 -0.47
N VAL B 30 -13.97 13.01 -1.13
CA VAL B 30 -13.51 14.28 -0.53
C VAL B 30 -14.70 15.26 -0.39
N LEU B 31 -14.80 15.94 0.76
CA LEU B 31 -15.83 16.96 0.98
C LEU B 31 -15.17 18.31 1.18
N ILE B 32 -15.62 19.31 0.44
CA ILE B 32 -15.15 20.66 0.69
C ILE B 32 -16.30 21.52 1.17
N LEU B 33 -16.07 22.19 2.29
CA LEU B 33 -17.06 23.02 2.89
C LEU B 33 -16.73 24.45 2.56
N GLY B 34 -17.59 25.12 1.80
CA GLY B 34 -17.35 26.52 1.46
C GLY B 34 -16.66 26.66 0.13
N LEU B 35 -17.27 27.46 -0.73
CA LEU B 35 -16.80 27.58 -2.08
C LEU B 35 -16.69 29.04 -2.51
N LYS B 36 -16.18 29.86 -1.61
CA LYS B 36 -15.50 31.08 -1.99
C LYS B 36 -14.18 30.70 -2.68
N GLY B 37 -13.33 31.70 -2.91
CA GLY B 37 -12.12 31.48 -3.66
C GLY B 37 -11.27 30.37 -3.12
N LEU B 38 -10.95 30.42 -1.83
CA LEU B 38 -10.10 29.42 -1.22
C LEU B 38 -10.61 28.00 -1.50
N GLY B 39 -11.90 27.78 -1.24
CA GLY B 39 -12.54 26.49 -1.46
C GLY B 39 -12.47 26.01 -2.89
N VAL B 40 -12.62 26.94 -3.83
CA VAL B 40 -12.70 26.56 -5.23
C VAL B 40 -11.30 26.30 -5.79
N GLU B 41 -10.30 27.04 -5.28
CA GLU B 41 -8.90 26.72 -5.56
C GLU B 41 -8.55 25.33 -5.04
N ILE B 42 -8.87 25.04 -3.78
CA ILE B 42 -8.67 23.69 -3.31
C ILE B 42 -9.40 22.69 -4.24
N ALA B 43 -10.67 22.96 -4.52
CA ALA B 43 -11.48 22.03 -5.29
C ALA B 43 -10.90 21.73 -6.68
N LYS B 44 -10.50 22.77 -7.39
CA LYS B 44 -9.97 22.64 -8.75
C LYS B 44 -8.79 21.66 -8.76
N ASN B 45 -7.85 21.92 -7.86
CA ASN B 45 -6.63 21.14 -7.77
C ASN B 45 -6.90 19.67 -7.43
N VAL B 46 -7.85 19.46 -6.52
CA VAL B 46 -8.14 18.11 -6.06
C VAL B 46 -8.89 17.35 -7.13
N VAL B 47 -9.84 18.01 -7.79
CA VAL B 47 -10.57 17.40 -8.90
C VAL B 47 -9.63 17.09 -10.07
N LEU B 48 -8.70 18.01 -10.33
CA LEU B 48 -7.74 17.79 -11.40
C LEU B 48 -6.89 16.58 -11.12
N ALA B 49 -6.40 16.46 -9.88
CA ALA B 49 -5.58 15.31 -9.45
C ALA B 49 -6.25 13.93 -9.58
N GLY B 50 -7.58 13.90 -9.53
CA GLY B 50 -8.34 12.66 -9.73
C GLY B 50 -8.59 11.86 -8.46
N VAL B 51 -9.65 12.19 -7.74
CA VAL B 51 -10.10 11.39 -6.58
C VAL B 51 -11.38 10.65 -6.96
N LYS B 52 -11.89 9.81 -6.06
CA LYS B 52 -13.07 9.01 -6.39
C LYS B 52 -14.27 9.91 -6.69
N SER B 53 -14.49 10.90 -5.82
CA SER B 53 -15.57 11.87 -6.01
C SER B 53 -15.29 13.14 -5.22
N MET B 54 -15.90 14.23 -5.65
CA MET B 54 -15.79 15.53 -5.00
C MET B 54 -17.16 16.05 -4.60
N THR B 55 -17.36 16.22 -3.31
CA THR B 55 -18.61 16.82 -2.86
C THR B 55 -18.32 18.17 -2.29
N VAL B 56 -19.24 19.05 -2.54
CA VAL B 56 -19.06 20.44 -2.33
C VAL B 56 -20.28 20.93 -1.56
N PHE B 57 -20.03 21.73 -0.53
CA PHE B 57 -21.09 22.32 0.27
C PHE B 57 -20.90 23.81 0.50
N ASP B 58 -21.71 24.60 -0.20
CA ASP B 58 -21.85 26.03 0.09
C ASP B 58 -23.26 26.46 -0.33
N PRO B 59 -24.19 26.52 0.64
CA PRO B 59 -25.58 26.96 0.42
C PRO B 59 -25.78 28.48 0.39
N GLU B 60 -24.70 29.25 0.52
CA GLU B 60 -24.77 30.71 0.60
C GLU B 60 -24.94 31.36 -0.78
N PRO B 61 -25.75 32.43 -0.86
CA PRO B 61 -25.92 33.05 -2.16
C PRO B 61 -24.71 33.86 -2.60
N VAL B 62 -24.47 33.88 -3.92
CA VAL B 62 -23.39 34.66 -4.51
C VAL B 62 -23.66 36.17 -4.44
N GLN B 63 -22.72 36.91 -3.89
CA GLN B 63 -22.72 38.36 -3.91
C GLN B 63 -21.52 38.89 -4.68
N LEU B 64 -21.67 40.06 -5.29
CA LEU B 64 -20.61 40.61 -6.12
C LEU B 64 -19.20 40.45 -5.53
N ALA B 65 -19.06 40.75 -4.25
CA ALA B 65 -17.75 40.70 -3.56
C ALA B 65 -17.05 39.35 -3.62
N ASP B 66 -17.81 38.26 -3.63
CA ASP B 66 -17.27 36.89 -3.76
C ASP B 66 -16.37 36.71 -4.99
N LEU B 67 -16.70 37.41 -6.06
CA LEU B 67 -15.94 37.34 -7.32
C LEU B 67 -14.46 37.77 -7.20
N SER B 68 -14.09 38.37 -6.07
CA SER B 68 -12.71 38.78 -5.81
C SER B 68 -11.69 37.70 -6.17
N THR B 69 -12.05 36.47 -5.83
CA THR B 69 -11.14 35.32 -5.81
C THR B 69 -11.75 34.04 -6.42
N GLN B 70 -13.07 34.03 -6.62
CA GLN B 70 -13.75 32.86 -7.09
C GLN B 70 -13.91 32.94 -8.60
N PHE B 71 -12.91 32.45 -9.32
CA PHE B 71 -12.82 32.52 -10.79
C PHE B 71 -13.92 31.78 -11.54
N PHE B 72 -14.69 30.97 -10.82
CA PHE B 72 -15.79 30.22 -11.41
C PHE B 72 -17.14 30.91 -11.20
N LEU B 73 -17.14 32.08 -10.60
CA LEU B 73 -18.37 32.85 -10.42
C LEU B 73 -18.47 33.96 -11.44
N THR B 74 -19.69 34.28 -11.86
CA THR B 74 -19.92 35.42 -12.77
C THR B 74 -20.99 36.36 -12.20
N GLU B 75 -21.03 37.58 -12.74
CA GLU B 75 -22.01 38.59 -12.37
C GLU B 75 -23.41 38.07 -12.60
N LYS B 76 -23.56 37.21 -13.61
CA LYS B 76 -24.86 36.57 -13.92
C LYS B 76 -25.39 35.60 -12.85
N ASP B 77 -24.49 35.12 -11.97
CA ASP B 77 -24.81 34.12 -10.94
C ASP B 77 -25.25 34.73 -9.61
N ILE B 78 -25.32 36.05 -9.53
CA ILE B 78 -25.60 36.73 -8.25
C ILE B 78 -27.00 36.41 -7.73
N GLY B 79 -27.04 35.83 -6.54
CA GLY B 79 -28.31 35.42 -5.94
C GLY B 79 -28.40 33.91 -5.82
N GLN B 80 -27.83 33.19 -6.77
CA GLN B 80 -27.79 31.73 -6.71
C GLN B 80 -26.86 31.23 -5.60
N LYS B 81 -27.10 30.01 -5.12
CA LYS B 81 -26.19 29.35 -4.15
C LYS B 81 -24.81 29.07 -4.78
N ARG B 82 -23.74 29.36 -4.04
CA ARG B 82 -22.36 29.17 -4.54
C ARG B 82 -22.05 27.75 -4.93
N GLY B 83 -22.49 26.79 -4.11
CA GLY B 83 -22.33 25.38 -4.44
C GLY B 83 -22.88 25.05 -5.82
N ASP B 84 -24.17 25.35 -6.02
CA ASP B 84 -24.88 25.02 -7.26
C ASP B 84 -24.26 25.53 -8.55
N VAL B 85 -23.77 26.77 -8.55
CA VAL B 85 -23.29 27.36 -9.79
C VAL B 85 -21.87 26.94 -10.07
N THR B 86 -21.20 26.41 -9.04
CA THR B 86 -19.82 26.01 -9.13
C THR B 86 -19.67 24.55 -9.60
N ARG B 87 -20.65 23.69 -9.30
CA ARG B 87 -20.41 22.25 -9.51
C ARG B 87 -20.24 21.90 -10.98
N ALA B 88 -20.97 22.58 -11.85
CA ALA B 88 -20.90 22.30 -13.28
C ALA B 88 -19.53 22.66 -13.80
N LYS B 89 -18.94 23.71 -13.24
CA LYS B 89 -17.65 24.19 -13.70
C LYS B 89 -16.50 23.36 -13.16
N LEU B 90 -16.67 22.80 -11.97
CA LEU B 90 -15.72 21.82 -11.44
C LEU B 90 -15.79 20.51 -12.22
N ALA B 91 -16.99 20.11 -12.63
CA ALA B 91 -17.19 18.84 -13.35
C ALA B 91 -16.48 18.77 -14.70
N GLU B 92 -16.36 19.90 -15.36
CA GLU B 92 -15.66 20.01 -16.64
C GLU B 92 -14.13 19.89 -16.55
N LEU B 93 -13.58 19.96 -15.34
CA LEU B 93 -12.13 19.87 -15.16
C LEU B 93 -11.54 18.47 -15.35
N ASN B 94 -12.31 17.46 -14.98
CA ASN B 94 -11.86 16.07 -15.07
C ASN B 94 -13.08 15.14 -15.03
N ALA B 95 -13.49 14.71 -16.23
CA ALA B 95 -14.65 13.82 -16.40
C ALA B 95 -14.55 12.49 -15.64
N TYR B 96 -13.38 12.19 -15.08
CA TYR B 96 -13.25 10.98 -14.28
C TYR B 96 -13.81 11.15 -12.89
N VAL B 97 -13.84 12.39 -12.40
CA VAL B 97 -14.32 12.71 -11.06
C VAL B 97 -15.75 13.25 -11.08
N PRO B 98 -16.69 12.51 -10.47
CA PRO B 98 -18.03 13.04 -10.24
C PRO B 98 -17.92 14.16 -9.22
N VAL B 99 -18.67 15.23 -9.46
CA VAL B 99 -18.73 16.35 -8.54
C VAL B 99 -20.17 16.54 -8.07
N ASN B 100 -20.39 16.42 -6.77
CA ASN B 100 -21.73 16.54 -6.21
C ASN B 100 -21.89 17.69 -5.25
N VAL B 101 -23.12 18.14 -5.09
CA VAL B 101 -23.47 19.18 -4.13
C VAL B 101 -24.18 18.52 -2.97
N LEU B 102 -23.89 19.02 -1.77
CA LEU B 102 -24.57 18.66 -0.55
C LEU B 102 -25.43 19.86 -0.16
N ASP B 103 -26.73 19.64 0.01
CA ASP B 103 -27.68 20.73 0.28
C ASP B 103 -27.75 21.19 1.73
N SER B 104 -27.53 20.28 2.66
CA SER B 104 -27.73 20.55 4.09
C SER B 104 -26.59 20.02 4.95
N LEU B 105 -26.22 20.78 5.98
CA LEU B 105 -25.27 20.27 6.94
C LEU B 105 -25.61 20.60 8.40
N ASP B 106 -26.72 20.07 8.89
CA ASP B 106 -26.99 20.12 10.32
C ASP B 106 -26.67 18.76 10.93
N ASP B 107 -26.94 17.70 10.17
CA ASP B 107 -26.52 16.36 10.55
C ASP B 107 -25.03 16.11 10.26
N VAL B 108 -24.21 16.39 11.28
CA VAL B 108 -22.80 16.02 11.31
C VAL B 108 -22.54 14.54 10.93
N THR B 109 -23.55 13.69 11.12
CA THR B 109 -23.49 12.25 10.80
C THR B 109 -23.32 11.93 9.32
N GLN B 110 -23.75 12.84 8.46
CA GLN B 110 -23.59 12.70 7.02
C GLN B 110 -22.11 12.63 6.64
N LEU B 111 -21.26 13.25 7.48
CA LEU B 111 -19.83 13.28 7.22
C LEU B 111 -19.23 11.90 7.13
N SER B 112 -19.88 10.92 7.75
CA SER B 112 -19.25 9.62 7.95
C SER B 112 -18.93 8.90 6.64
N GLN B 113 -19.53 9.34 5.54
CA GLN B 113 -19.28 8.72 4.23
C GLN B 113 -18.04 9.23 3.47
N PHE B 114 -17.36 10.28 3.97
CA PHE B 114 -16.17 10.81 3.30
C PHE B 114 -14.90 10.34 3.97
N GLN B 115 -13.79 10.40 3.24
CA GLN B 115 -12.51 10.00 3.80
C GLN B 115 -11.77 11.25 4.23
N VAL B 116 -11.91 12.33 3.46
CA VAL B 116 -11.26 13.59 3.78
C VAL B 116 -12.28 14.71 3.85
N VAL B 117 -12.16 15.60 4.83
CA VAL B 117 -13.11 16.74 4.95
C VAL B 117 -12.32 18.05 5.05
N VAL B 118 -12.64 19.02 4.21
CA VAL B 118 -11.88 20.26 4.19
C VAL B 118 -12.79 21.40 4.57
N ALA B 119 -12.46 22.06 5.66
CA ALA B 119 -13.24 23.16 6.17
C ALA B 119 -12.52 24.46 5.88
N THR B 120 -13.25 25.33 5.21
CA THR B 120 -12.72 26.49 4.53
C THR B 120 -13.11 27.77 5.29
N ASP B 121 -12.71 28.93 4.75
CA ASP B 121 -12.89 30.24 5.42
C ASP B 121 -14.35 30.61 5.70
N THR B 122 -15.25 29.72 5.31
CA THR B 122 -16.69 29.87 5.36
C THR B 122 -17.30 29.33 6.65
N VAL B 123 -16.47 28.65 7.43
CA VAL B 123 -16.92 27.86 8.55
C VAL B 123 -16.32 28.46 9.80
N SER B 124 -17.17 28.77 10.78
CA SER B 124 -16.70 29.32 12.04
C SER B 124 -15.81 28.31 12.76
N LEU B 125 -14.93 28.82 13.62
CA LEU B 125 -14.08 28.00 14.48
C LEU B 125 -14.90 27.12 15.42
N GLU B 126 -16.04 27.66 15.88
CA GLU B 126 -16.97 26.88 16.67
C GLU B 126 -17.37 25.66 15.86
N ASP B 127 -17.76 25.89 14.60
CA ASP B 127 -18.17 24.80 13.73
C ASP B 127 -17.01 23.90 13.34
N LYS B 128 -15.81 24.47 13.18
CA LYS B 128 -14.64 23.66 12.87
C LYS B 128 -14.31 22.71 14.03
N VAL B 129 -14.39 23.20 15.27
CA VAL B 129 -14.09 22.34 16.42
C VAL B 129 -15.06 21.16 16.47
N LYS B 130 -16.34 21.44 16.20
CA LYS B 130 -17.38 20.41 16.24
C LYS B 130 -17.19 19.39 15.13
N ILE B 131 -16.94 19.88 13.92
CA ILE B 131 -16.75 19.03 12.77
C ILE B 131 -15.51 18.17 12.94
N ASN B 132 -14.41 18.77 13.39
CA ASN B 132 -13.16 18.02 13.59
C ASN B 132 -13.31 16.96 14.66
N GLU B 133 -14.09 17.24 15.70
CA GLU B 133 -14.27 16.27 16.78
C GLU B 133 -14.93 15.01 16.27
N PHE B 134 -15.92 15.17 15.39
CA PHE B 134 -16.61 14.02 14.81
C PHE B 134 -15.67 13.24 13.88
N CYS B 135 -14.96 13.97 13.00
CA CYS B 135 -13.99 13.35 12.10
C CYS B 135 -12.91 12.59 12.89
N HIS B 136 -12.24 13.26 13.82
CA HIS B 136 -11.17 12.65 14.58
C HIS B 136 -11.58 11.35 15.30
N SER B 137 -12.63 11.42 16.11
CA SER B 137 -13.15 10.23 16.78
C SER B 137 -13.74 9.20 15.80
N SER B 138 -14.03 9.62 14.58
CA SER B 138 -14.64 8.75 13.55
C SER B 138 -13.64 8.15 12.58
N GLY B 139 -12.38 8.58 12.60
CA GLY B 139 -11.40 8.10 11.64
C GLY B 139 -11.40 8.85 10.31
N ILE B 140 -12.27 9.85 10.15
CA ILE B 140 -12.25 10.70 8.98
C ILE B 140 -11.16 11.78 9.07
N ARG B 141 -10.37 11.90 8.01
CA ARG B 141 -9.25 12.88 7.93
C ARG B 141 -9.74 14.31 7.76
N PHE B 142 -9.18 15.24 8.54
CA PHE B 142 -9.70 16.61 8.60
C PHE B 142 -8.60 17.62 8.31
N ILE B 143 -8.92 18.60 7.48
CA ILE B 143 -8.02 19.70 7.13
C ILE B 143 -8.82 21.00 7.16
N SER B 144 -8.18 22.06 7.62
CA SER B 144 -8.82 23.34 7.77
C SER B 144 -7.96 24.41 7.13
N SER B 145 -8.58 25.39 6.50
CA SER B 145 -7.84 26.55 6.03
C SER B 145 -8.67 27.81 6.10
N GLU B 146 -7.99 28.92 6.22
CA GLU B 146 -8.66 30.21 6.10
C GLU B 146 -7.69 31.26 5.69
N THR B 147 -8.24 32.30 5.08
CA THR B 147 -7.50 33.39 4.48
C THR B 147 -8.21 34.65 4.93
N ARG B 148 -7.46 35.64 5.40
CA ARG B 148 -8.05 36.91 5.82
C ARG B 148 -7.06 37.99 5.37
N GLY B 149 -7.35 38.63 4.23
CA GLY B 149 -6.44 39.60 3.64
C GLY B 149 -5.09 38.95 3.38
N LEU B 150 -4.00 39.64 3.75
CA LEU B 150 -2.64 39.12 3.50
C LEU B 150 -2.17 38.04 4.51
N PHE B 151 -3.14 37.43 5.18
CA PHE B 151 -2.91 36.50 6.27
C PHE B 151 -3.60 35.21 5.92
N GLY B 152 -3.06 34.11 6.40
CA GLY B 152 -3.71 32.83 6.25
C GLY B 152 -3.12 31.75 7.14
N ASN B 153 -3.92 30.73 7.39
CA ASN B 153 -3.44 29.53 8.07
C ASN B 153 -4.01 28.27 7.46
N THR B 154 -3.38 27.16 7.81
CA THR B 154 -3.98 25.85 7.54
C THR B 154 -3.77 24.94 8.74
N PHE B 155 -4.72 24.03 8.97
CA PHE B 155 -4.61 23.06 10.04
C PHE B 155 -4.88 21.67 9.53
N VAL B 156 -4.08 20.70 9.99
CA VAL B 156 -4.19 19.32 9.55
C VAL B 156 -4.34 18.33 10.71
N ASP B 157 -5.31 17.42 10.58
CA ASP B 157 -5.60 16.39 11.59
C ASP B 157 -6.03 15.12 10.88
N LEU B 158 -5.10 14.21 10.71
CA LEU B 158 -5.36 13.04 9.90
C LEU B 158 -5.75 11.85 10.76
N GLY B 159 -5.93 12.09 12.05
CA GLY B 159 -6.35 11.07 12.97
C GLY B 159 -5.27 10.57 13.91
N ASP B 160 -5.67 9.65 14.77
CA ASP B 160 -4.81 9.09 15.77
C ASP B 160 -3.77 8.13 15.19
N GLU B 161 -4.09 7.53 14.06
CA GLU B 161 -3.23 6.58 13.35
C GLU B 161 -3.20 6.94 11.88
N PHE B 162 -2.05 7.40 11.39
CA PHE B 162 -1.90 7.61 9.95
C PHE B 162 -0.55 7.09 9.52
N THR B 163 -0.52 6.37 8.39
CA THR B 163 0.75 5.85 7.86
C THR B 163 1.27 6.56 6.61
N VAL B 164 2.48 7.10 6.73
CA VAL B 164 3.22 7.62 5.58
C VAL B 164 3.96 6.43 4.99
N LEU B 165 3.73 6.16 3.71
CA LEU B 165 4.38 5.08 2.98
C LEU B 165 5.68 5.54 2.30
N ASP B 166 5.79 6.85 2.09
CA ASP B 166 6.90 7.49 1.39
C ASP B 166 7.01 8.98 1.77
N PRO B 167 8.04 9.36 2.56
CA PRO B 167 8.06 10.71 3.16
C PRO B 167 8.44 11.86 2.19
N THR B 168 9.16 11.55 1.12
CA THR B 168 9.69 12.52 0.19
C THR B 168 9.33 11.99 -1.18
N GLY B 169 9.34 12.79 -2.22
CA GLY B 169 9.11 12.14 -3.50
C GLY B 169 10.27 11.33 -4.08
N GLU B 170 11.37 11.26 -3.35
CA GLU B 170 12.68 10.99 -3.98
C GLU B 170 12.94 9.57 -4.47
N GLU B 171 13.63 9.48 -5.60
CA GLU B 171 14.03 8.18 -6.14
C GLU B 171 14.94 7.51 -5.13
N PRO B 172 14.69 6.23 -4.81
CA PRO B 172 15.58 5.55 -3.86
C PRO B 172 17.04 5.63 -4.29
N ARG B 173 17.93 5.93 -3.34
CA ARG B 173 19.36 5.90 -3.67
C ARG B 173 19.80 4.46 -3.91
N THR B 174 20.80 4.30 -4.75
CA THR B 174 21.30 2.98 -5.10
C THR B 174 22.80 3.11 -5.34
N GLY B 175 23.56 2.03 -5.18
CA GLY B 175 24.99 2.12 -5.39
C GLY B 175 25.72 0.79 -5.46
N MET B 176 26.88 0.81 -6.09
CA MET B 176 27.72 -0.36 -6.25
C MET B 176 28.71 -0.46 -5.09
N VAL B 177 28.93 -1.70 -4.64
CA VAL B 177 29.76 -2.02 -3.47
C VAL B 177 31.20 -2.44 -3.84
N SER B 178 32.18 -1.88 -3.13
CA SER B 178 33.61 -2.21 -3.29
C SER B 178 34.06 -3.24 -2.25
N ASP B 179 33.50 -3.14 -1.04
CA ASP B 179 33.86 -3.99 0.07
C ASP B 179 32.79 -3.92 1.17
N ILE B 180 32.45 -5.08 1.74
CA ILE B 180 31.70 -5.09 3.01
C ILE B 180 32.54 -5.80 4.08
N GLU B 181 32.95 -5.07 5.12
CA GLU B 181 33.87 -5.67 6.09
C GLU B 181 33.12 -6.51 7.12
N PRO B 182 33.84 -7.40 7.84
CA PRO B 182 33.26 -8.17 8.93
C PRO B 182 32.37 -7.36 9.88
N ASP B 183 32.86 -6.21 10.35
CA ASP B 183 32.10 -5.32 11.24
C ASP B 183 30.92 -4.63 10.53
N GLY B 184 30.82 -4.81 9.22
CA GLY B 184 29.68 -4.29 8.48
C GLY B 184 29.90 -2.92 7.87
N THR B 185 31.16 -2.49 7.80
CA THR B 185 31.45 -1.25 7.11
C THR B 185 31.52 -1.48 5.60
N VAL B 186 30.59 -0.83 4.90
CA VAL B 186 30.40 -0.95 3.45
C VAL B 186 31.19 0.17 2.78
N THR B 187 31.97 -0.18 1.76
CA THR B 187 32.72 0.82 1.04
C THR B 187 32.22 0.93 -0.40
N MET B 188 32.05 2.16 -0.86
CA MET B 188 31.58 2.46 -2.19
C MET B 188 32.70 2.24 -3.20
N LEU B 189 32.29 1.88 -4.40
CA LEU B 189 33.17 1.72 -5.52
C LEU B 189 33.86 3.04 -5.81
N ASP B 190 35.19 3.02 -5.81
CA ASP B 190 35.98 4.23 -6.01
C ASP B 190 35.28 5.49 -5.55
N ASP B 191 34.82 6.31 -6.50
CA ASP B 191 34.39 7.68 -6.23
C ASP B 191 32.89 7.88 -5.95
N ASN B 192 32.07 6.88 -6.24
CA ASN B 192 30.61 6.98 -6.13
C ASN B 192 30.14 7.33 -4.72
N ARG B 193 29.29 8.35 -4.61
CA ARG B 193 28.70 8.73 -3.31
C ARG B 193 27.41 7.95 -3.03
N HIS B 194 27.23 7.46 -1.81
CA HIS B 194 26.05 6.66 -1.50
C HIS B 194 24.81 7.54 -1.32
N GLY B 195 25.03 8.78 -0.89
CA GLY B 195 23.97 9.78 -0.80
C GLY B 195 23.01 9.59 0.36
N LEU B 196 23.27 8.56 1.18
CA LEU B 196 22.43 8.21 2.31
C LEU B 196 22.62 9.09 3.56
N GLU B 197 21.66 8.95 4.46
CA GLU B 197 21.54 9.68 5.70
C GLU B 197 21.37 8.64 6.83
N ASP B 198 21.85 8.95 8.04
CA ASP B 198 21.68 8.03 9.17
C ASP B 198 20.23 7.62 9.28
N GLY B 199 19.98 6.33 9.41
CA GLY B 199 18.62 5.84 9.61
C GLY B 199 17.92 5.43 8.34
N ASN B 200 18.52 5.73 7.19
CA ASN B 200 18.07 5.14 5.95
C ASN B 200 18.14 3.63 6.05
N PHE B 201 17.24 2.96 5.33
CA PHE B 201 17.26 1.50 5.28
C PHE B 201 17.67 1.02 3.92
N VAL B 202 18.36 -0.10 3.91
CA VAL B 202 18.95 -0.54 2.67
C VAL B 202 18.83 -2.05 2.52
N ARG B 203 18.56 -2.50 1.30
CA ARG B 203 18.65 -3.93 0.99
C ARG B 203 19.84 -4.13 0.04
N PHE B 204 20.23 -5.40 -0.16
CA PHE B 204 21.41 -5.73 -0.96
C PHE B 204 21.15 -6.75 -2.04
N SER B 205 21.91 -6.64 -3.14
CA SER B 205 21.88 -7.57 -4.26
C SER B 205 23.30 -7.90 -4.66
N GLU B 206 23.51 -9.11 -5.18
CA GLU B 206 24.79 -9.51 -5.77
C GLU B 206 26.03 -9.48 -4.88
N VAL B 207 25.85 -9.44 -3.56
CA VAL B 207 26.99 -9.56 -2.67
C VAL B 207 27.32 -11.04 -2.52
N GLU B 208 28.36 -11.48 -3.23
CA GLU B 208 28.69 -12.89 -3.35
C GLU B 208 29.23 -13.56 -2.09
N GLY B 209 30.01 -12.84 -1.30
CA GLY B 209 30.55 -13.46 -0.08
C GLY B 209 29.58 -13.71 1.09
N LEU B 210 28.46 -13.00 1.09
CA LEU B 210 27.58 -12.95 2.27
C LEU B 210 26.13 -13.31 1.91
N ASP B 211 25.94 -14.50 1.35
CA ASP B 211 24.74 -14.75 0.52
C ASP B 211 23.37 -14.29 1.09
N LYS B 212 23.03 -14.66 2.33
CA LYS B 212 21.74 -14.26 2.93
C LYS B 212 21.56 -12.75 3.17
N LEU B 213 22.62 -11.98 2.98
CA LEU B 213 22.52 -10.53 2.99
C LEU B 213 21.72 -10.04 1.79
N ASN B 214 21.55 -10.90 0.80
CA ASN B 214 20.87 -10.55 -0.45
C ASN B 214 19.38 -10.89 -0.41
N ASP B 215 19.02 -11.72 0.57
CA ASP B 215 17.68 -11.92 1.15
C ASP B 215 16.50 -11.00 0.80
N GLY B 216 16.75 -9.69 0.69
CA GLY B 216 15.64 -8.71 0.68
C GLY B 216 15.43 -8.09 2.06
N THR B 217 16.19 -8.60 3.02
CA THR B 217 16.29 -8.09 4.38
C THR B 217 16.76 -6.62 4.37
N LEU B 218 16.28 -5.83 5.34
CA LEU B 218 16.68 -4.43 5.46
C LEU B 218 17.71 -4.17 6.57
N PHE B 219 18.63 -3.25 6.31
CA PHE B 219 19.68 -2.91 7.25
C PHE B 219 19.70 -1.40 7.48
N LYS B 220 19.69 -0.98 8.74
CA LYS B 220 19.73 0.45 9.08
C LYS B 220 21.13 1.01 8.84
N VAL B 221 21.21 2.24 8.36
CA VAL B 221 22.48 2.79 7.93
C VAL B 221 23.05 3.81 8.88
N GLU B 222 24.34 3.63 9.18
CA GLU B 222 25.16 4.56 9.95
C GLU B 222 26.21 5.13 9.00
N VAL B 223 26.12 6.42 8.71
CA VAL B 223 26.95 7.03 7.66
C VAL B 223 28.35 7.38 8.18
N LEU B 224 29.37 6.75 7.60
CA LEU B 224 30.75 7.00 8.02
C LEU B 224 31.36 8.18 7.29
N GLY B 225 31.33 8.14 5.97
CA GLY B 225 31.75 9.27 5.18
C GLY B 225 30.88 9.45 3.96
N PRO B 226 31.14 10.52 3.19
CA PRO B 226 30.61 10.65 1.85
C PRO B 226 30.61 9.32 1.10
N PHE B 227 31.61 8.48 1.35
CA PHE B 227 31.84 7.25 0.56
C PHE B 227 31.76 5.92 1.33
N ALA B 228 31.18 5.95 2.54
CA ALA B 228 31.11 4.75 3.37
C ALA B 228 29.95 4.75 4.36
N PHE B 229 29.36 3.59 4.60
CA PHE B 229 28.39 3.46 5.67
C PHE B 229 28.53 2.11 6.35
N ARG B 230 27.79 1.90 7.44
CA ARG B 230 27.90 0.68 8.23
C ARG B 230 26.53 0.11 8.56
N ILE B 231 26.44 -1.21 8.60
CA ILE B 231 25.18 -1.90 8.78
C ILE B 231 25.23 -2.93 9.90
N GLY B 232 26.17 -2.76 10.82
CA GLY B 232 26.32 -3.70 11.91
C GLY B 232 27.10 -4.93 11.47
N SER B 233 27.58 -5.68 12.45
CA SER B 233 28.33 -6.91 12.20
C SER B 233 27.69 -7.77 11.11
N VAL B 234 28.53 -8.48 10.38
CA VAL B 234 28.08 -9.21 9.21
C VAL B 234 28.65 -10.63 9.25
N LYS B 235 29.48 -10.89 10.27
CA LYS B 235 30.23 -12.12 10.42
C LYS B 235 29.40 -13.39 10.31
N GLU B 236 28.16 -13.38 10.79
CA GLU B 236 27.34 -14.58 10.67
C GLU B 236 26.68 -14.77 9.29
N TYR B 237 26.93 -13.84 8.37
CA TYR B 237 26.48 -13.98 6.99
C TYR B 237 27.56 -14.65 6.11
N GLY B 238 28.83 -14.54 6.51
CA GLY B 238 29.94 -15.13 5.76
C GLY B 238 31.15 -14.22 5.60
N GLU B 239 31.88 -14.39 4.50
CA GLU B 239 33.06 -13.61 4.16
C GLU B 239 32.79 -12.89 2.84
N TYR B 240 32.87 -11.56 2.80
CA TYR B 240 32.75 -10.79 1.53
C TYR B 240 33.77 -11.26 0.49
N LYS B 241 33.33 -11.34 -0.77
CA LYS B 241 34.21 -11.73 -1.90
C LYS B 241 34.26 -10.64 -2.98
N LYS B 242 33.12 -10.39 -3.64
CA LYS B 242 33.03 -9.34 -4.66
C LYS B 242 31.61 -8.95 -4.98
N GLY B 243 31.47 -7.98 -5.89
CA GLY B 243 30.19 -7.51 -6.35
C GLY B 243 29.40 -6.76 -5.30
N GLY B 244 28.13 -6.48 -5.62
CA GLY B 244 27.24 -5.89 -4.66
C GLY B 244 26.60 -4.59 -5.13
N ILE B 245 25.28 -4.55 -5.05
CA ILE B 245 24.53 -3.32 -5.24
C ILE B 245 23.70 -3.12 -3.97
N PHE B 246 23.72 -1.89 -3.44
CA PHE B 246 22.78 -1.54 -2.39
C PHE B 246 21.60 -0.78 -2.97
N THR B 247 20.44 -0.99 -2.38
CA THR B 247 19.26 -0.23 -2.75
C THR B 247 18.54 0.21 -1.49
N GLU B 248 18.32 1.51 -1.38
CA GLU B 248 17.53 2.08 -0.30
C GLU B 248 16.06 1.64 -0.40
N VAL B 249 15.45 1.48 0.76
CA VAL B 249 14.03 1.20 0.86
C VAL B 249 13.36 2.14 1.87
N LYS B 250 12.32 2.83 1.42
CA LYS B 250 11.43 3.58 2.30
C LYS B 250 10.57 2.62 3.11
N VAL B 251 10.56 2.79 4.42
CA VAL B 251 9.74 1.96 5.32
C VAL B 251 8.52 2.73 5.79
N PRO B 252 7.42 2.03 6.11
CA PRO B 252 6.30 2.84 6.58
C PRO B 252 6.55 3.51 7.94
N ARG B 253 5.97 4.70 8.14
CA ARG B 253 6.04 5.42 9.40
C ARG B 253 4.64 5.71 9.91
N LYS B 254 4.37 5.34 11.15
CA LYS B 254 3.08 5.68 11.76
C LYS B 254 3.22 6.90 12.65
N ILE B 255 2.32 7.85 12.42
CA ILE B 255 2.27 9.10 13.17
C ILE B 255 0.86 9.35 13.71
N SER B 256 0.75 10.13 14.77
CA SER B 256 -0.57 10.51 15.27
C SER B 256 -0.75 12.01 15.35
N PHE B 257 -1.94 12.44 14.97
CA PHE B 257 -2.35 13.81 15.08
C PHE B 257 -3.27 13.98 16.29
N LYS B 258 -3.23 15.16 16.86
CA LYS B 258 -4.09 15.55 17.96
C LYS B 258 -5.21 16.41 17.37
N SER B 259 -6.33 16.53 18.07
CA SER B 259 -7.53 17.19 17.52
C SER B 259 -7.37 18.71 17.49
N LEU B 260 -8.26 19.38 16.77
CA LEU B 260 -8.27 20.85 16.72
C LEU B 260 -8.42 21.48 18.10
N LYS B 261 -9.30 20.91 18.91
CA LYS B 261 -9.48 21.39 20.29
C LYS B 261 -8.16 21.36 21.07
N GLN B 262 -7.50 20.20 21.07
CA GLN B 262 -6.22 20.03 21.77
C GLN B 262 -5.19 20.96 21.16
N GLN B 263 -5.25 21.11 19.85
CA GLN B 263 -4.22 21.79 19.14
C GLN B 263 -4.34 23.33 19.23
N LEU B 264 -5.56 23.82 19.46
CA LEU B 264 -5.77 25.23 19.79
C LEU B 264 -5.07 25.64 21.07
N SER B 265 -5.16 24.76 22.08
CA SER B 265 -4.45 24.92 23.35
C SER B 265 -2.94 24.84 23.22
N ASN B 266 -2.48 23.90 22.41
CA ASN B 266 -1.09 23.49 22.42
C ASN B 266 -0.62 23.14 21.01
N PRO B 267 -0.32 24.16 20.20
CA PRO B 267 -0.22 24.04 18.76
C PRO B 267 0.69 23.01 18.07
N GLU B 268 2.02 23.11 18.13
CA GLU B 268 2.88 22.44 17.09
C GLU B 268 2.79 23.06 15.70
N PHE B 269 3.84 23.80 15.35
CA PHE B 269 3.87 24.65 14.17
C PHE B 269 4.73 24.07 13.05
N VAL B 270 4.32 24.29 11.81
CA VAL B 270 5.24 24.31 10.68
C VAL B 270 5.34 25.76 10.23
N PHE B 271 6.56 26.26 10.06
CA PHE B 271 6.75 27.69 9.79
C PHE B 271 6.73 27.98 8.31
N SER B 272 6.09 29.08 7.94
CA SER B 272 6.03 29.44 6.53
C SER B 272 7.28 30.22 6.14
N ASP B 273 7.81 30.99 7.09
CA ASP B 273 8.96 31.87 6.85
C ASP B 273 9.73 32.05 8.14
N PHE B 274 11.01 31.68 8.09
CA PHE B 274 11.85 31.69 9.29
C PHE B 274 12.20 33.08 9.78
N ALA B 275 12.24 34.04 8.86
CA ALA B 275 12.42 35.44 9.26
C ALA B 275 11.26 35.92 10.15
N LYS B 276 10.15 35.17 10.15
CA LYS B 276 8.96 35.55 10.91
C LYS B 276 8.52 34.51 11.94
N PHE B 277 9.45 33.68 12.41
CA PHE B 277 9.08 32.56 13.30
C PHE B 277 8.37 33.01 14.59
N ASP B 278 8.70 34.21 15.05
CA ASP B 278 8.04 34.80 16.20
C ASP B 278 6.55 35.06 15.92
N ARG B 279 6.19 35.30 14.66
CA ARG B 279 4.80 35.63 14.30
C ARG B 279 3.79 34.50 14.46
N ALA B 280 4.25 33.25 14.42
CA ALA B 280 3.36 32.11 14.36
C ALA B 280 2.55 32.03 15.63
N ALA B 281 3.23 32.25 16.75
CA ALA B 281 2.58 32.32 18.03
C ALA B 281 1.48 33.40 18.00
N GLN B 282 1.83 34.58 17.49
CA GLN B 282 0.95 35.75 17.54
C GLN B 282 -0.31 35.51 16.72
N LEU B 283 -0.12 35.14 15.46
CA LEU B 283 -1.20 34.82 14.58
C LEU B 283 -2.08 33.69 15.13
N HIS B 284 -1.46 32.72 15.80
CA HIS B 284 -2.24 31.66 16.43
C HIS B 284 -3.27 32.22 17.41
N LEU B 285 -2.90 33.25 18.15
CA LEU B 285 -3.86 33.89 19.03
C LEU B 285 -4.75 34.81 18.19
N GLY B 286 -4.14 35.48 17.22
CA GLY B 286 -4.85 36.41 16.36
C GLY B 286 -6.10 35.78 15.78
N PHE B 287 -5.95 34.61 15.16
CA PHE B 287 -7.07 33.96 14.49
C PHE B 287 -8.10 33.48 15.47
N GLN B 288 -7.68 33.04 16.63
CA GLN B 288 -8.65 32.66 17.66
C GLN B 288 -9.46 33.87 18.10
N ALA B 289 -8.77 34.98 18.38
CA ALA B 289 -9.41 36.24 18.73
C ALA B 289 -10.37 36.74 17.65
N LEU B 290 -10.02 36.50 16.38
CA LEU B 290 -10.91 36.84 15.26
C LEU B 290 -12.27 36.19 15.40
N HIS B 291 -12.27 34.90 15.70
CA HIS B 291 -13.50 34.18 15.90
C HIS B 291 -14.25 34.57 17.18
N GLN B 292 -13.51 34.86 18.25
CA GLN B 292 -14.11 35.47 19.46
C GLN B 292 -14.83 36.78 19.12
N PHE B 293 -14.18 37.61 18.32
CA PHE B 293 -14.77 38.86 17.84
C PHE B 293 -16.10 38.61 17.14
N ALA B 294 -16.12 37.65 16.24
CA ALA B 294 -17.33 37.27 15.52
C ALA B 294 -18.44 36.77 16.46
N VAL B 295 -18.11 35.87 17.38
CA VAL B 295 -19.07 35.42 18.40
C VAL B 295 -19.74 36.62 19.08
N ARG B 296 -18.94 37.59 19.49
CA ARG B 296 -19.45 38.77 20.18
C ARG B 296 -20.36 39.64 19.31
N HIS B 297 -20.11 39.64 18.00
CA HIS B 297 -20.72 40.57 17.06
C HIS B 297 -21.54 39.89 15.96
N ASN B 298 -22.50 39.04 16.32
CA ASN B 298 -23.38 38.39 15.33
C ASN B 298 -22.67 37.83 14.10
N GLY B 299 -21.53 37.17 14.33
CA GLY B 299 -20.77 36.56 13.24
C GLY B 299 -20.08 37.49 12.26
N GLU B 300 -20.09 38.80 12.53
CA GLU B 300 -19.33 39.74 11.70
C GLU B 300 -17.83 39.68 11.98
N LEU B 301 -17.02 39.85 10.93
CA LEU B 301 -15.60 40.10 11.14
C LEU B 301 -15.42 41.57 11.56
N PRO B 302 -14.26 41.90 12.15
CA PRO B 302 -13.88 43.30 12.32
C PRO B 302 -14.11 44.07 11.01
N ARG B 303 -14.48 45.33 11.09
CA ARG B 303 -14.71 46.05 9.85
C ARG B 303 -13.45 46.71 9.30
N THR B 304 -13.40 46.85 7.98
CA THR B 304 -12.19 47.26 7.27
C THR B 304 -11.59 48.54 7.83
N MET B 305 -10.29 48.50 8.14
CA MET B 305 -9.55 49.67 8.61
C MET B 305 -10.10 50.35 9.88
N ASN B 306 -10.83 49.60 10.70
CA ASN B 306 -11.53 50.19 11.84
C ASN B 306 -10.79 50.16 13.19
N ASP B 307 -10.41 51.34 13.67
CA ASP B 307 -9.64 51.46 14.91
C ASP B 307 -10.32 50.82 16.11
N GLU B 308 -11.60 51.11 16.29
CA GLU B 308 -12.38 50.59 17.41
C GLU B 308 -12.30 49.07 17.44
N ASP B 309 -12.64 48.45 16.31
CA ASP B 309 -12.55 47.00 16.17
C ASP B 309 -11.11 46.52 16.36
N ALA B 310 -10.14 47.25 15.81
CA ALA B 310 -8.75 46.87 15.96
C ALA B 310 -8.32 46.83 17.45
N ASN B 311 -8.64 47.88 18.21
CA ASN B 311 -8.45 47.87 19.66
C ASN B 311 -9.15 46.71 20.38
N GLU B 312 -10.37 46.38 19.92
CA GLU B 312 -11.11 45.25 20.46
C GLU B 312 -10.40 43.92 20.21
N LEU B 313 -9.76 43.77 19.05
CA LEU B 313 -9.03 42.52 18.73
C LEU B 313 -7.78 42.39 19.60
N ILE B 314 -7.07 43.50 19.77
CA ILE B 314 -5.85 43.57 20.56
C ILE B 314 -6.18 43.24 22.00
N LYS B 315 -7.34 43.71 22.44
CA LYS B 315 -7.84 43.38 23.77
C LYS B 315 -8.06 41.87 23.88
N LEU B 316 -8.70 41.29 22.86
CA LEU B 316 -9.03 39.87 22.83
C LEU B 316 -7.80 38.98 22.86
N VAL B 317 -6.77 39.39 22.12
CA VAL B 317 -5.49 38.69 22.10
C VAL B 317 -4.82 38.87 23.44
N THR B 318 -4.84 40.08 23.97
CA THR B 318 -4.19 40.33 25.24
C THR B 318 -4.79 39.40 26.29
N ASP B 319 -6.12 39.31 26.28
CA ASP B 319 -6.85 38.40 27.18
C ASP B 319 -6.36 36.96 27.09
N LEU B 320 -6.20 36.46 25.86
CA LEU B 320 -5.72 35.10 25.62
C LEU B 320 -4.31 34.83 26.16
N SER B 321 -3.44 35.84 26.12
CA SER B 321 -2.05 35.66 26.54
C SER B 321 -1.86 35.90 28.02
N VAL B 322 -2.81 36.58 28.65
CA VAL B 322 -2.80 36.70 30.11
C VAL B 322 -3.20 35.33 30.70
N GLN B 323 -4.10 34.64 29.99
CA GLN B 323 -4.63 33.33 30.41
C GLN B 323 -3.70 32.15 30.10
N GLN B 324 -2.98 32.23 28.99
CA GLN B 324 -1.99 31.21 28.68
C GLN B 324 -0.67 31.90 28.41
N PRO B 325 0.13 32.15 29.48
CA PRO B 325 1.41 32.82 29.30
C PRO B 325 2.37 32.01 28.44
N GLU B 326 2.12 30.70 28.36
CA GLU B 326 2.95 29.77 27.61
C GLU B 326 2.90 29.96 26.10
N VAL B 327 1.80 30.48 25.55
CA VAL B 327 1.70 30.55 24.07
C VAL B 327 2.64 31.51 23.41
N LEU B 328 2.70 32.73 23.92
CA LEU B 328 3.70 33.69 23.46
C LEU B 328 5.00 33.49 24.21
N GLY B 329 4.88 33.03 25.46
CA GLY B 329 6.05 32.75 26.28
C GLY B 329 6.18 33.76 27.40
N GLU B 330 6.86 33.34 28.47
CA GLU B 330 7.11 34.21 29.61
C GLU B 330 7.59 35.59 29.17
N GLY B 331 6.84 36.61 29.57
CA GLY B 331 7.23 38.00 29.35
C GLY B 331 7.27 38.50 27.92
N VAL B 332 6.76 37.72 26.97
CA VAL B 332 6.70 38.18 25.58
C VAL B 332 5.40 38.93 25.36
N ASP B 333 5.48 40.14 24.84
CA ASP B 333 4.30 41.00 24.67
C ASP B 333 3.52 40.68 23.40
N VAL B 334 2.22 40.98 23.43
CA VAL B 334 1.42 40.92 22.22
C VAL B 334 2.02 41.89 21.21
N ASN B 335 2.10 41.44 19.97
CA ASN B 335 2.58 42.29 18.88
C ASN B 335 1.42 43.13 18.34
N GLU B 336 1.14 44.24 19.01
CA GLU B 336 -0.09 44.99 18.74
C GLU B 336 -0.24 45.42 17.29
N ASP B 337 0.86 45.91 16.69
CA ASP B 337 0.91 46.24 15.26
C ASP B 337 0.49 45.12 14.32
N LEU B 338 0.87 43.88 14.65
CA LEU B 338 0.57 42.73 13.83
C LEU B 338 -0.91 42.39 13.97
N ILE B 339 -1.37 42.35 15.21
CA ILE B 339 -2.78 42.09 15.49
C ILE B 339 -3.66 43.19 14.87
N LYS B 340 -3.27 44.45 15.04
CA LYS B 340 -3.97 45.55 14.38
C LYS B 340 -4.20 45.30 12.87
N GLU B 341 -3.16 44.84 12.18
CA GLU B 341 -3.26 44.59 10.74
C GLU B 341 -4.21 43.44 10.42
N LEU B 342 -4.12 42.36 11.20
CA LEU B 342 -5.05 41.23 11.07
C LEU B 342 -6.50 41.73 11.13
N SER B 343 -6.77 42.64 12.06
CA SER B 343 -8.09 43.27 12.19
C SER B 343 -8.49 44.08 10.97
N TYR B 344 -7.64 45.01 10.56
CA TYR B 344 -7.92 45.89 9.42
C TYR B 344 -8.19 45.12 8.13
N GLN B 345 -7.51 43.99 7.96
CA GLN B 345 -7.57 43.28 6.70
C GLN B 345 -8.41 42.02 6.79
N ALA B 346 -9.27 41.94 7.80
CA ALA B 346 -9.94 40.67 8.06
C ALA B 346 -10.96 40.38 6.99
N ARG B 347 -11.58 41.42 6.41
CA ARG B 347 -12.57 41.14 5.37
C ARG B 347 -11.96 40.93 3.98
N GLY B 348 -10.64 41.03 3.89
CA GLY B 348 -9.97 41.02 2.61
C GLY B 348 -9.84 39.62 2.05
N ASP B 349 -9.68 39.56 0.73
CA ASP B 349 -9.72 38.33 -0.06
C ASP B 349 -8.71 38.52 -1.20
N ILE B 350 -7.48 38.07 -0.99
CA ILE B 350 -6.38 38.41 -1.88
C ILE B 350 -5.97 37.20 -2.69
N PRO B 351 -6.11 37.31 -4.03
CA PRO B 351 -5.84 36.25 -4.99
C PRO B 351 -4.54 35.52 -4.70
N GLY B 352 -3.43 36.25 -4.61
CA GLY B 352 -2.17 35.65 -4.24
C GLY B 352 -2.24 34.72 -3.05
N VAL B 353 -2.79 35.20 -1.95
CA VAL B 353 -2.87 34.41 -0.72
C VAL B 353 -3.73 33.15 -0.94
N VAL B 354 -4.83 33.29 -1.65
CA VAL B 354 -5.76 32.18 -1.88
C VAL B 354 -5.13 31.09 -2.75
N ALA B 355 -4.47 31.49 -3.83
CA ALA B 355 -3.69 30.56 -4.66
C ALA B 355 -2.62 29.88 -3.81
N PHE B 356 -1.95 30.64 -2.93
CA PHE B 356 -0.90 30.05 -2.10
C PHE B 356 -1.49 28.89 -1.31
N PHE B 357 -2.47 29.20 -0.47
CA PHE B 357 -3.10 28.20 0.38
C PHE B 357 -3.83 27.08 -0.35
N GLY B 358 -4.61 27.42 -1.38
CA GLY B 358 -5.25 26.43 -2.25
C GLY B 358 -4.33 25.38 -2.88
N GLY B 359 -3.12 25.77 -3.29
CA GLY B 359 -2.13 24.79 -3.72
C GLY B 359 -1.76 23.87 -2.56
N LEU B 360 -1.27 24.48 -1.48
CA LEU B 360 -0.77 23.77 -0.31
C LEU B 360 -1.82 22.82 0.30
N VAL B 361 -3.03 23.33 0.52
CA VAL B 361 -4.13 22.53 1.09
C VAL B 361 -4.54 21.37 0.18
N ALA B 362 -4.64 21.66 -1.12
CA ALA B 362 -4.96 20.62 -2.09
C ALA B 362 -3.94 19.49 -1.96
N GLN B 363 -2.64 19.83 -1.94
CA GLN B 363 -1.58 18.84 -1.69
C GLN B 363 -1.79 18.02 -0.42
N GLU B 364 -2.11 18.69 0.69
CA GLU B 364 -2.38 18.00 1.94
C GLU B 364 -3.55 17.01 1.83
N VAL B 365 -4.58 17.36 1.04
CA VAL B 365 -5.68 16.44 0.78
C VAL B 365 -5.18 15.17 0.06
N LEU B 366 -4.34 15.36 -0.95
CA LEU B 366 -3.81 14.22 -1.71
C LEU B 366 -3.01 13.28 -0.83
N LYS B 367 -2.22 13.85 0.08
CA LYS B 367 -1.44 13.11 1.06
C LYS B 367 -2.35 12.28 1.95
N ALA B 368 -3.44 12.91 2.42
CA ALA B 368 -4.38 12.26 3.31
C ALA B 368 -5.03 11.07 2.62
N CYS B 369 -5.10 11.12 1.30
CA CYS B 369 -5.72 10.05 0.52
C CYS B 369 -4.79 8.89 0.25
N SER B 370 -3.49 9.14 0.29
CA SER B 370 -2.56 8.22 -0.38
C SER B 370 -1.50 7.63 0.52
N GLY B 371 -1.13 8.35 1.58
CA GLY B 371 0.00 7.98 2.43
C GLY B 371 1.34 8.36 1.78
N LYS B 372 1.25 9.21 0.76
CA LYS B 372 2.40 9.66 -0.01
C LYS B 372 2.77 11.08 0.40
N PHE B 373 4.06 11.27 0.72
CA PHE B 373 4.62 12.55 1.22
C PHE B 373 4.31 12.73 2.70
N THR B 374 5.04 13.63 3.34
CA THR B 374 4.89 13.91 4.76
C THR B 374 3.88 15.01 5.01
N PRO B 375 2.80 14.69 5.73
CA PRO B 375 1.74 15.67 6.00
C PRO B 375 2.25 16.86 6.79
N LEU B 376 1.58 18.00 6.66
CA LEU B 376 1.88 19.15 7.47
C LEU B 376 1.49 18.85 8.91
N LYS B 377 2.49 18.73 9.79
CA LYS B 377 2.18 18.33 11.15
C LYS B 377 1.71 19.51 11.98
N GLN B 378 0.54 19.94 11.51
CA GLN B 378 -0.57 20.51 12.24
C GLN B 378 -0.89 21.98 11.96
N PHE B 379 -0.13 22.93 12.50
CA PHE B 379 -0.51 24.31 12.21
C PHE B 379 0.51 25.05 11.35
N MET B 380 0.04 25.95 10.49
CA MET B 380 0.94 26.83 9.76
C MET B 380 0.33 28.20 9.48
N TYR B 381 1.04 29.25 9.84
CA TYR B 381 0.55 30.60 9.59
C TYR B 381 1.43 31.38 8.61
N PHE B 382 0.82 32.26 7.84
CA PHE B 382 1.51 32.97 6.76
C PHE B 382 0.99 34.41 6.72
N ASP B 383 1.89 35.32 6.34
CA ASP B 383 1.51 36.68 6.05
C ASP B 383 2.43 37.24 4.98
N SER B 384 1.91 38.15 4.19
CA SER B 384 2.74 38.82 3.21
C SER B 384 2.53 40.31 3.41
N LEU B 385 2.67 40.75 4.64
CA LEU B 385 2.58 42.17 4.98
C LEU B 385 3.53 43.07 4.19
N GLU B 386 4.59 42.49 3.59
CA GLU B 386 5.51 43.23 2.75
C GLU B 386 4.84 43.72 1.47
N SER B 387 3.78 43.01 1.07
CA SER B 387 3.00 43.37 -0.12
C SER B 387 2.29 44.73 -0.04
N LEU B 388 2.02 45.20 1.18
CA LEU B 388 1.38 46.49 1.36
C LEU B 388 2.18 47.61 0.69
N PRO B 389 1.50 48.49 -0.08
CA PRO B 389 2.25 49.60 -0.66
C PRO B 389 2.55 50.66 0.41
N ASP B 390 3.55 51.50 0.13
CA ASP B 390 3.94 52.63 0.98
C ASP B 390 2.75 53.59 1.17
N PRO B 391 2.29 53.75 2.43
CA PRO B 391 1.09 54.56 2.72
C PRO B 391 1.21 56.05 2.37
N LYS B 392 2.42 56.52 2.02
CA LYS B 392 2.56 57.94 1.67
C LYS B 392 1.93 58.22 0.33
N ASN B 393 1.92 57.21 -0.55
CA ASN B 393 1.25 57.33 -1.85
C ASN B 393 -0.13 56.70 -1.87
N PHE B 394 -0.31 55.61 -1.11
CA PHE B 394 -1.59 54.91 -1.09
C PHE B 394 -2.10 54.73 0.33
N PRO B 395 -2.55 55.83 0.94
CA PRO B 395 -3.01 55.68 2.32
C PRO B 395 -4.16 54.70 2.42
N ARG B 396 -4.18 53.93 3.51
CA ARG B 396 -5.28 53.04 3.83
C ARG B 396 -6.14 53.59 4.98
N ASN B 397 -7.41 53.87 4.68
CA ASN B 397 -8.37 54.31 5.69
C ASN B 397 -9.81 53.92 5.31
N GLU B 398 -10.72 54.07 6.29
CA GLU B 398 -12.09 53.59 6.13
C GLU B 398 -12.74 54.13 4.87
N LYS B 399 -12.37 55.33 4.49
CA LYS B 399 -12.85 55.97 3.26
C LYS B 399 -12.15 55.38 2.01
N THR B 400 -10.83 55.33 2.08
CA THR B 400 -9.97 54.83 1.00
C THR B 400 -10.22 53.39 0.57
N THR B 401 -10.60 52.56 1.54
CA THR B 401 -10.70 51.13 1.34
C THR B 401 -12.16 50.71 1.27
N GLN B 402 -13.05 51.71 1.27
CA GLN B 402 -14.49 51.44 1.31
C GLN B 402 -14.96 50.65 0.09
N PRO B 403 -15.92 49.74 0.30
CA PRO B 403 -16.46 49.11 -0.90
C PRO B 403 -17.19 50.13 -1.81
N VAL B 404 -16.86 50.07 -3.09
CA VAL B 404 -17.72 50.59 -4.15
C VAL B 404 -18.53 49.38 -4.57
N ASN B 405 -19.39 49.48 -5.58
CA ASN B 405 -20.19 48.30 -5.91
C ASN B 405 -19.47 47.42 -6.94
N SER B 406 -18.43 46.71 -6.51
CA SER B 406 -17.43 46.19 -7.46
C SER B 406 -16.85 44.81 -7.17
N ARG B 407 -16.54 44.04 -8.21
CA ARG B 407 -15.97 42.70 -8.00
C ARG B 407 -14.65 42.71 -7.25
N TYR B 408 -13.98 43.87 -7.19
CA TYR B 408 -12.68 44.01 -6.51
C TYR B 408 -12.75 44.54 -5.05
N ASP B 409 -13.97 44.69 -4.54
CA ASP B 409 -14.22 45.25 -3.21
C ASP B 409 -13.34 44.70 -2.10
N ASN B 410 -13.19 43.37 -2.11
CA ASN B 410 -12.45 42.67 -1.10
C ASN B 410 -10.94 42.72 -1.29
N GLN B 411 -10.50 43.32 -2.38
CA GLN B 411 -9.06 43.61 -2.59
C GLN B 411 -8.86 45.06 -2.22
N ILE B 412 -9.78 45.90 -2.68
CA ILE B 412 -9.84 47.29 -2.28
C ILE B 412 -9.79 47.42 -0.76
N ALA B 413 -10.43 46.46 -0.09
CA ALA B 413 -10.47 46.45 1.37
C ALA B 413 -9.07 46.44 1.99
N VAL B 414 -8.12 45.82 1.31
CA VAL B 414 -6.77 45.76 1.81
C VAL B 414 -5.93 46.90 1.24
N PHE B 415 -6.03 47.14 -0.07
CA PHE B 415 -5.06 48.01 -0.76
C PHE B 415 -5.46 49.46 -0.98
N GLY B 416 -6.77 49.72 -0.99
CA GLY B 416 -7.30 51.04 -1.34
C GLY B 416 -7.66 51.14 -2.82
N LEU B 417 -8.51 52.10 -3.15
CA LEU B 417 -9.04 52.21 -4.49
C LEU B 417 -7.96 52.58 -5.52
N ASP B 418 -7.18 53.62 -5.23
CA ASP B 418 -6.13 54.11 -6.13
C ASP B 418 -5.08 53.06 -6.48
N PHE B 419 -4.74 52.21 -5.52
CA PHE B 419 -3.74 51.20 -5.80
C PHE B 419 -4.33 50.10 -6.69
N GLN B 420 -5.58 49.78 -6.42
CA GLN B 420 -6.31 48.83 -7.25
C GLN B 420 -6.41 49.29 -8.71
N LYS B 421 -6.61 50.58 -8.91
CA LYS B 421 -6.71 51.14 -10.25
C LYS B 421 -5.36 51.24 -10.93
N LYS B 422 -4.29 51.28 -10.14
CA LYS B 422 -2.94 51.32 -10.67
C LYS B 422 -2.57 49.95 -11.20
N ILE B 423 -3.08 48.91 -10.55
CA ILE B 423 -2.93 47.55 -11.01
C ILE B 423 -3.63 47.48 -12.35
N ALA B 424 -4.85 48.01 -12.38
CA ALA B 424 -5.67 47.97 -13.57
C ALA B 424 -4.96 48.59 -14.78
N ASN B 425 -4.04 49.52 -14.53
CA ASN B 425 -3.39 50.29 -15.60
C ASN B 425 -1.99 49.83 -15.91
N SER B 426 -1.67 48.60 -15.51
CA SER B 426 -0.34 48.08 -15.71
C SER B 426 -0.19 47.38 -17.05
N LYS B 427 0.98 47.51 -17.66
CA LYS B 427 1.25 46.84 -18.93
C LYS B 427 2.22 45.73 -18.62
N VAL B 428 1.81 44.51 -18.94
CA VAL B 428 2.56 43.32 -18.54
C VAL B 428 2.75 42.37 -19.71
N PHE B 429 3.89 41.69 -19.68
CA PHE B 429 4.24 40.73 -20.69
C PHE B 429 4.43 39.38 -20.01
N LEU B 430 3.58 38.45 -20.39
CA LEU B 430 3.65 37.06 -19.97
C LEU B 430 4.37 36.28 -21.07
N VAL B 431 5.37 35.51 -20.69
CA VAL B 431 6.07 34.67 -21.67
C VAL B 431 5.81 33.22 -21.34
N GLY B 432 5.01 32.56 -22.16
CA GLY B 432 4.58 31.17 -21.91
C GLY B 432 3.13 31.10 -21.48
N SER B 433 2.44 30.04 -21.89
CA SER B 433 1.01 29.91 -21.59
C SER B 433 0.60 28.52 -21.05
N GLY B 434 1.56 27.73 -20.57
CA GLY B 434 1.26 26.39 -20.05
C GLY B 434 0.78 26.42 -18.60
N ALA B 435 1.36 25.53 -17.78
CA ALA B 435 0.94 25.36 -16.38
C ALA B 435 0.95 26.68 -15.61
N ILE B 436 2.14 27.28 -15.53
CA ILE B 436 2.28 28.56 -14.80
C ILE B 436 1.48 29.65 -15.49
N GLY B 437 1.58 29.71 -16.81
CA GLY B 437 0.79 30.60 -17.65
C GLY B 437 -0.70 30.70 -17.34
N CYS B 438 -1.40 29.56 -17.40
CA CYS B 438 -2.81 29.53 -17.08
C CYS B 438 -3.04 30.10 -15.67
N GLU B 439 -2.27 29.59 -14.71
CA GLU B 439 -2.45 29.99 -13.33
C GLU B 439 -2.27 31.51 -13.21
N MET B 440 -1.25 32.03 -13.90
CA MET B 440 -0.96 33.46 -13.85
C MET B 440 -2.11 34.29 -14.40
N LEU B 441 -2.63 33.86 -15.55
CA LEU B 441 -3.69 34.57 -16.24
C LEU B 441 -4.96 34.63 -15.38
N LYS B 442 -5.26 33.51 -14.73
CA LYS B 442 -6.34 33.44 -13.79
C LYS B 442 -6.14 34.51 -12.69
N ASN B 443 -4.93 34.56 -12.12
CA ASN B 443 -4.65 35.49 -11.02
C ASN B 443 -4.81 36.94 -11.44
N TRP B 444 -4.34 37.23 -12.65
CA TRP B 444 -4.39 38.57 -13.21
C TRP B 444 -5.82 38.99 -13.53
N ALA B 445 -6.59 38.00 -13.97
CA ALA B 445 -7.97 38.25 -14.29
C ALA B 445 -8.70 38.63 -13.00
N LEU B 446 -8.40 37.89 -11.91
CA LEU B 446 -8.99 38.15 -10.60
C LEU B 446 -8.56 39.49 -10.04
N LEU B 447 -7.30 39.82 -10.30
CA LEU B 447 -6.67 41.07 -9.90
C LEU B 447 -7.19 42.26 -10.69
N GLY B 448 -7.73 42.00 -11.89
CA GLY B 448 -8.14 43.07 -12.80
C GLY B 448 -6.97 43.79 -13.47
N LEU B 449 -5.79 43.17 -13.41
CA LEU B 449 -4.57 43.74 -13.97
C LEU B 449 -4.64 43.85 -15.49
N GLY B 450 -4.31 45.03 -15.99
CA GLY B 450 -4.42 45.33 -17.42
C GLY B 450 -5.82 45.75 -17.87
N SER B 451 -6.81 45.67 -16.98
CA SER B 451 -8.18 46.03 -17.33
C SER B 451 -8.43 47.53 -17.50
N GLY B 452 -7.53 48.38 -16.95
CA GLY B 452 -7.69 49.83 -17.01
C GLY B 452 -7.35 50.37 -18.39
N SER B 453 -7.77 51.60 -18.68
CA SER B 453 -7.59 52.10 -20.04
C SER B 453 -6.14 52.37 -20.43
N ASP B 454 -5.25 52.53 -19.45
CA ASP B 454 -3.82 52.67 -19.77
C ASP B 454 -3.04 51.37 -19.57
N GLY B 455 -3.76 50.28 -19.30
CA GLY B 455 -3.11 48.98 -19.08
C GLY B 455 -3.47 47.93 -20.11
N TYR B 456 -2.70 46.84 -20.13
CA TYR B 456 -2.95 45.72 -21.03
C TYR B 456 -2.08 44.51 -20.71
N ILE B 457 -2.46 43.35 -21.25
CA ILE B 457 -1.65 42.14 -21.13
C ILE B 457 -1.26 41.59 -22.50
N VAL B 458 0.02 41.29 -22.67
CA VAL B 458 0.48 40.53 -23.83
C VAL B 458 0.88 39.17 -23.32
N VAL B 459 0.47 38.12 -24.04
CA VAL B 459 0.84 36.74 -23.73
C VAL B 459 1.36 36.13 -24.99
N THR B 460 2.54 35.54 -24.93
CA THR B 460 3.06 34.85 -26.09
C THR B 460 3.36 33.40 -25.75
N ASP B 461 3.04 32.52 -26.68
CA ASP B 461 3.38 31.11 -26.61
C ASP B 461 3.12 30.50 -27.98
N ASN B 462 4.07 29.72 -28.47
CA ASN B 462 3.92 29.10 -29.77
C ASN B 462 3.50 27.63 -29.71
N ASP B 463 3.33 27.10 -28.50
CA ASP B 463 2.86 25.74 -28.34
C ASP B 463 1.37 25.65 -28.61
N SER B 464 0.94 24.52 -29.15
CA SER B 464 -0.48 24.21 -29.23
C SER B 464 -0.83 23.30 -28.06
N ILE B 465 -2.12 23.20 -27.76
CA ILE B 465 -2.63 22.43 -26.63
C ILE B 465 -2.53 20.92 -26.87
N GLU B 466 -1.87 20.22 -25.95
CA GLU B 466 -1.72 18.76 -25.99
C GLU B 466 -2.57 18.09 -24.91
N LYS B 467 -3.02 16.86 -25.15
CA LYS B 467 -3.82 16.10 -24.18
C LYS B 467 -3.15 15.99 -22.82
N SER B 468 -1.82 15.76 -22.83
CA SER B 468 -1.03 15.64 -21.61
C SER B 468 -1.02 16.87 -20.71
N ASN B 469 -1.52 17.99 -21.23
CA ASN B 469 -1.51 19.27 -20.54
C ASN B 469 -2.72 19.51 -19.65
N LEU B 470 -3.85 18.90 -20.01
CA LEU B 470 -5.15 19.18 -19.41
C LEU B 470 -5.12 18.97 -17.90
N ASN B 471 -4.34 17.99 -17.47
CA ASN B 471 -4.19 17.67 -16.07
C ASN B 471 -3.73 18.83 -15.16
N ARG B 472 -3.05 19.83 -15.71
CA ARG B 472 -2.59 20.96 -14.87
C ARG B 472 -2.74 22.35 -15.57
N GLN B 473 -3.29 22.37 -16.78
CA GLN B 473 -3.49 23.64 -17.44
C GLN B 473 -5.00 23.84 -17.55
N PHE B 474 -5.59 24.20 -16.41
CA PHE B 474 -7.05 24.09 -16.20
C PHE B 474 -7.88 25.00 -17.07
N LEU B 475 -7.26 25.95 -17.75
CA LEU B 475 -7.99 26.81 -18.69
C LEU B 475 -8.33 26.13 -20.03
N PHE B 476 -7.81 24.92 -20.28
CA PHE B 476 -8.09 24.16 -21.52
C PHE B 476 -8.98 22.94 -21.32
N ARG B 477 -9.70 22.58 -22.38
CA ARG B 477 -10.66 21.48 -22.36
C ARG B 477 -10.30 20.43 -23.42
N PRO B 478 -10.79 19.18 -23.27
CA PRO B 478 -10.58 18.19 -24.32
C PRO B 478 -10.80 18.71 -25.76
N LYS B 479 -11.77 19.59 -25.98
CA LYS B 479 -12.01 20.08 -27.34
C LYS B 479 -11.06 21.18 -27.84
N ASP B 480 -10.20 21.67 -26.96
CA ASP B 480 -9.24 22.71 -27.30
C ASP B 480 -7.91 22.12 -27.80
N VAL B 481 -7.77 20.80 -27.70
CA VAL B 481 -6.55 20.10 -28.12
C VAL B 481 -6.27 20.42 -29.59
N GLY B 482 -5.05 20.84 -29.89
CA GLY B 482 -4.68 21.25 -31.24
C GLY B 482 -4.63 22.76 -31.41
N LYS B 483 -5.46 23.47 -30.65
CA LYS B 483 -5.52 24.93 -30.71
C LYS B 483 -4.33 25.59 -30.00
N ASN B 484 -4.06 26.85 -30.31
CA ASN B 484 -2.96 27.58 -29.68
C ASN B 484 -3.19 27.86 -28.20
N LYS B 485 -2.15 27.67 -27.39
CA LYS B 485 -2.27 27.82 -25.96
C LYS B 485 -2.65 29.23 -25.50
N SER B 486 -2.03 30.25 -26.10
CA SER B 486 -2.26 31.59 -25.61
C SER B 486 -3.67 32.06 -25.93
N GLU B 487 -4.12 31.80 -27.15
CA GLU B 487 -5.42 32.31 -27.59
C GLU B 487 -6.53 31.69 -26.78
N VAL B 488 -6.40 30.41 -26.46
CA VAL B 488 -7.46 29.74 -25.73
C VAL B 488 -7.43 30.22 -24.29
N ALA B 489 -6.23 30.52 -23.80
CA ALA B 489 -6.09 31.00 -22.45
C ALA B 489 -6.66 32.43 -22.28
N ALA B 490 -6.33 33.30 -23.24
CA ALA B 490 -6.77 34.69 -23.23
C ALA B 490 -8.28 34.70 -23.21
N GLU B 491 -8.89 33.87 -24.06
CA GLU B 491 -10.33 33.81 -24.18
C GLU B 491 -11.04 33.26 -22.95
N ALA B 492 -10.41 32.28 -22.30
CA ALA B 492 -10.96 31.64 -21.12
C ALA B 492 -11.01 32.63 -19.98
N VAL B 493 -10.01 33.50 -19.95
CA VAL B 493 -9.79 34.41 -18.85
C VAL B 493 -10.70 35.63 -18.97
N CYS B 494 -11.09 35.94 -20.20
CA CYS B 494 -12.13 36.94 -20.48
C CYS B 494 -13.54 36.55 -20.06
N ALA B 495 -13.81 35.24 -19.99
CA ALA B 495 -15.12 34.76 -19.57
C ALA B 495 -15.23 34.85 -18.06
N MET B 496 -14.12 34.59 -17.38
CA MET B 496 -13.99 34.78 -15.92
C MET B 496 -14.06 36.25 -15.54
N ASN B 497 -13.29 37.09 -16.24
CA ASN B 497 -13.40 38.54 -16.05
C ASN B 497 -13.61 39.31 -17.36
N PRO B 498 -14.88 39.62 -17.68
CA PRO B 498 -15.28 40.53 -18.76
C PRO B 498 -14.50 41.85 -18.87
N ASP B 499 -13.89 42.32 -17.78
CA ASP B 499 -13.11 43.58 -17.81
C ASP B 499 -11.86 43.47 -18.66
N LEU B 500 -11.45 42.26 -18.97
CA LEU B 500 -10.29 42.07 -19.80
C LEU B 500 -10.59 41.95 -21.29
N LYS B 501 -11.87 42.00 -21.67
CA LYS B 501 -12.25 41.96 -23.09
C LYS B 501 -11.59 43.09 -23.86
N GLY B 502 -10.83 42.72 -24.89
CA GLY B 502 -10.06 43.70 -25.68
C GLY B 502 -8.79 44.22 -25.04
N LYS B 503 -8.44 43.71 -23.86
CA LYS B 503 -7.25 44.17 -23.12
C LYS B 503 -6.12 43.13 -23.11
N ILE B 504 -6.35 41.97 -23.72
CA ILE B 504 -5.32 40.94 -23.77
C ILE B 504 -4.98 40.63 -25.21
N ASN B 505 -3.74 40.96 -25.58
CA ASN B 505 -3.16 40.65 -26.88
C ASN B 505 -2.44 39.28 -26.77
N ALA B 506 -3.03 38.24 -27.36
CA ALA B 506 -2.45 36.90 -27.39
C ALA B 506 -1.66 36.62 -28.70
N LYS B 507 -0.35 36.57 -28.55
CA LYS B 507 0.56 36.31 -29.66
C LYS B 507 0.96 34.84 -29.66
N ILE B 508 1.53 34.35 -30.76
CA ILE B 508 1.96 32.95 -30.81
C ILE B 508 3.44 32.79 -31.22
N ASP B 509 4.30 33.67 -30.73
CA ASP B 509 5.71 33.68 -31.11
C ASP B 509 6.66 33.26 -29.98
N LYS B 510 7.73 32.56 -30.34
CA LYS B 510 8.86 32.35 -29.44
C LYS B 510 9.41 33.71 -29.06
N VAL B 511 9.90 33.84 -27.84
CA VAL B 511 10.71 34.99 -27.50
C VAL B 511 12.14 34.49 -27.62
N GLY B 512 12.90 35.05 -28.53
CA GLY B 512 14.24 34.54 -28.77
C GLY B 512 14.92 35.41 -29.80
N PRO B 513 16.20 35.12 -30.08
CA PRO B 513 16.98 35.96 -31.02
C PRO B 513 16.34 36.07 -32.41
N GLU B 514 15.48 35.12 -32.76
CA GLU B 514 14.83 35.17 -34.07
C GLU B 514 13.43 35.77 -34.08
N THR B 515 13.09 36.54 -33.04
CA THR B 515 11.82 37.28 -33.00
C THR B 515 11.97 38.74 -32.55
N GLU B 516 13.20 39.22 -32.55
CA GLU B 516 13.51 40.62 -32.17
C GLU B 516 12.87 41.68 -33.07
N GLU B 517 12.61 41.31 -34.33
CA GLU B 517 11.84 42.15 -35.23
C GLU B 517 10.47 42.51 -34.61
N ILE B 518 9.79 41.51 -34.03
CA ILE B 518 8.43 41.72 -33.54
C ILE B 518 8.39 42.14 -32.08
N PHE B 519 9.33 41.65 -31.28
CA PHE B 519 9.44 42.12 -29.91
C PHE B 519 10.56 43.12 -29.82
N ASN B 520 10.31 44.31 -30.36
CA ASN B 520 11.35 45.31 -30.57
C ASN B 520 11.42 46.32 -29.42
N ASP B 521 12.27 47.34 -29.56
CA ASP B 521 12.47 48.34 -28.52
C ASP B 521 11.16 48.91 -27.98
N SER B 522 10.33 49.44 -28.87
CA SER B 522 9.09 50.07 -28.42
C SER B 522 8.14 49.06 -27.76
N PHE B 523 8.17 47.80 -28.19
CA PHE B 523 7.44 46.79 -27.44
C PHE B 523 7.97 46.69 -26.01
N TRP B 524 9.26 46.41 -25.87
CA TRP B 524 9.84 46.24 -24.54
C TRP B 524 9.78 47.51 -23.68
N GLU B 525 10.08 48.66 -24.26
CA GLU B 525 10.08 49.91 -23.49
C GLU B 525 8.71 50.30 -22.94
N SER B 526 7.65 49.82 -23.57
CA SER B 526 6.30 50.22 -23.16
C SER B 526 5.82 49.51 -21.92
N LEU B 527 6.47 48.39 -21.61
CA LEU B 527 6.02 47.51 -20.56
C LEU B 527 6.32 48.05 -19.17
N ASP B 528 5.49 47.70 -18.19
CA ASP B 528 5.80 47.95 -16.77
C ASP B 528 6.65 46.86 -16.18
N PHE B 529 6.41 45.62 -16.58
CA PHE B 529 7.23 44.48 -16.14
C PHE B 529 6.86 43.20 -16.85
N VAL B 530 7.73 42.21 -16.71
CA VAL B 530 7.64 40.97 -17.44
C VAL B 530 7.51 39.82 -16.46
N THR B 531 6.74 38.80 -16.85
CA THR B 531 6.53 37.61 -16.04
C THR B 531 6.81 36.34 -16.84
N ASN B 532 7.61 35.45 -16.25
CA ASN B 532 7.95 34.18 -16.88
C ASN B 532 6.98 33.07 -16.55
N ALA B 533 6.64 32.31 -17.59
CA ALA B 533 5.83 31.08 -17.49
C ALA B 533 6.51 29.99 -18.33
N LEU B 534 7.82 29.86 -18.15
CA LEU B 534 8.64 29.04 -19.03
C LEU B 534 9.02 27.71 -18.41
N ASP B 535 9.32 26.75 -19.26
CA ASP B 535 9.62 25.38 -18.83
C ASP B 535 11.02 24.92 -19.24
N ASN B 536 11.89 25.88 -19.54
CA ASN B 536 13.24 25.60 -20.02
C ASN B 536 14.22 26.71 -19.58
N VAL B 537 15.49 26.36 -19.42
CA VAL B 537 16.49 27.32 -18.90
C VAL B 537 17.00 28.38 -19.93
N ASP B 538 17.24 27.97 -21.18
CA ASP B 538 17.68 28.90 -22.24
C ASP B 538 16.72 30.08 -22.47
N ALA B 539 15.42 29.81 -22.56
CA ALA B 539 14.42 30.86 -22.70
C ALA B 539 14.40 31.84 -21.52
N ARG B 540 14.50 31.32 -20.29
CA ARG B 540 14.54 32.15 -19.07
C ARG B 540 15.73 33.11 -19.12
N THR B 541 16.89 32.57 -19.50
CA THR B 541 18.11 33.35 -19.71
C THR B 541 17.92 34.45 -20.77
N TYR B 542 17.26 34.13 -21.87
CA TYR B 542 17.10 35.09 -22.94
C TYR B 542 16.27 36.27 -22.47
N VAL B 543 15.13 35.97 -21.85
CA VAL B 543 14.22 37.01 -21.35
C VAL B 543 14.91 37.83 -20.29
N ASP B 544 15.75 37.19 -19.48
CA ASP B 544 16.55 37.87 -18.46
C ASP B 544 17.44 38.94 -19.07
N ARG B 545 18.26 38.57 -20.06
CA ARG B 545 19.17 39.51 -20.70
C ARG B 545 18.39 40.67 -21.32
N ARG B 546 17.22 40.36 -21.87
CA ARG B 546 16.36 41.38 -22.45
C ARG B 546 15.90 42.39 -21.40
N CYS B 547 15.39 41.88 -20.29
CA CYS B 547 15.00 42.72 -19.16
C CYS B 547 16.12 43.63 -18.60
N VAL B 548 17.35 43.14 -18.51
CA VAL B 548 18.39 44.03 -17.99
C VAL B 548 18.70 45.08 -19.03
N PHE B 549 18.74 44.67 -20.30
CA PHE B 549 18.92 45.63 -21.38
C PHE B 549 17.87 46.75 -21.28
N TYR B 550 16.59 46.37 -21.24
CA TYR B 550 15.50 47.35 -21.22
C TYR B 550 15.08 47.84 -19.83
N ARG B 551 15.98 47.74 -18.85
CA ARG B 551 15.65 48.04 -17.45
C ARG B 551 14.19 47.78 -17.03
N LYS B 552 13.75 46.55 -17.23
CA LYS B 552 12.43 46.12 -16.82
C LYS B 552 12.48 45.12 -15.68
N PRO B 553 11.59 45.27 -14.68
CA PRO B 553 11.47 44.27 -13.60
C PRO B 553 10.95 42.95 -14.15
N LEU B 554 11.39 41.83 -13.56
CA LEU B 554 11.04 40.49 -14.04
C LEU B 554 10.66 39.56 -12.89
N LEU B 555 9.45 39.00 -12.97
CA LEU B 555 9.00 37.97 -12.02
C LEU B 555 9.26 36.58 -12.62
N GLU B 556 10.13 35.84 -11.97
CA GLU B 556 10.57 34.53 -12.42
C GLU B 556 10.02 33.46 -11.47
N SER B 557 9.69 32.28 -12.01
CA SER B 557 9.26 31.16 -11.17
C SER B 557 9.44 29.84 -11.91
N GLY B 558 9.41 28.74 -11.18
CA GLY B 558 9.62 27.40 -11.75
C GLY B 558 9.13 26.30 -10.83
N THR B 559 8.83 25.13 -11.39
CA THR B 559 8.37 23.97 -10.61
C THR B 559 9.12 22.72 -11.04
N LEU B 560 9.11 21.69 -10.21
CA LEU B 560 9.49 20.34 -10.62
C LEU B 560 8.86 19.43 -9.59
N GLY B 561 7.81 18.71 -10.00
CA GLY B 561 6.97 17.92 -9.10
C GLY B 561 6.43 18.78 -7.97
N THR B 562 6.84 18.48 -6.74
CA THR B 562 6.39 19.21 -5.57
C THR B 562 7.36 20.34 -5.20
N LYS B 563 8.54 20.34 -5.79
CA LYS B 563 9.47 21.44 -5.57
C LYS B 563 9.06 22.66 -6.40
N GLY B 564 9.30 23.86 -5.88
CA GLY B 564 9.05 25.09 -6.64
C GLY B 564 9.84 26.28 -6.11
N ASN B 565 9.89 27.36 -6.89
CA ASN B 565 10.61 28.59 -6.47
C ASN B 565 10.16 29.80 -7.21
N THR B 566 10.31 30.96 -6.57
CA THR B 566 10.09 32.26 -7.19
C THR B 566 11.32 33.15 -7.08
N GLN B 567 11.59 33.95 -8.11
CA GLN B 567 12.62 34.95 -8.00
C GLN B 567 12.14 36.30 -8.54
N VAL B 568 12.47 37.39 -7.83
CA VAL B 568 12.24 38.75 -8.31
C VAL B 568 13.54 39.38 -8.78
N ILE B 569 13.50 39.96 -9.98
CA ILE B 569 14.63 40.66 -10.53
C ILE B 569 14.20 42.10 -10.70
N ILE B 570 14.75 43.02 -9.91
CA ILE B 570 14.35 44.40 -10.08
C ILE B 570 15.54 45.29 -10.47
N PRO B 571 15.33 46.14 -11.51
CA PRO B 571 16.32 47.04 -12.08
C PRO B 571 16.96 47.94 -11.05
N ARG B 572 18.27 48.09 -11.15
CA ARG B 572 19.07 48.92 -10.24
C ARG B 572 19.11 48.38 -8.80
N LEU B 573 18.56 47.20 -8.57
CA LEU B 573 18.49 46.72 -7.21
C LEU B 573 19.13 45.35 -7.01
N THR B 574 18.71 44.39 -7.81
CA THR B 574 19.07 43.01 -7.55
C THR B 574 19.97 42.43 -8.64
N GLU B 575 20.46 41.22 -8.41
CA GLU B 575 21.03 40.39 -9.44
C GLU B 575 19.95 39.96 -10.42
N SER B 576 20.37 39.49 -11.59
CA SER B 576 19.42 38.93 -12.53
C SER B 576 19.38 37.39 -12.46
N TYR B 577 18.52 36.76 -13.26
CA TYR B 577 18.46 35.30 -13.32
C TYR B 577 19.83 34.72 -13.66
N SER B 578 20.41 35.24 -14.73
CA SER B 578 21.73 34.84 -15.22
C SER B 578 22.89 35.16 -14.28
N SER B 579 22.62 35.90 -13.20
CA SER B 579 23.68 36.22 -12.24
C SER B 579 24.11 34.97 -11.50
N SER B 580 23.34 33.91 -11.67
CA SER B 580 23.40 32.77 -10.79
C SER B 580 23.48 31.47 -11.61
N ARG B 581 24.21 30.49 -11.06
CA ARG B 581 24.36 29.17 -11.66
C ARG B 581 23.44 28.10 -11.05
N ASP B 582 23.10 27.09 -11.84
CA ASP B 582 22.32 25.92 -11.40
C ASP B 582 23.03 24.62 -11.77
N PRO B 583 22.76 23.52 -11.02
CA PRO B 583 23.41 22.24 -11.31
C PRO B 583 23.16 21.80 -12.75
N PRO B 584 24.23 21.48 -13.52
CA PRO B 584 24.00 21.13 -14.91
C PRO B 584 23.51 19.68 -14.99
N GLU B 585 22.92 19.29 -16.11
CA GLU B 585 22.55 17.88 -16.28
C GLU B 585 23.90 17.21 -16.55
N LYS B 586 24.21 16.15 -15.83
CA LYS B 586 25.47 15.47 -16.07
C LYS B 586 25.29 14.37 -17.13
N SER B 587 26.18 14.37 -18.11
CA SER B 587 26.13 13.40 -19.18
C SER B 587 26.83 12.11 -18.76
N ILE B 588 26.55 11.04 -19.51
CA ILE B 588 27.08 9.72 -19.20
C ILE B 588 28.38 9.48 -19.97
N PRO B 589 29.45 9.03 -19.27
CA PRO B 589 30.72 8.68 -19.93
C PRO B 589 30.48 7.81 -21.15
N LEU B 590 31.17 8.13 -22.25
CA LEU B 590 30.93 7.47 -23.53
C LEU B 590 31.16 5.95 -23.50
N CYS B 591 32.15 5.51 -22.72
CA CYS B 591 32.49 4.10 -22.58
C CYS B 591 31.40 3.34 -21.86
N THR B 592 30.87 3.90 -20.79
CA THR B 592 29.80 3.20 -20.13
C THR B 592 28.57 3.09 -21.04
N LEU B 593 28.36 4.08 -21.92
CA LEU B 593 27.27 4.01 -22.88
C LEU B 593 27.48 2.87 -23.87
N ARG B 594 28.70 2.84 -24.41
CA ARG B 594 29.03 2.01 -25.56
C ARG B 594 29.21 0.54 -25.20
N SER B 595 29.87 0.27 -24.07
CA SER B 595 30.28 -1.09 -23.74
C SER B 595 29.96 -1.54 -22.31
N PHE B 596 29.92 -0.60 -21.38
CA PHE B 596 29.79 -0.95 -19.96
C PHE B 596 28.63 -0.29 -19.22
N PRO B 597 27.38 -0.59 -19.63
CA PRO B 597 26.22 -0.09 -18.90
C PRO B 597 25.98 -0.85 -17.60
N ASN B 598 25.42 -0.16 -16.61
CA ASN B 598 25.01 -0.79 -15.37
C ASN B 598 23.74 -0.17 -14.80
N LYS B 599 23.07 0.67 -15.57
CA LYS B 599 21.85 1.32 -15.12
C LYS B 599 20.92 1.39 -16.29
N ILE B 600 19.63 1.36 -16.02
CA ILE B 600 18.63 1.44 -17.09
C ILE B 600 18.71 2.79 -17.78
N ASP B 601 19.15 3.83 -17.07
CA ASP B 601 19.44 5.11 -17.73
C ASP B 601 20.43 4.93 -18.86
N HIS B 602 21.45 4.09 -18.64
CA HIS B 602 22.54 3.93 -19.60
C HIS B 602 21.96 3.29 -20.83
N THR B 603 21.09 2.33 -20.57
CA THR B 603 20.56 1.41 -21.58
C THR B 603 19.54 2.10 -22.51
N ILE B 604 18.70 2.95 -21.92
CA ILE B 604 17.73 3.80 -22.63
C ILE B 604 18.40 4.86 -23.53
N ALA B 605 19.37 5.61 -23.00
CA ALA B 605 20.08 6.56 -23.82
C ALA B 605 20.62 5.86 -25.08
N TRP B 606 21.21 4.69 -24.90
CA TRP B 606 21.77 3.91 -25.99
C TRP B 606 20.68 3.60 -27.00
N ALA B 607 19.56 3.08 -26.50
CA ALA B 607 18.44 2.73 -27.34
C ALA B 607 17.87 3.95 -28.06
N LYS B 608 17.81 5.09 -27.38
CA LYS B 608 17.29 6.31 -28.00
C LYS B 608 18.18 6.74 -29.14
N SER B 609 19.48 6.74 -28.88
CA SER B 609 20.49 7.11 -29.86
C SER B 609 20.39 6.21 -31.10
N LEU B 610 20.02 4.96 -30.86
CA LEU B 610 19.97 3.95 -31.90
C LEU B 610 18.71 4.11 -32.73
N PHE B 611 17.64 4.57 -32.09
CA PHE B 611 16.35 4.82 -32.74
C PHE B 611 16.53 6.02 -33.65
N GLN B 612 17.10 7.07 -33.11
CA GLN B 612 17.48 8.26 -33.85
C GLN B 612 18.17 7.91 -35.16
N GLY B 613 19.17 7.04 -35.08
CA GLY B 613 20.00 6.67 -36.22
C GLY B 613 19.33 5.72 -37.19
N TYR B 614 18.58 4.74 -36.71
CA TYR B 614 17.90 3.82 -37.60
C TYR B 614 16.89 4.54 -38.47
N PHE B 615 16.06 5.35 -37.81
CA PHE B 615 14.81 5.82 -38.36
C PHE B 615 14.73 7.33 -38.59
N THR B 616 15.75 8.07 -38.17
CA THR B 616 15.80 9.50 -38.50
C THR B 616 17.01 9.93 -39.33
N ASP B 617 18.21 9.79 -38.76
CA ASP B 617 19.44 10.29 -39.41
C ASP B 617 19.74 9.52 -40.68
N SER B 618 19.48 8.22 -40.66
CA SER B 618 19.54 7.41 -41.86
C SER B 618 18.77 8.01 -43.01
N ALA B 619 17.54 8.40 -42.74
CA ALA B 619 16.66 8.90 -43.78
C ALA B 619 17.14 10.25 -44.27
N GLU B 620 17.47 11.12 -43.32
CA GLU B 620 17.96 12.45 -43.59
C GLU B 620 19.26 12.40 -44.37
N ASN B 621 20.07 11.36 -44.12
CA ASN B 621 21.34 11.22 -44.80
C ASN B 621 21.13 10.80 -46.24
N VAL B 622 20.10 10.00 -46.46
CA VAL B 622 19.80 9.50 -47.79
C VAL B 622 19.24 10.64 -48.64
N ASN B 623 18.23 11.34 -48.11
CA ASN B 623 17.63 12.44 -48.82
C ASN B 623 18.63 13.50 -49.20
N MET B 624 19.53 13.82 -48.26
CA MET B 624 20.59 14.78 -48.55
C MET B 624 21.54 14.28 -49.61
N TYR B 625 21.85 12.99 -49.57
CA TYR B 625 22.66 12.39 -50.60
C TYR B 625 22.00 12.44 -51.96
N LEU B 626 20.68 12.28 -51.99
CA LEU B 626 19.95 12.22 -53.26
C LEU B 626 19.56 13.57 -53.84
N THR B 627 19.62 14.64 -53.04
CA THR B 627 19.18 15.96 -53.48
C THR B 627 20.32 16.95 -53.59
N GLN B 628 21.38 16.70 -52.84
CA GLN B 628 22.56 17.55 -52.92
C GLN B 628 23.73 16.80 -53.55
N PRO B 629 24.17 17.28 -54.72
CA PRO B 629 25.38 16.71 -55.29
C PRO B 629 26.58 17.45 -54.69
N ASN B 630 27.31 16.76 -53.82
CA ASN B 630 28.38 17.34 -52.99
C ASN B 630 28.21 16.88 -51.54
N PHE B 631 27.19 16.08 -51.30
CA PHE B 631 26.94 15.60 -49.96
C PHE B 631 28.12 14.79 -49.42
N VAL B 632 28.76 14.03 -50.30
CA VAL B 632 29.91 13.23 -49.90
C VAL B 632 31.13 14.13 -49.65
N GLU B 633 31.31 15.13 -50.50
CA GLU B 633 32.40 16.08 -50.34
C GLU B 633 32.26 16.83 -49.02
N GLN B 634 31.03 17.18 -48.67
CA GLN B 634 30.75 17.90 -47.45
C GLN B 634 31.05 17.03 -46.25
N THR B 635 30.63 15.77 -46.33
CA THR B 635 30.88 14.80 -45.29
C THR B 635 32.38 14.59 -45.10
N LEU B 636 33.12 14.49 -46.20
CA LEU B 636 34.55 14.26 -46.15
C LEU B 636 35.28 15.41 -45.48
N LYS B 637 34.81 16.63 -45.76
CA LYS B 637 35.37 17.85 -45.18
C LYS B 637 35.09 17.98 -43.67
N GLN B 638 33.86 17.67 -43.26
CA GLN B 638 33.30 18.15 -41.99
C GLN B 638 32.89 17.11 -40.97
N SER B 639 32.32 16.00 -41.44
CA SER B 639 31.81 14.96 -40.55
C SER B 639 32.95 14.24 -39.81
N GLY B 640 32.74 14.05 -38.52
CA GLY B 640 33.71 13.33 -37.68
C GLY B 640 33.61 11.84 -37.93
N ASP B 641 32.37 11.36 -38.01
CA ASP B 641 32.08 9.98 -38.36
C ASP B 641 31.80 9.85 -39.86
N VAL B 642 32.85 9.82 -40.66
CA VAL B 642 32.68 9.65 -42.10
C VAL B 642 32.20 8.23 -42.41
N LYS B 643 32.83 7.24 -41.78
CA LYS B 643 32.47 5.85 -41.97
C LYS B 643 30.98 5.66 -41.72
N GLY B 644 30.50 6.13 -40.58
CA GLY B 644 29.13 5.89 -40.17
C GLY B 644 28.06 6.55 -41.01
N VAL B 645 28.43 7.58 -41.75
CA VAL B 645 27.49 8.28 -42.61
C VAL B 645 27.38 7.55 -43.96
N LEU B 646 28.52 7.20 -44.53
CA LEU B 646 28.55 6.48 -45.80
C LEU B 646 28.13 5.02 -45.66
N GLU B 647 28.44 4.41 -44.51
CA GLU B 647 27.87 3.10 -44.14
C GLU B 647 26.35 3.17 -44.16
N SER B 648 25.77 4.15 -43.45
CA SER B 648 24.33 4.22 -43.33
C SER B 648 23.68 4.37 -44.71
N ILE B 649 24.21 5.29 -45.53
CA ILE B 649 23.67 5.53 -46.86
C ILE B 649 23.63 4.27 -47.70
N SER B 650 24.75 3.54 -47.75
CA SER B 650 24.88 2.31 -48.54
C SER B 650 24.01 1.18 -47.99
N ASP B 651 23.94 1.08 -46.66
CA ASP B 651 23.03 0.15 -46.00
C ASP B 651 21.63 0.39 -46.51
N SER B 652 21.24 1.67 -46.52
CA SER B 652 19.87 2.05 -46.76
C SER B 652 19.42 1.83 -48.19
N LEU B 653 20.33 2.04 -49.13
CA LEU B 653 19.97 2.05 -50.55
C LEU B 653 20.16 0.72 -51.28
N SER B 654 20.89 -0.21 -50.68
CA SER B 654 21.08 -1.52 -51.32
C SER B 654 20.42 -2.64 -50.53
N SER B 655 20.16 -2.38 -49.25
CA SER B 655 19.36 -3.29 -48.44
C SER B 655 17.92 -2.78 -48.42
N LYS B 656 17.47 -2.28 -49.57
CA LYS B 656 16.15 -1.72 -49.69
C LYS B 656 15.13 -2.82 -49.44
N PRO B 657 14.17 -2.59 -48.52
CA PRO B 657 13.05 -3.51 -48.35
C PRO B 657 12.02 -3.37 -49.49
N HIS B 658 11.21 -4.40 -49.68
CA HIS B 658 10.22 -4.39 -50.74
C HIS B 658 8.79 -4.61 -50.26
N ASN B 659 8.64 -5.13 -49.04
CA ASN B 659 7.34 -5.33 -48.41
C ASN B 659 7.50 -5.33 -46.89
N PHE B 660 6.44 -5.66 -46.17
CA PHE B 660 6.54 -5.64 -44.73
C PHE B 660 7.47 -6.74 -44.23
N GLU B 661 7.38 -7.91 -44.82
CA GLU B 661 8.19 -9.05 -44.39
C GLU B 661 9.70 -8.79 -44.50
N ASP B 662 10.12 -8.10 -45.55
CA ASP B 662 11.49 -7.60 -45.65
C ASP B 662 11.90 -6.77 -44.45
N CYS B 663 10.96 -5.98 -43.92
CA CYS B 663 11.18 -5.21 -42.69
C CYS B 663 11.30 -6.13 -41.48
N ILE B 664 10.49 -7.18 -41.43
CA ILE B 664 10.61 -8.13 -40.33
C ILE B 664 12.01 -8.77 -40.40
N LYS B 665 12.35 -9.29 -41.60
CA LYS B 665 13.70 -9.74 -41.92
C LYS B 665 14.75 -8.77 -41.34
N TRP B 666 14.68 -7.51 -41.75
CA TRP B 666 15.63 -6.50 -41.30
C TRP B 666 15.77 -6.45 -39.79
N ALA B 667 14.65 -6.29 -39.10
CA ALA B 667 14.64 -6.09 -37.65
C ALA B 667 15.21 -7.29 -36.87
N ARG B 668 14.96 -8.49 -37.38
CA ARG B 668 15.43 -9.72 -36.75
C ARG B 668 16.94 -9.84 -36.89
N LEU B 669 17.49 -9.37 -38.01
CA LEU B 669 18.94 -9.38 -38.24
C LEU B 669 19.62 -8.32 -37.38
N GLU B 670 18.96 -7.17 -37.19
CA GLU B 670 19.52 -6.13 -36.34
C GLU B 670 19.57 -6.61 -34.90
N PHE B 671 18.51 -7.29 -34.45
CA PHE B 671 18.52 -7.93 -33.14
C PHE B 671 19.77 -8.80 -32.99
N GLU B 672 20.03 -9.64 -33.97
CA GLU B 672 21.17 -10.53 -33.92
C GLU B 672 22.50 -9.75 -33.82
N LYS B 673 22.61 -8.62 -34.51
CA LYS B 673 23.82 -7.80 -34.48
C LYS B 673 24.07 -7.17 -33.12
N LYS B 674 23.07 -6.46 -32.60
CA LYS B 674 23.23 -5.67 -31.39
C LYS B 674 23.24 -6.49 -30.10
N PHE B 675 22.46 -7.57 -30.04
CA PHE B 675 22.30 -8.31 -28.80
C PHE B 675 22.97 -9.68 -28.77
N ASN B 676 23.49 -10.12 -29.91
CA ASN B 676 24.24 -11.35 -30.00
C ASN B 676 25.66 -11.07 -30.48
N HIS B 677 25.80 -10.63 -31.72
CA HIS B 677 27.10 -10.53 -32.38
C HIS B 677 28.04 -9.56 -31.69
N ASP B 678 27.56 -8.33 -31.46
CA ASP B 678 28.38 -7.29 -30.84
C ASP B 678 28.80 -7.63 -29.41
N ILE B 679 27.92 -8.31 -28.68
CA ILE B 679 28.21 -8.75 -27.33
C ILE B 679 29.28 -9.82 -27.39
N LYS B 680 29.24 -10.65 -28.43
CA LYS B 680 30.22 -11.71 -28.59
C LYS B 680 31.57 -11.12 -28.93
N GLN B 681 31.54 -10.03 -29.70
CA GLN B 681 32.75 -9.31 -30.07
C GLN B 681 33.40 -8.71 -28.83
N LEU B 682 32.57 -8.06 -28.02
CA LEU B 682 33.02 -7.49 -26.77
C LEU B 682 33.65 -8.55 -25.86
N LEU B 683 33.05 -9.75 -25.85
CA LEU B 683 33.58 -10.89 -25.10
C LEU B 683 34.80 -11.53 -25.76
N PHE B 684 35.02 -11.22 -27.04
CA PHE B 684 36.22 -11.64 -27.73
C PHE B 684 37.43 -10.85 -27.22
N ASN B 685 37.30 -9.53 -27.15
CA ASN B 685 38.35 -8.67 -26.58
C ASN B 685 38.52 -8.86 -25.08
N PHE B 686 37.40 -8.90 -24.36
CA PHE B 686 37.42 -9.00 -22.90
C PHE B 686 36.61 -10.23 -22.46
N PRO B 687 37.24 -11.41 -22.44
CA PRO B 687 36.51 -12.62 -22.07
C PRO B 687 36.22 -12.58 -20.58
N LYS B 688 35.18 -13.30 -20.15
CA LYS B 688 34.68 -13.24 -18.77
C LYS B 688 35.75 -13.34 -17.69
N ASP B 689 36.76 -14.17 -17.93
CA ASP B 689 37.81 -14.47 -16.94
C ASP B 689 39.02 -13.53 -17.00
N ALA B 690 38.95 -12.50 -17.86
CA ALA B 690 40.06 -11.54 -18.06
C ALA B 690 40.44 -10.74 -16.81
N LYS B 691 41.68 -10.29 -16.77
CA LYS B 691 42.28 -9.72 -15.57
C LYS B 691 43.12 -8.48 -15.89
N THR B 692 43.06 -7.46 -15.03
CA THR B 692 43.87 -6.26 -15.20
C THR B 692 45.29 -6.50 -14.69
N SER B 693 46.16 -5.50 -14.84
CA SER B 693 47.55 -5.62 -14.42
C SER B 693 47.66 -6.24 -13.03
N ASN B 694 46.85 -5.75 -12.09
CA ASN B 694 46.94 -6.14 -10.69
C ASN B 694 46.48 -7.56 -10.32
N GLY B 695 45.94 -8.31 -11.29
CA GLY B 695 45.37 -9.63 -11.01
C GLY B 695 43.87 -9.56 -10.80
N GLU B 696 43.39 -8.38 -10.37
CA GLU B 696 41.96 -8.10 -10.27
C GLU B 696 41.23 -8.36 -11.58
N PRO B 697 40.05 -9.01 -11.50
CA PRO B 697 39.19 -9.25 -12.66
C PRO B 697 38.78 -7.97 -13.40
N PHE B 698 38.72 -8.06 -14.73
CA PHE B 698 38.33 -6.93 -15.60
C PHE B 698 36.84 -6.60 -15.46
N TRP B 699 36.03 -7.65 -15.31
CA TRP B 699 34.58 -7.48 -15.14
C TRP B 699 34.21 -7.46 -13.66
N SER B 700 34.17 -6.26 -13.09
CA SER B 700 33.81 -6.05 -11.69
C SER B 700 33.40 -4.60 -11.60
N GLY B 701 32.73 -4.24 -10.52
CA GLY B 701 32.24 -2.88 -10.34
C GLY B 701 31.33 -2.50 -11.48
N ALA B 702 31.63 -1.38 -12.13
CA ALA B 702 30.80 -0.83 -13.21
C ALA B 702 30.78 -1.70 -14.46
N LYS B 703 31.77 -2.58 -14.60
CA LYS B 703 31.84 -3.48 -15.76
C LYS B 703 31.18 -4.83 -15.47
N ARG B 704 30.05 -5.06 -16.11
CA ARG B 704 29.24 -6.24 -15.88
C ARG B 704 29.33 -7.15 -17.10
N ALA B 705 29.79 -8.38 -16.91
CA ALA B 705 29.94 -9.32 -18.05
C ALA B 705 28.61 -9.62 -18.77
N PRO B 706 28.52 -9.29 -20.08
CA PRO B 706 27.28 -9.52 -20.82
C PRO B 706 27.12 -10.97 -21.29
N THR B 707 25.89 -11.35 -21.61
CA THR B 707 25.60 -12.64 -22.23
C THR B 707 24.88 -12.40 -23.56
N PRO B 708 25.33 -13.04 -24.64
CA PRO B 708 24.58 -13.09 -25.91
C PRO B 708 23.14 -13.54 -25.69
N LEU B 709 22.19 -12.89 -26.35
CA LEU B 709 20.79 -13.29 -26.30
C LEU B 709 20.48 -14.27 -27.43
N GLU B 710 19.74 -15.31 -27.10
CA GLU B 710 19.25 -16.20 -28.14
C GLU B 710 17.81 -15.77 -28.41
N PHE B 711 17.54 -15.22 -29.60
CA PHE B 711 16.19 -14.71 -29.93
C PHE B 711 15.02 -15.65 -29.57
N ASP B 712 14.00 -15.09 -28.96
CA ASP B 712 12.86 -15.85 -28.48
C ASP B 712 11.58 -15.05 -28.65
N ILE B 713 10.79 -15.41 -29.65
CA ILE B 713 9.61 -14.65 -30.04
C ILE B 713 8.65 -14.42 -28.86
N TYR B 714 8.73 -15.28 -27.86
CA TYR B 714 7.81 -15.19 -26.71
C TYR B 714 8.29 -14.24 -25.63
N ASN B 715 9.56 -13.87 -25.72
CA ASN B 715 10.10 -12.79 -24.91
C ASN B 715 9.60 -11.40 -25.33
N ASN B 716 8.87 -10.75 -24.43
CA ASN B 716 8.19 -9.49 -24.73
C ASN B 716 9.07 -8.41 -25.33
N ASP B 717 10.33 -8.40 -24.91
CA ASP B 717 11.29 -7.43 -25.37
C ASP B 717 11.90 -7.86 -26.71
N HIS B 718 12.09 -9.15 -26.90
CA HIS B 718 12.59 -9.63 -28.17
C HIS B 718 11.49 -9.33 -29.20
N PHE B 719 10.30 -9.84 -28.90
CA PHE B 719 9.11 -9.64 -29.73
C PHE B 719 8.85 -8.19 -30.15
N HIS B 720 8.81 -7.27 -29.19
CA HIS B 720 8.48 -5.89 -29.50
C HIS B 720 9.63 -5.17 -30.22
N PHE B 721 10.86 -5.62 -30.01
CA PHE B 721 11.96 -5.08 -30.79
C PHE B 721 11.74 -5.29 -32.29
N VAL B 722 11.34 -6.50 -32.68
CA VAL B 722 11.11 -6.83 -34.08
C VAL B 722 9.86 -6.12 -34.62
N VAL B 723 8.77 -6.10 -33.82
CA VAL B 723 7.51 -5.48 -34.26
C VAL B 723 7.68 -3.98 -34.50
N ALA B 724 8.26 -3.31 -33.51
CA ALA B 724 8.46 -1.88 -33.59
C ALA B 724 9.51 -1.57 -34.65
N GLY B 725 10.57 -2.37 -34.71
CA GLY B 725 11.62 -2.14 -35.69
C GLY B 725 11.07 -2.32 -37.09
N ALA B 726 10.26 -3.36 -37.30
CA ALA B 726 9.67 -3.61 -38.60
C ALA B 726 8.73 -2.48 -39.02
N SER B 727 7.83 -2.07 -38.13
CA SER B 727 6.87 -1.03 -38.47
C SER B 727 7.55 0.34 -38.72
N LEU B 728 8.61 0.67 -37.99
CA LEU B 728 9.37 1.92 -38.20
C LEU B 728 10.17 1.91 -39.52
N ARG B 729 10.81 0.78 -39.81
CA ARG B 729 11.46 0.54 -41.08
C ARG B 729 10.44 0.68 -42.23
N ALA B 730 9.32 -0.02 -42.11
CA ALA B 730 8.25 -0.01 -43.09
C ALA B 730 7.77 1.41 -43.35
N TYR B 731 7.78 2.22 -42.30
CA TYR B 731 7.41 3.62 -42.38
C TYR B 731 8.46 4.40 -43.15
N ASN B 732 9.74 4.18 -42.83
CA ASN B 732 10.83 4.85 -43.54
C ASN B 732 10.71 4.66 -45.05
N TYR B 733 10.29 3.46 -45.47
CA TYR B 733 10.28 3.09 -46.89
C TYR B 733 8.92 3.16 -47.60
N GLY B 734 7.91 3.69 -46.92
CA GLY B 734 6.58 3.87 -47.51
C GLY B 734 5.82 2.58 -47.70
N ILE B 735 6.09 1.61 -46.83
CA ILE B 735 5.48 0.30 -46.89
C ILE B 735 4.41 0.19 -45.82
N LYS B 736 3.18 -0.04 -46.28
CA LYS B 736 2.04 -0.30 -45.42
C LYS B 736 2.34 -1.54 -44.57
N SER B 737 2.19 -1.41 -43.25
CA SER B 737 2.45 -2.53 -42.35
C SER B 737 1.40 -3.65 -42.45
N ASP B 738 1.77 -4.85 -42.02
CA ASP B 738 0.83 -5.97 -42.02
C ASP B 738 0.06 -6.11 -40.70
N ASP B 739 0.48 -5.37 -39.67
CA ASP B 739 -0.31 -5.24 -38.43
C ASP B 739 -1.66 -4.59 -38.72
N SER B 740 -2.74 -5.30 -38.46
CA SER B 740 -4.07 -4.72 -38.66
C SER B 740 -4.55 -4.13 -37.35
N ASN B 741 -5.14 -2.94 -37.42
CA ASN B 741 -5.51 -2.12 -36.24
C ASN B 741 -4.39 -2.13 -35.21
N SER B 742 -3.16 -2.06 -35.73
CA SER B 742 -1.90 -2.17 -34.97
C SER B 742 -1.85 -3.21 -33.84
N LYS B 743 -2.57 -4.32 -34.03
CA LYS B 743 -2.29 -5.53 -33.30
C LYS B 743 -1.35 -6.31 -34.23
N PRO B 744 -0.14 -6.65 -33.76
CA PRO B 744 0.76 -7.51 -34.53
C PRO B 744 0.21 -8.92 -34.76
N ASN B 745 0.22 -9.36 -36.01
CA ASN B 745 -0.19 -10.72 -36.36
C ASN B 745 0.98 -11.67 -36.06
N VAL B 746 0.90 -12.36 -34.92
CA VAL B 746 2.01 -13.15 -34.35
C VAL B 746 2.47 -14.28 -35.29
N ASP B 747 1.51 -14.94 -35.92
CA ASP B 747 1.81 -16.02 -36.86
C ASP B 747 2.72 -15.54 -37.97
N GLU B 748 2.40 -14.36 -38.52
CA GLU B 748 3.17 -13.71 -39.55
C GLU B 748 4.63 -13.52 -39.11
N TYR B 749 4.86 -12.91 -37.96
CA TYR B 749 6.22 -12.70 -37.47
C TYR B 749 6.92 -14.02 -37.21
N LYS B 750 6.18 -14.94 -36.61
CA LYS B 750 6.66 -16.29 -36.31
C LYS B 750 7.20 -16.99 -37.58
N SER B 751 6.37 -17.13 -38.61
CA SER B 751 6.83 -17.88 -39.77
C SER B 751 7.96 -17.19 -40.53
N VAL B 752 7.89 -15.87 -40.65
CA VAL B 752 8.94 -15.14 -41.37
C VAL B 752 10.28 -15.40 -40.70
N ILE B 753 10.31 -15.26 -39.39
CA ILE B 753 11.53 -15.45 -38.60
C ILE B 753 12.01 -16.91 -38.59
N ASP B 754 11.09 -17.87 -38.64
CA ASP B 754 11.44 -19.29 -38.61
C ASP B 754 12.09 -19.78 -39.91
N HIS B 755 11.81 -19.10 -41.02
CA HIS B 755 12.35 -19.47 -42.34
C HIS B 755 13.58 -18.66 -42.74
N MET B 756 14.20 -18.00 -41.78
CA MET B 756 15.37 -17.17 -42.03
C MET B 756 16.67 -17.89 -41.65
N ILE B 757 17.70 -17.74 -42.47
CA ILE B 757 19.05 -18.18 -42.11
C ILE B 757 19.77 -17.06 -41.35
N ILE B 758 20.06 -17.32 -40.08
CA ILE B 758 20.73 -16.34 -39.22
C ILE B 758 22.24 -16.54 -39.30
N PRO B 759 22.95 -15.60 -39.94
CA PRO B 759 24.39 -15.82 -40.16
C PRO B 759 25.14 -15.85 -38.82
N GLU B 760 26.06 -16.81 -38.70
CA GLU B 760 26.81 -17.07 -37.46
C GLU B 760 27.73 -15.90 -37.13
N PHE B 761 28.15 -15.83 -35.86
CA PHE B 761 29.16 -14.88 -35.45
C PHE B 761 30.57 -15.24 -35.94
N THR B 762 31.23 -14.26 -36.57
CA THR B 762 32.68 -14.33 -36.85
C THR B 762 33.37 -13.23 -36.05
N PRO B 763 34.37 -13.61 -35.23
CA PRO B 763 35.11 -12.62 -34.44
C PRO B 763 36.01 -11.74 -35.32
N ASN B 764 36.27 -10.53 -34.84
CA ASN B 764 37.13 -9.57 -35.53
C ASN B 764 38.39 -9.29 -34.72
N ALA B 765 39.49 -9.95 -35.09
CA ALA B 765 40.75 -9.86 -34.36
C ALA B 765 41.45 -8.51 -34.51
N ASN B 766 40.85 -7.60 -35.27
CA ASN B 766 41.39 -6.25 -35.47
C ASN B 766 40.85 -5.22 -34.48
N LEU B 767 39.58 -5.36 -34.11
CA LEU B 767 38.83 -4.30 -33.45
C LEU B 767 39.28 -3.99 -32.01
N LYS B 768 39.74 -2.76 -31.75
CA LYS B 768 40.05 -2.29 -30.38
C LYS B 768 38.82 -1.63 -29.72
N ILE B 769 38.58 -1.96 -28.46
CA ILE B 769 37.42 -1.39 -27.73
C ILE B 769 37.91 -0.51 -26.58
N GLN B 770 37.47 0.74 -26.57
CA GLN B 770 37.94 1.72 -25.60
C GLN B 770 37.42 1.40 -24.18
N VAL B 771 38.30 1.50 -23.19
CA VAL B 771 38.01 1.03 -21.85
C VAL B 771 37.63 2.17 -20.89
N ASN B 772 38.49 3.19 -20.79
CA ASN B 772 38.17 4.39 -20.02
C ASN B 772 38.11 5.62 -20.91
N ASP B 773 37.26 6.58 -20.55
CA ASP B 773 37.00 7.74 -21.39
C ASP B 773 38.24 8.57 -21.77
N ASP B 774 39.26 8.50 -20.94
CA ASP B 774 40.51 9.26 -21.15
C ASP B 774 41.63 8.46 -21.84
N ASP B 775 41.30 7.25 -22.29
CA ASP B 775 42.29 6.37 -22.94
C ASP B 775 42.46 6.68 -24.43
N PRO B 776 43.67 6.45 -25.00
CA PRO B 776 43.95 6.86 -26.39
C PRO B 776 43.43 5.90 -27.45
N GLY B 785 38.81 -3.25 -40.17
CA GLY B 785 39.04 -1.83 -39.96
C GLY B 785 40.09 -1.23 -40.88
N SER B 786 39.95 0.07 -41.17
CA SER B 786 40.89 0.89 -41.96
C SER B 786 40.95 0.59 -43.47
N ASP B 787 41.29 1.61 -44.25
CA ASP B 787 41.46 1.56 -45.73
C ASP B 787 40.33 0.92 -46.52
N GLU B 788 39.17 0.78 -45.87
CA GLU B 788 37.92 0.39 -46.52
C GLU B 788 37.45 1.58 -47.33
N ILE B 789 36.60 2.41 -46.69
CA ILE B 789 36.17 3.73 -47.17
C ILE B 789 36.18 4.01 -48.69
N ASP B 790 37.28 3.64 -49.39
CA ASP B 790 37.30 3.64 -50.85
C ASP B 790 36.24 2.69 -51.37
N GLN B 791 36.04 1.60 -50.61
CA GLN B 791 35.01 0.61 -50.88
C GLN B 791 33.64 1.21 -50.67
N LEU B 792 33.47 1.88 -49.54
CA LEU B 792 32.25 2.62 -49.26
C LEU B 792 31.96 3.65 -50.33
N VAL B 793 32.96 4.46 -50.70
CA VAL B 793 32.74 5.50 -51.69
C VAL B 793 32.37 4.90 -53.04
N SER B 794 33.17 3.94 -53.51
CA SER B 794 32.93 3.24 -54.78
C SER B 794 31.59 2.49 -54.83
N SER B 795 31.20 1.87 -53.71
CA SER B 795 29.92 1.15 -53.64
C SER B 795 28.73 2.06 -53.94
N LEU B 796 28.80 3.32 -53.49
CA LEU B 796 27.65 4.23 -53.53
C LEU B 796 27.03 4.34 -54.92
N PRO B 797 25.71 4.08 -54.99
CA PRO B 797 24.91 4.23 -56.20
C PRO B 797 24.84 5.66 -56.68
N ASP B 798 25.19 5.90 -57.93
CA ASP B 798 25.00 7.22 -58.50
C ASP B 798 23.55 7.67 -58.19
N PRO B 799 23.37 8.89 -57.65
CA PRO B 799 22.04 9.43 -57.30
C PRO B 799 21.00 9.42 -58.43
N SER B 800 21.41 9.79 -59.64
CA SER B 800 20.50 9.80 -60.79
C SER B 800 19.88 8.44 -61.09
N THR B 801 20.34 7.40 -60.40
CA THR B 801 19.71 6.07 -60.43
C THR B 801 18.36 6.14 -59.71
N LEU B 802 18.36 6.71 -58.52
CA LEU B 802 17.16 6.76 -57.68
C LEU B 802 16.43 8.11 -57.74
N ALA B 803 16.73 8.90 -58.78
CA ALA B 803 16.16 10.25 -58.95
C ALA B 803 14.62 10.23 -58.88
N GLY B 804 14.09 10.58 -57.72
CA GLY B 804 12.67 10.51 -57.43
C GLY B 804 12.45 10.00 -56.02
N PHE B 805 13.08 8.87 -55.69
CA PHE B 805 12.89 8.17 -54.42
C PHE B 805 13.30 9.00 -53.19
N LYS B 806 12.58 8.79 -52.09
CA LYS B 806 12.72 9.60 -50.88
C LYS B 806 12.35 8.71 -49.70
N LEU B 807 13.11 8.79 -48.61
CA LEU B 807 12.77 8.10 -47.36
C LEU B 807 12.04 9.04 -46.44
N GLU B 808 11.13 8.50 -45.64
CA GLU B 808 10.39 9.27 -44.67
C GLU B 808 11.03 9.24 -43.26
N PRO B 809 11.67 10.35 -42.83
CA PRO B 809 12.34 10.30 -41.53
C PRO B 809 11.35 10.40 -40.38
N VAL B 810 11.50 9.51 -39.41
CA VAL B 810 10.68 9.52 -38.21
C VAL B 810 10.97 10.78 -37.41
N ASP B 811 9.92 11.47 -36.99
CA ASP B 811 10.02 12.62 -36.09
C ASP B 811 9.57 12.18 -34.69
N PHE B 812 10.53 12.07 -33.77
CA PHE B 812 10.27 11.49 -32.45
C PHE B 812 9.10 12.15 -31.74
N GLU B 813 8.19 11.32 -31.24
CA GLU B 813 7.00 11.78 -30.54
C GLU B 813 6.67 10.88 -29.36
N LYS B 814 7.00 11.33 -28.15
CA LYS B 814 6.91 10.48 -26.94
C LYS B 814 5.47 10.19 -26.52
N ASP B 815 4.56 11.09 -26.91
CA ASP B 815 3.22 11.12 -26.35
C ASP B 815 2.16 10.46 -27.21
N ASP B 816 2.56 9.74 -28.24
CA ASP B 816 1.61 9.00 -29.04
C ASP B 816 1.94 7.52 -28.92
N ASP B 817 1.05 6.79 -28.23
CA ASP B 817 1.26 5.38 -27.90
C ASP B 817 1.12 4.43 -29.09
N THR B 818 0.64 4.94 -30.21
CA THR B 818 0.32 4.10 -31.37
C THR B 818 1.42 4.12 -32.44
N ASN B 819 2.46 4.92 -32.25
CA ASN B 819 3.46 5.15 -33.28
C ASN B 819 4.71 4.29 -33.16
N HIS B 820 4.73 3.38 -32.21
CA HIS B 820 5.84 2.44 -32.05
C HIS B 820 7.15 3.02 -31.53
N HIS B 821 7.22 4.33 -31.29
CA HIS B 821 8.47 4.98 -30.84
C HIS B 821 8.93 4.46 -29.48
N ILE B 822 8.09 4.68 -28.45
CA ILE B 822 8.41 4.20 -27.12
C ILE B 822 8.46 2.70 -27.10
N GLU B 823 7.50 2.05 -27.73
CA GLU B 823 7.59 0.60 -27.93
C GLU B 823 9.02 0.17 -28.36
N PHE B 824 9.57 0.81 -29.38
CA PHE B 824 10.91 0.48 -29.82
C PHE B 824 11.96 0.76 -28.76
N ILE B 825 11.92 1.96 -28.19
CA ILE B 825 12.96 2.40 -27.28
C ILE B 825 12.96 1.51 -26.05
N THR B 826 11.78 1.26 -25.50
CA THR B 826 11.63 0.33 -24.38
C THR B 826 12.18 -1.06 -24.71
N ALA B 827 11.78 -1.64 -25.84
CA ALA B 827 12.18 -3.01 -26.15
C ALA B 827 13.68 -3.10 -26.35
N CYS B 828 14.23 -2.12 -27.07
CA CYS B 828 15.62 -2.13 -27.45
C CYS B 828 16.49 -1.92 -26.23
N SER B 829 16.03 -1.02 -25.36
CA SER B 829 16.72 -0.71 -24.12
C SER B 829 16.71 -1.94 -23.23
N ASN B 830 15.55 -2.59 -23.15
CA ASN B 830 15.41 -3.77 -22.32
C ASN B 830 16.21 -4.95 -22.86
N CYS B 831 16.41 -5.01 -24.17
CA CYS B 831 17.21 -6.10 -24.74
C CYS B 831 18.68 -5.93 -24.35
N ARG B 832 19.14 -4.69 -24.33
CA ARG B 832 20.50 -4.41 -23.87
C ARG B 832 20.63 -4.65 -22.37
N ALA B 833 19.57 -4.33 -21.64
CA ALA B 833 19.51 -4.62 -20.21
C ALA B 833 19.57 -6.13 -19.94
N GLN B 834 18.79 -6.89 -20.70
CA GLN B 834 18.88 -8.34 -20.62
C GLN B 834 20.36 -8.75 -20.76
N ASN B 835 21.06 -8.31 -21.81
CA ASN B 835 22.48 -8.61 -22.04
C ASN B 835 23.40 -8.45 -20.83
N TYR B 836 23.09 -7.46 -20.00
CA TYR B 836 24.00 -7.02 -18.94
C TYR B 836 23.47 -7.29 -17.54
N PHE B 837 22.35 -8.01 -17.46
CA PHE B 837 21.71 -8.35 -16.19
C PHE B 837 21.27 -7.09 -15.40
N ILE B 838 20.72 -6.13 -16.12
CA ILE B 838 20.10 -4.95 -15.53
C ILE B 838 18.58 -5.20 -15.52
N GLU B 839 17.91 -4.75 -14.48
CA GLU B 839 16.47 -4.89 -14.40
C GLU B 839 15.83 -4.06 -15.50
N THR B 840 14.97 -4.70 -16.28
CA THR B 840 14.26 -4.07 -17.38
C THR B 840 13.13 -3.19 -16.86
N ALA B 841 12.79 -2.16 -17.62
CA ALA B 841 11.78 -1.17 -17.25
C ALA B 841 10.55 -1.28 -18.14
N ASP B 842 9.44 -0.70 -17.69
CA ASP B 842 8.21 -0.65 -18.44
C ASP B 842 8.24 0.59 -19.34
N ARG B 843 7.23 0.76 -20.19
CA ARG B 843 7.30 1.88 -21.12
C ARG B 843 7.11 3.25 -20.46
N GLN B 844 6.43 3.27 -19.32
CA GLN B 844 6.28 4.53 -18.58
C GLN B 844 7.60 5.07 -18.01
N LYS B 845 8.46 4.19 -17.53
CA LYS B 845 9.76 4.62 -17.02
C LYS B 845 10.66 5.07 -18.16
N THR B 846 10.56 4.38 -19.30
CA THR B 846 11.37 4.67 -20.46
C THR B 846 10.96 5.97 -21.12
N LYS B 847 9.66 6.14 -21.35
CA LYS B 847 9.09 7.39 -21.85
C LYS B 847 9.58 8.58 -21.02
N PHE B 848 9.58 8.44 -19.70
CA PHE B 848 10.09 9.46 -18.78
C PHE B 848 11.54 9.84 -19.07
N ILE B 849 12.39 8.83 -19.25
CA ILE B 849 13.81 9.11 -19.41
C ILE B 849 14.15 9.55 -20.83
N ALA B 850 13.79 8.74 -21.83
CA ALA B 850 14.03 9.09 -23.22
C ALA B 850 13.36 10.41 -23.63
N GLY B 851 12.21 10.69 -23.04
CA GLY B 851 11.42 11.86 -23.39
C GLY B 851 11.80 13.08 -22.59
N ARG B 852 12.70 12.88 -21.62
CA ARG B 852 13.21 13.94 -20.76
C ARG B 852 12.08 14.77 -20.17
N ILE B 853 11.04 14.08 -19.71
CA ILE B 853 9.85 14.71 -19.17
C ILE B 853 10.12 15.34 -17.79
N ILE B 854 9.37 16.39 -17.46
CA ILE B 854 9.44 17.04 -16.16
C ILE B 854 8.15 16.80 -15.37
N PRO B 855 8.26 16.14 -14.21
CA PRO B 855 7.09 15.81 -13.42
C PRO B 855 6.35 17.09 -13.11
N ALA B 856 5.02 17.07 -13.13
CA ALA B 856 4.28 18.31 -12.87
C ALA B 856 2.89 18.05 -12.35
N ILE B 857 2.45 18.93 -11.44
CA ILE B 857 1.15 18.79 -10.79
C ILE B 857 0.54 20.18 -10.51
N ALA B 858 -0.77 20.30 -10.67
CA ALA B 858 -1.48 21.60 -10.53
C ALA B 858 -1.20 22.24 -9.18
N THR B 859 -0.79 21.40 -8.25
CA THR B 859 -0.69 21.72 -6.86
C THR B 859 0.39 22.79 -6.61
N THR B 860 1.64 22.42 -6.81
CA THR B 860 2.80 23.29 -6.71
C THR B 860 2.67 24.47 -7.66
N THR B 861 2.11 24.22 -8.85
CA THR B 861 1.94 25.23 -9.87
C THR B 861 1.09 26.40 -9.38
N SER B 862 -0.06 26.12 -8.80
CA SER B 862 -0.90 27.22 -8.34
C SER B 862 -0.30 27.94 -7.13
N LEU B 863 0.40 27.20 -6.27
CA LEU B 863 1.08 27.76 -5.08
C LEU B 863 2.16 28.81 -5.46
N VAL B 864 3.09 28.38 -6.29
CA VAL B 864 4.18 29.20 -6.77
C VAL B 864 3.66 30.46 -7.49
N THR B 865 2.62 30.31 -8.31
CA THR B 865 1.97 31.45 -8.97
C THR B 865 1.41 32.40 -7.90
N GLY B 866 0.78 31.83 -6.88
CA GLY B 866 0.32 32.61 -5.72
C GLY B 866 1.42 33.53 -5.24
N LEU B 867 2.57 32.97 -4.87
CA LEU B 867 3.72 33.75 -4.41
C LEU B 867 4.19 34.81 -5.41
N VAL B 868 4.29 34.45 -6.69
CA VAL B 868 4.69 35.45 -7.69
C VAL B 868 3.79 36.68 -7.53
N ASN B 869 2.49 36.43 -7.38
CA ASN B 869 1.52 37.52 -7.33
C ASN B 869 1.54 38.33 -6.07
N LEU B 870 2.20 37.83 -5.03
CA LEU B 870 2.46 38.62 -3.86
C LEU B 870 3.68 39.55 -4.02
N GLU B 871 4.68 39.11 -4.79
CA GLU B 871 5.78 40.01 -5.16
C GLU B 871 5.30 41.06 -6.17
N LEU B 872 4.44 40.67 -7.10
CA LEU B 872 3.84 41.60 -8.06
C LEU B 872 3.37 42.91 -7.44
N TYR B 873 2.65 42.82 -6.32
CA TYR B 873 2.21 43.99 -5.57
C TYR B 873 3.35 44.95 -5.26
N LYS B 874 4.52 44.41 -4.94
CA LYS B 874 5.67 45.23 -4.60
C LYS B 874 6.28 45.95 -5.84
N LEU B 875 6.25 45.29 -7.00
CA LEU B 875 6.59 45.95 -8.26
C LEU B 875 5.70 47.16 -8.54
N ILE B 876 4.39 46.99 -8.38
CA ILE B 876 3.46 48.08 -8.64
C ILE B 876 3.76 49.30 -7.77
N ASP B 877 4.21 49.07 -6.53
CA ASP B 877 4.56 50.18 -5.64
C ASP B 877 5.94 50.75 -5.88
N ASN B 878 6.63 50.32 -6.96
CA ASN B 878 8.01 50.72 -7.22
C ASN B 878 8.88 50.59 -5.96
N LYS B 879 8.76 49.48 -5.24
CA LYS B 879 9.57 49.28 -4.04
C LYS B 879 11.08 49.31 -4.33
N THR B 880 11.83 49.97 -3.47
CA THR B 880 13.25 50.23 -3.70
C THR B 880 14.10 49.64 -2.59
N ASP B 881 13.43 49.14 -1.56
CA ASP B 881 14.08 48.52 -0.44
C ASP B 881 14.13 47.00 -0.68
N ILE B 882 15.34 46.49 -0.89
CA ILE B 882 15.56 45.09 -1.24
C ILE B 882 14.99 44.13 -0.18
N GLU B 883 14.86 44.62 1.04
CA GLU B 883 14.46 43.79 2.17
C GLU B 883 12.95 43.52 2.22
N GLN B 884 12.20 44.22 1.39
CA GLN B 884 10.77 43.98 1.26
C GLN B 884 10.50 42.77 0.37
N TYR B 885 11.46 42.48 -0.51
CA TYR B 885 11.26 41.48 -1.55
C TYR B 885 11.62 40.10 -1.02
N LYS B 886 10.94 39.07 -1.56
CA LYS B 886 11.19 37.70 -1.13
C LYS B 886 11.28 36.71 -2.28
N ASN B 887 12.44 36.10 -2.47
CA ASN B 887 12.54 34.89 -3.29
C ASN B 887 11.97 33.71 -2.53
N GLY B 888 11.13 32.92 -3.19
CA GLY B 888 10.51 31.76 -2.54
C GLY B 888 11.05 30.42 -2.98
N PHE B 889 11.11 29.50 -2.03
CA PHE B 889 11.53 28.12 -2.24
C PHE B 889 10.59 27.15 -1.50
N VAL B 890 10.16 26.11 -2.20
CA VAL B 890 9.08 25.31 -1.70
C VAL B 890 9.24 23.84 -2.07
N ASN B 891 8.96 22.97 -1.12
CA ASN B 891 8.74 21.54 -1.41
C ASN B 891 7.58 20.95 -0.58
N LEU B 892 6.46 20.76 -1.26
CA LEU B 892 5.22 20.34 -0.63
C LEU B 892 5.30 18.91 -0.12
N ALA B 893 6.26 18.15 -0.62
CA ALA B 893 6.48 16.79 -0.13
C ALA B 893 6.85 16.77 1.36
N LEU B 894 7.47 17.84 1.86
CA LEU B 894 8.03 17.81 3.21
C LEU B 894 7.09 18.11 4.41
N PRO B 895 6.27 19.17 4.38
CA PRO B 895 6.26 20.29 3.46
C PRO B 895 7.28 21.31 3.94
N PHE B 896 7.92 22.00 3.01
CA PHE B 896 8.86 23.01 3.41
C PHE B 896 8.59 24.27 2.64
N PHE B 897 8.63 25.39 3.35
CA PHE B 897 8.48 26.71 2.76
C PHE B 897 9.62 27.52 3.27
N GLY B 898 10.19 28.38 2.44
CA GLY B 898 11.36 29.15 2.84
C GLY B 898 11.56 30.34 1.93
N PHE B 899 12.08 31.42 2.49
CA PHE B 899 12.19 32.66 1.74
C PHE B 899 13.50 33.33 2.00
N SER B 900 13.95 34.11 1.04
CA SER B 900 15.17 34.91 1.22
C SER B 900 15.13 36.20 0.42
N GLU B 901 15.73 37.22 0.99
CA GLU B 901 15.96 38.49 0.33
C GLU B 901 16.74 38.29 -0.99
N PRO B 902 16.33 38.96 -2.08
CA PRO B 902 17.19 38.89 -3.26
C PRO B 902 18.56 39.43 -2.97
N ILE B 903 19.55 38.92 -3.68
CA ILE B 903 20.92 39.36 -3.54
C ILE B 903 21.06 40.66 -4.30
N ALA B 904 21.82 41.60 -3.74
CA ALA B 904 22.01 42.91 -4.36
C ALA B 904 22.92 42.86 -5.59
N SER B 905 22.61 43.69 -6.57
CA SER B 905 23.48 43.87 -7.72
C SER B 905 24.86 44.34 -7.26
N PRO B 906 25.94 43.71 -7.75
CA PRO B 906 27.25 44.18 -7.37
C PRO B 906 27.48 45.61 -7.85
N LYS B 907 28.25 46.35 -7.07
CA LYS B 907 28.49 47.78 -7.33
C LYS B 907 29.95 48.07 -7.63
N GLY B 908 30.18 49.09 -8.44
CA GLY B 908 31.52 49.48 -8.82
C GLY B 908 31.75 50.96 -8.64
N GLU B 909 32.94 51.40 -9.02
CA GLU B 909 33.39 52.75 -8.70
C GLU B 909 34.46 53.20 -9.68
N TYR B 910 34.27 54.38 -10.26
CA TYR B 910 35.35 55.07 -10.97
C TYR B 910 35.32 56.55 -10.64
N ASN B 911 36.49 57.12 -10.36
CA ASN B 911 36.59 58.55 -10.01
C ASN B 911 35.64 58.85 -8.88
N ASN B 912 35.63 57.98 -7.87
CA ASN B 912 34.84 58.18 -6.65
C ASN B 912 33.32 58.09 -6.87
N LYS B 913 32.93 57.95 -8.13
CA LYS B 913 31.54 57.91 -8.54
C LYS B 913 31.02 56.47 -8.69
N LYS B 914 29.91 56.20 -8.02
CA LYS B 914 29.34 54.85 -7.93
C LYS B 914 28.53 54.46 -9.16
N TYR B 915 28.51 53.15 -9.44
CA TYR B 915 27.78 52.61 -10.59
C TYR B 915 27.35 51.15 -10.38
N ASP B 916 26.28 50.75 -11.05
CA ASP B 916 25.73 49.40 -10.91
C ASP B 916 26.30 48.53 -12.01
N LYS B 917 26.94 47.43 -11.64
CA LYS B 917 27.69 46.62 -12.62
C LYS B 917 26.80 45.80 -13.51
N ILE B 918 25.53 45.67 -13.16
CA ILE B 918 24.61 44.90 -14.00
C ILE B 918 23.73 45.85 -14.78
N TRP B 919 23.20 46.87 -14.11
CA TRP B 919 22.14 47.70 -14.65
C TRP B 919 22.53 49.04 -15.32
N ASP B 920 23.69 49.60 -14.98
CA ASP B 920 24.08 50.91 -15.48
C ASP B 920 24.83 50.86 -16.79
N ARG B 921 24.51 51.80 -17.67
CA ARG B 921 25.18 51.93 -18.95
C ARG B 921 25.15 53.38 -19.39
N PHE B 922 26.10 53.76 -20.24
CA PHE B 922 26.09 55.11 -20.79
C PHE B 922 25.16 55.12 -21.99
N ASP B 923 24.20 56.04 -21.99
CA ASP B 923 23.25 56.19 -23.09
C ASP B 923 23.70 57.30 -24.04
N ILE B 924 23.73 57.00 -25.34
CA ILE B 924 24.21 57.96 -26.35
C ILE B 924 23.22 58.24 -27.49
N LYS B 925 22.93 59.52 -27.66
CA LYS B 925 22.05 60.03 -28.72
C LYS B 925 22.77 59.95 -30.08
N GLY B 926 22.10 59.35 -31.08
CA GLY B 926 22.62 59.21 -32.46
C GLY B 926 23.84 58.33 -32.58
N ASP B 927 24.34 58.09 -33.80
CA ASP B 927 25.63 57.43 -33.93
C ASP B 927 26.77 58.42 -34.09
N ILE B 928 27.47 58.57 -32.98
CA ILE B 928 28.42 59.64 -32.76
C ILE B 928 29.74 59.28 -33.47
N LYS B 929 30.52 60.30 -33.83
CA LYS B 929 31.85 60.06 -34.42
C LYS B 929 32.77 59.44 -33.37
N LEU B 930 33.72 58.60 -33.79
CA LEU B 930 34.68 58.05 -32.83
C LEU B 930 35.27 59.16 -31.95
N SER B 931 35.88 60.18 -32.57
CA SER B 931 36.49 61.30 -31.85
C SER B 931 35.53 61.95 -30.85
N ASP B 932 34.30 62.23 -31.29
CA ASP B 932 33.27 62.76 -30.42
C ASP B 932 33.09 61.92 -29.16
N LEU B 933 33.10 60.59 -29.33
CA LEU B 933 32.87 59.66 -28.24
C LEU B 933 33.98 59.76 -27.19
N ILE B 934 35.22 59.84 -27.65
CA ILE B 934 36.38 59.95 -26.77
C ILE B 934 36.36 61.22 -25.89
N GLU B 935 35.95 62.34 -26.48
CA GLU B 935 35.92 63.62 -25.78
C GLU B 935 34.74 63.73 -24.82
N HIS B 936 33.61 63.16 -25.20
CA HIS B 936 32.42 63.09 -24.35
C HIS B 936 32.72 62.38 -23.04
N PHE B 937 33.39 61.24 -23.12
CA PHE B 937 33.73 60.51 -21.91
C PHE B 937 34.74 61.23 -21.05
N GLU B 938 35.39 62.24 -21.62
CA GLU B 938 36.41 63.00 -20.92
C GLU B 938 35.80 64.17 -20.13
N LYS B 939 34.94 64.95 -20.78
CA LYS B 939 34.22 66.02 -20.10
C LYS B 939 33.26 65.45 -19.07
N ASP B 940 32.42 64.51 -19.50
CA ASP B 940 31.26 64.09 -18.72
C ASP B 940 31.59 63.12 -17.56
N GLU B 941 32.13 61.95 -17.91
CA GLU B 941 32.77 61.09 -16.92
C GLU B 941 34.24 61.47 -16.90
N GLY B 942 34.99 61.02 -15.89
CA GLY B 942 36.42 61.33 -15.88
C GLY B 942 37.25 60.27 -16.60
N LEU B 943 36.80 59.86 -17.79
CA LEU B 943 37.26 58.62 -18.40
C LEU B 943 37.99 58.77 -19.73
N GLU B 944 39.22 58.29 -19.76
CA GLU B 944 40.02 58.22 -20.97
C GLU B 944 39.93 56.80 -21.53
N ILE B 945 39.47 56.67 -22.77
CA ILE B 945 39.17 55.36 -23.35
C ILE B 945 40.43 54.60 -23.86
N THR B 946 40.65 53.39 -23.36
CA THR B 946 41.76 52.53 -23.79
C THR B 946 41.34 51.77 -25.04
N MET B 947 40.13 51.20 -24.99
CA MET B 947 39.62 50.30 -26.01
C MET B 947 38.13 50.44 -26.19
N LEU B 948 37.66 50.16 -27.40
CA LEU B 948 36.25 50.20 -27.71
C LEU B 948 35.95 49.08 -28.70
N SER B 949 35.00 48.23 -28.35
CA SER B 949 34.62 47.11 -29.21
C SER B 949 33.11 46.94 -29.35
N TYR B 950 32.73 46.28 -30.44
CA TYR B 950 31.36 45.94 -30.73
C TYR B 950 31.36 44.44 -30.87
N GLY B 951 30.82 43.77 -29.85
CA GLY B 951 30.89 42.32 -29.77
C GLY B 951 32.33 41.88 -29.92
N VAL B 952 32.56 40.89 -30.77
CA VAL B 952 33.89 40.33 -31.01
C VAL B 952 34.95 41.38 -31.45
N SER B 953 34.54 42.34 -32.28
CA SER B 953 35.53 43.18 -33.02
C SER B 953 35.98 44.49 -32.37
N LEU B 954 37.29 44.71 -32.42
CA LEU B 954 37.94 45.92 -31.89
C LEU B 954 37.74 47.11 -32.82
N LEU B 955 37.26 48.21 -32.28
CA LEU B 955 36.96 49.40 -33.08
C LEU B 955 37.98 50.52 -32.88
N TYR B 956 38.59 50.55 -31.68
CA TYR B 956 39.55 51.58 -31.31
C TYR B 956 40.42 51.09 -30.16
N ALA B 957 41.67 51.59 -30.08
CA ALA B 957 42.59 51.32 -28.95
C ALA B 957 43.77 52.31 -28.85
N SER B 958 44.38 52.37 -27.66
CA SER B 958 45.58 53.17 -27.39
C SER B 958 46.74 52.81 -28.29
N PHE B 959 46.94 51.51 -28.50
CA PHE B 959 48.13 51.01 -29.19
C PHE B 959 48.07 51.09 -30.72
N PHE B 960 46.95 51.60 -31.24
CA PHE B 960 46.73 51.82 -32.68
C PHE B 960 47.66 52.90 -33.22
N PRO B 961 48.53 52.55 -34.18
CA PRO B 961 49.40 53.55 -34.81
C PRO B 961 48.62 54.77 -35.33
N PRO B 962 49.27 55.94 -35.38
CA PRO B 962 48.73 57.19 -35.97
C PRO B 962 47.86 57.02 -37.23
N LYS B 963 48.35 56.28 -38.23
CA LYS B 963 47.60 56.07 -39.47
C LYS B 963 46.35 55.19 -39.28
N LYS B 964 46.46 54.17 -38.46
CA LYS B 964 45.31 53.36 -38.09
C LYS B 964 44.20 54.22 -37.44
N LEU B 965 44.58 55.14 -36.56
CA LEU B 965 43.63 56.06 -35.91
C LEU B 965 42.99 57.03 -36.90
N LYS B 966 43.81 57.49 -37.84
CA LYS B 966 43.40 58.48 -38.81
C LYS B 966 42.09 58.15 -39.55
N GLU B 967 41.94 56.92 -40.02
CA GLU B 967 40.71 56.53 -40.72
C GLU B 967 39.52 56.63 -39.78
N ARG B 968 39.71 56.07 -38.60
CA ARG B 968 38.62 55.76 -37.70
C ARG B 968 38.06 56.96 -36.97
N LEU B 969 38.92 57.91 -36.63
CA LEU B 969 38.56 59.01 -35.71
C LEU B 969 37.42 59.91 -36.15
N ASN B 970 37.25 60.08 -37.46
CA ASN B 970 36.16 60.91 -37.96
C ASN B 970 34.90 60.11 -38.32
N LEU B 971 34.96 58.79 -38.18
CA LEU B 971 33.86 57.94 -38.59
C LEU B 971 32.79 57.80 -37.51
N PRO B 972 31.51 57.94 -37.89
CA PRO B 972 30.42 57.56 -36.98
C PRO B 972 30.48 56.05 -36.71
N ILE B 973 29.91 55.62 -35.58
CA ILE B 973 30.07 54.25 -35.09
C ILE B 973 29.56 53.19 -36.06
N THR B 974 28.48 53.52 -36.78
CA THR B 974 27.99 52.69 -37.87
C THR B 974 29.11 52.37 -38.87
N GLN B 975 29.74 53.42 -39.39
CA GLN B 975 30.79 53.26 -40.39
C GLN B 975 32.07 52.69 -39.81
N LEU B 976 32.31 52.97 -38.54
CA LEU B 976 33.41 52.36 -37.83
C LEU B 976 33.26 50.84 -37.81
N VAL B 977 32.05 50.39 -37.48
CA VAL B 977 31.69 48.97 -37.51
C VAL B 977 31.78 48.41 -38.93
N LYS B 978 31.29 49.18 -39.91
CA LYS B 978 31.29 48.76 -41.29
C LYS B 978 32.71 48.65 -41.85
N LEU B 979 33.63 49.48 -41.35
CA LEU B 979 35.04 49.40 -41.74
C LEU B 979 35.69 48.13 -41.18
N VAL B 980 35.44 47.87 -39.90
CA VAL B 980 36.11 46.80 -39.18
C VAL B 980 35.57 45.40 -39.53
N THR B 981 34.28 45.17 -39.30
CA THR B 981 33.62 43.88 -39.61
C THR B 981 33.49 43.70 -41.12
N LYS B 982 34.38 44.38 -41.84
CA LYS B 982 34.43 44.39 -43.30
C LYS B 982 33.16 44.83 -44.02
N LYS B 983 32.01 44.33 -43.58
CA LYS B 983 30.74 44.64 -44.24
C LYS B 983 29.57 44.32 -43.33
N ASP B 984 29.01 45.33 -42.67
CA ASP B 984 27.80 45.11 -41.89
C ASP B 984 26.73 46.20 -41.97
N ILE B 985 26.36 46.77 -40.82
CA ILE B 985 25.06 47.43 -40.56
C ILE B 985 23.86 46.68 -41.17
N PRO B 986 23.09 45.97 -40.32
CA PRO B 986 21.83 45.38 -40.77
C PRO B 986 20.68 46.36 -40.50
N ALA B 987 20.09 46.89 -41.57
CA ALA B 987 19.15 48.00 -41.48
C ALA B 987 17.80 47.69 -40.78
N HIS B 988 17.85 47.17 -39.57
CA HIS B 988 16.65 46.94 -38.77
C HIS B 988 16.91 46.99 -37.25
N VAL B 989 18.18 47.12 -36.87
CA VAL B 989 18.55 47.41 -35.47
C VAL B 989 18.76 48.88 -35.28
N SER B 990 18.04 49.47 -34.34
CA SER B 990 18.26 50.86 -33.99
C SER B 990 18.96 50.97 -32.63
N THR B 991 19.71 49.93 -32.27
CA THR B 991 20.49 49.95 -31.02
C THR B 991 21.76 49.07 -31.12
N MET B 992 22.84 49.54 -30.49
CA MET B 992 24.05 48.73 -30.40
C MET B 992 24.87 48.90 -29.11
N ILE B 993 25.28 47.75 -28.58
CA ILE B 993 26.06 47.64 -27.36
C ILE B 993 27.56 47.71 -27.65
N LEU B 994 28.20 48.74 -27.15
CA LEU B 994 29.64 48.84 -27.19
C LEU B 994 30.23 48.53 -25.82
N GLU B 995 31.35 47.82 -25.84
CA GLU B 995 32.14 47.55 -24.64
C GLU B 995 33.39 48.40 -24.66
N ILE B 996 33.71 48.97 -23.52
CA ILE B 996 34.77 49.95 -23.48
C ILE B 996 35.76 49.66 -22.37
N CYS B 997 37.02 49.97 -22.62
CA CYS B 997 38.04 50.02 -21.57
C CYS B 997 38.44 51.46 -21.29
N ALA B 998 38.75 51.76 -20.03
CA ALA B 998 39.17 53.11 -19.70
C ALA B 998 40.18 53.22 -18.56
N ASP B 999 40.98 54.29 -18.65
CA ASP B 999 41.79 54.75 -17.54
C ASP B 999 41.03 55.89 -16.91
N ASP B 1000 41.15 56.07 -15.59
CA ASP B 1000 40.52 57.22 -14.92
C ASP B 1000 41.44 58.46 -14.92
N LYS B 1001 41.14 59.40 -14.02
CA LYS B 1001 41.87 60.67 -13.93
C LYS B 1001 43.29 60.50 -13.39
N GLU B 1002 43.49 59.50 -12.53
CA GLU B 1002 44.82 59.17 -11.99
C GLU B 1002 45.64 58.27 -12.94
N GLY B 1003 45.14 58.05 -14.16
CA GLY B 1003 45.81 57.25 -15.18
C GLY B 1003 45.75 55.74 -14.99
N GLU B 1004 44.87 55.28 -14.11
CA GLU B 1004 44.77 53.84 -13.81
C GLU B 1004 43.55 53.18 -14.46
N ASP B 1005 43.75 51.95 -14.94
CA ASP B 1005 42.68 51.14 -15.54
C ASP B 1005 41.57 50.92 -14.54
N VAL B 1006 40.33 51.16 -14.98
CA VAL B 1006 39.16 50.94 -14.14
C VAL B 1006 38.08 50.18 -14.91
N GLU B 1007 37.41 49.28 -14.20
CA GLU B 1007 36.22 48.64 -14.72
C GLU B 1007 35.07 49.67 -14.76
N VAL B 1008 34.20 49.50 -15.75
CA VAL B 1008 33.33 50.59 -16.17
C VAL B 1008 32.05 50.03 -16.84
N PRO B 1009 30.92 50.79 -16.78
CA PRO B 1009 29.69 50.39 -17.49
C PRO B 1009 29.86 50.22 -19.02
N PHE B 1010 28.93 49.49 -19.65
CA PHE B 1010 28.92 49.36 -21.11
C PHE B 1010 28.22 50.56 -21.73
N ILE B 1011 28.21 50.62 -23.06
CA ILE B 1011 27.60 51.73 -23.78
C ILE B 1011 26.50 51.16 -24.64
N THR B 1012 25.41 51.91 -24.75
CA THR B 1012 24.33 51.64 -25.69
C THR B 1012 24.25 52.83 -26.64
N ILE B 1013 24.44 52.58 -27.94
CA ILE B 1013 24.20 53.62 -28.93
C ILE B 1013 22.77 53.52 -29.44
N HIS B 1014 22.05 54.64 -29.40
CA HIS B 1014 20.68 54.74 -29.89
C HIS B 1014 20.66 55.44 -31.25
N LEU B 1015 20.33 54.71 -32.30
CA LEU B 1015 20.48 55.20 -33.67
C LEU B 1015 19.36 56.13 -34.15
N MET C 1 23.56 -30.36 20.02
CA MET C 1 23.32 -30.03 18.60
C MET C 1 22.12 -29.09 18.46
N GLN C 2 21.94 -28.51 17.28
CA GLN C 2 20.81 -27.61 17.01
C GLN C 2 19.68 -28.28 16.27
N ILE C 3 18.47 -28.07 16.77
CA ILE C 3 17.28 -28.36 16.00
C ILE C 3 16.43 -27.10 15.88
N PHE C 4 15.46 -27.13 14.96
CA PHE C 4 14.61 -25.98 14.70
C PHE C 4 13.15 -26.35 14.87
N VAL C 5 12.40 -25.50 15.56
CA VAL C 5 10.98 -25.72 15.73
C VAL C 5 10.23 -24.58 15.04
N LYS C 6 9.38 -24.93 14.07
CA LYS C 6 8.61 -23.94 13.32
C LYS C 6 7.14 -23.97 13.70
N THR C 7 6.61 -22.82 14.11
CA THR C 7 5.21 -22.71 14.49
C THR C 7 4.33 -22.45 13.27
N LEU C 8 3.03 -22.77 13.40
CA LEU C 8 2.04 -22.52 12.37
C LEU C 8 1.93 -21.04 12.08
N THR C 9 2.40 -20.22 13.01
CA THR C 9 2.38 -18.79 12.81
C THR C 9 3.66 -18.36 12.07
N GLY C 10 4.57 -19.31 11.85
CA GLY C 10 5.76 -19.06 11.03
C GLY C 10 6.92 -18.49 11.81
N LYS C 11 6.93 -18.78 13.11
CA LYS C 11 8.02 -18.38 13.97
C LYS C 11 8.96 -19.58 14.10
N THR C 12 10.26 -19.33 14.05
CA THR C 12 11.29 -20.36 14.14
C THR C 12 12.02 -20.27 15.48
N ILE C 13 12.04 -21.38 16.20
CA ILE C 13 12.72 -21.47 17.49
C ILE C 13 13.93 -22.35 17.34
N THR C 14 15.10 -21.86 17.73
CA THR C 14 16.26 -22.73 17.83
C THR C 14 16.25 -23.40 19.19
N LEU C 15 16.63 -24.67 19.23
CA LEU C 15 16.79 -25.38 20.48
C LEU C 15 18.15 -26.04 20.58
N GLU C 16 18.66 -26.11 21.81
CA GLU C 16 19.93 -26.80 22.11
C GLU C 16 19.65 -28.16 22.76
N VAL C 17 19.93 -29.22 21.99
CA VAL C 17 19.49 -30.56 22.35
C VAL C 17 20.58 -31.62 22.26
N GLU C 18 20.34 -32.74 22.94
CA GLU C 18 21.12 -33.97 22.79
C GLU C 18 20.24 -35.01 22.12
N SER C 19 20.88 -35.96 21.43
CA SER C 19 20.15 -37.03 20.73
C SER C 19 19.33 -37.87 21.70
N SER C 20 19.83 -37.99 22.93
CA SER C 20 19.16 -38.75 23.99
C SER C 20 17.96 -38.03 24.62
N ASP C 21 17.90 -36.70 24.51
CA ASP C 21 16.86 -35.91 25.19
C ASP C 21 15.44 -36.44 24.97
N THR C 22 14.60 -36.36 26.01
CA THR C 22 13.21 -36.83 25.90
C THR C 22 12.34 -35.86 25.11
N ILE C 23 11.13 -36.30 24.75
CA ILE C 23 10.17 -35.37 24.15
C ILE C 23 9.61 -34.44 25.24
N ASP C 24 9.36 -34.99 26.44
CA ASP C 24 9.05 -34.22 27.66
C ASP C 24 10.02 -33.06 27.82
N ASN C 25 11.28 -33.33 27.51
CA ASN C 25 12.37 -32.39 27.70
C ASN C 25 12.30 -31.27 26.69
N VAL C 26 12.29 -31.65 25.42
CA VAL C 26 12.23 -30.71 24.32
C VAL C 26 11.07 -29.73 24.51
N LYS C 27 9.93 -30.27 24.87
CA LYS C 27 8.73 -29.50 25.16
C LYS C 27 8.87 -28.46 26.29
N SER C 28 9.61 -28.77 27.35
CA SER C 28 9.82 -27.78 28.41
C SER C 28 10.80 -26.70 27.99
N LYS C 29 11.71 -27.02 27.07
CA LYS C 29 12.55 -26.01 26.42
C LYS C 29 11.69 -25.05 25.56
N ILE C 30 10.68 -25.60 24.88
CA ILE C 30 9.67 -24.78 24.20
C ILE C 30 8.94 -23.91 25.22
N GLN C 31 8.47 -24.51 26.31
CA GLN C 31 7.79 -23.77 27.36
C GLN C 31 8.64 -22.62 27.91
N ASP C 32 9.94 -22.83 28.03
CA ASP C 32 10.88 -21.80 28.46
C ASP C 32 11.00 -20.68 27.42
N LYS C 33 11.20 -21.07 26.16
CA LYS C 33 11.41 -20.13 25.07
C LYS C 33 10.11 -19.37 24.70
N GLU C 34 8.97 -20.06 24.78
CA GLU C 34 7.71 -19.60 24.18
C GLU C 34 6.50 -19.46 25.12
N GLY C 35 6.53 -20.13 26.27
CA GLY C 35 5.44 -20.01 27.24
C GLY C 35 4.33 -21.03 27.15
N ILE C 36 4.22 -21.71 25.99
CA ILE C 36 3.18 -22.72 25.78
C ILE C 36 3.43 -23.92 26.68
N PRO C 37 2.44 -24.25 27.55
CA PRO C 37 2.57 -25.44 28.40
C PRO C 37 2.74 -26.71 27.55
N PRO C 38 3.53 -27.68 28.05
CA PRO C 38 3.73 -28.92 27.28
C PRO C 38 2.39 -29.56 26.86
N ASP C 39 1.40 -29.45 27.76
CA ASP C 39 0.04 -29.95 27.54
C ASP C 39 -0.61 -29.55 26.22
N GLN C 40 -0.23 -28.40 25.69
CA GLN C 40 -0.86 -27.85 24.50
C GLN C 40 0.05 -27.91 23.28
N GLN C 41 1.28 -28.39 23.49
CA GLN C 41 2.27 -28.52 22.42
C GLN C 41 2.09 -29.82 21.62
N ARG C 42 1.82 -29.69 20.33
CA ARG C 42 1.75 -30.83 19.42
C ARG C 42 2.90 -30.75 18.40
N LEU C 43 3.90 -31.61 18.58
CA LEU C 43 5.07 -31.67 17.71
C LEU C 43 5.01 -32.78 16.64
N ILE C 44 5.35 -32.43 15.42
CA ILE C 44 5.39 -33.43 14.35
C ILE C 44 6.74 -33.38 13.63
N PHE C 45 7.29 -34.56 13.30
CA PHE C 45 8.53 -34.66 12.53
C PHE C 45 8.54 -35.89 11.67
N ALA C 46 8.88 -35.70 10.39
CA ALA C 46 8.96 -36.78 9.40
C ALA C 46 7.75 -37.69 9.41
N GLY C 47 6.57 -37.07 9.47
CA GLY C 47 5.30 -37.78 9.36
C GLY C 47 4.74 -38.33 10.66
N LYS C 48 5.47 -38.14 11.75
CA LYS C 48 5.05 -38.72 13.03
C LYS C 48 4.83 -37.63 14.03
N GLN C 49 3.83 -37.81 14.88
CA GLN C 49 3.65 -36.97 16.04
C GLN C 49 4.50 -37.48 17.22
N LEU C 50 5.29 -36.59 17.80
CA LEU C 50 6.22 -36.97 18.85
C LEU C 50 5.47 -37.14 20.17
N GLU C 51 5.55 -38.34 20.75
CA GLU C 51 4.80 -38.68 21.95
C GLU C 51 5.67 -38.57 23.19
N ASP C 52 5.08 -38.12 24.28
CA ASP C 52 5.83 -37.85 25.50
C ASP C 52 6.89 -38.92 25.86
N GLY C 53 6.45 -40.13 26.17
CA GLY C 53 7.34 -41.18 26.68
C GLY C 53 8.69 -41.38 26.00
N ARG C 54 8.76 -41.11 24.69
CA ARG C 54 9.94 -41.46 23.88
C ARG C 54 11.02 -40.36 23.84
N THR C 55 12.12 -40.63 23.16
CA THR C 55 13.26 -39.71 23.07
C THR C 55 13.42 -39.19 21.64
N LEU C 56 14.37 -38.28 21.44
CA LEU C 56 14.62 -37.71 20.10
C LEU C 56 15.11 -38.74 19.09
N SER C 57 16.16 -39.47 19.45
CA SER C 57 16.76 -40.44 18.55
C SER C 57 15.76 -41.49 18.07
N ASP C 58 14.78 -41.83 18.93
CA ASP C 58 13.67 -42.69 18.53
C ASP C 58 13.06 -42.28 17.20
N TYR C 59 12.77 -40.99 17.04
CA TYR C 59 12.17 -40.47 15.81
C TYR C 59 13.20 -40.05 14.77
N ASN C 60 14.47 -40.38 15.02
CA ASN C 60 15.54 -40.21 14.04
C ASN C 60 15.85 -38.75 13.74
N ILE C 61 15.62 -37.89 14.73
CA ILE C 61 15.94 -36.46 14.66
C ILE C 61 17.47 -36.23 14.70
N GLN C 62 17.96 -35.40 13.79
CA GLN C 62 19.38 -35.14 13.59
C GLN C 62 19.69 -33.69 13.86
N LYS C 63 20.95 -33.30 13.71
CA LYS C 63 21.30 -31.88 13.83
C LYS C 63 20.82 -31.12 12.58
N GLU C 64 20.31 -29.91 12.80
CA GLU C 64 19.63 -29.12 11.76
C GLU C 64 18.21 -29.62 11.38
N SER C 65 17.76 -30.72 11.98
CA SER C 65 16.40 -31.18 11.74
C SER C 65 15.36 -30.15 12.15
N THR C 66 14.25 -30.16 11.43
CA THR C 66 13.18 -29.21 11.66
C THR C 66 11.94 -29.94 12.18
N LEU C 67 11.41 -29.45 13.30
CA LEU C 67 10.14 -29.93 13.85
C LEU C 67 9.08 -28.88 13.58
N HIS C 68 7.82 -29.22 13.81
CA HIS C 68 6.76 -28.27 13.58
C HIS C 68 5.77 -28.33 14.72
N LEU C 69 5.36 -27.16 15.19
CA LEU C 69 4.41 -27.04 16.26
C LEU C 69 3.05 -26.73 15.66
N VAL C 70 2.08 -27.62 15.88
CA VAL C 70 0.80 -27.56 15.16
C VAL C 70 -0.43 -27.46 16.08
N LEU C 71 -1.63 -27.43 15.48
CA LEU C 71 -2.87 -27.00 16.15
C LEU C 71 -4.11 -27.49 15.44
N ARG C 72 -5.12 -27.86 16.23
CA ARG C 72 -6.46 -28.06 15.69
C ARG C 72 -7.23 -26.73 15.69
N LEU C 73 -8.02 -26.52 14.66
CA LEU C 73 -8.69 -25.25 14.44
C LEU C 73 -10.16 -25.53 14.43
N ARG C 74 -10.92 -24.74 15.18
CA ARG C 74 -12.36 -24.90 15.24
C ARG C 74 -12.97 -24.03 14.15
N GLY C 75 -14.15 -24.37 13.65
CA GLY C 75 -14.76 -23.53 12.63
C GLY C 75 -14.65 -24.04 11.21
N GLY C 76 -15.79 -24.09 10.52
CA GLY C 76 -15.83 -24.54 9.14
C GLY C 76 -17.21 -24.46 8.50
N MET D 1 31.73 24.06 16.74
CA MET D 1 30.26 23.93 16.97
C MET D 1 29.57 23.18 15.84
N GLN D 2 28.37 22.69 16.12
CA GLN D 2 27.59 22.02 15.11
C GLN D 2 26.48 22.89 14.58
N ILE D 3 26.38 22.92 13.26
CA ILE D 3 25.22 23.49 12.59
C ILE D 3 24.67 22.47 11.60
N PHE D 4 23.43 22.67 11.17
CA PHE D 4 22.79 21.73 10.28
C PHE D 4 22.49 22.38 8.96
N VAL D 5 22.66 21.63 7.88
CA VAL D 5 22.23 22.07 6.56
C VAL D 5 21.15 21.12 6.00
N LYS D 6 20.01 21.68 5.64
CA LYS D 6 18.86 20.92 5.16
C LYS D 6 18.51 21.21 3.70
N THR D 7 18.46 20.15 2.88
CA THR D 7 18.18 20.27 1.45
C THR D 7 16.70 20.19 1.13
N LEU D 8 16.34 20.68 -0.06
CA LEU D 8 14.98 20.54 -0.59
C LEU D 8 14.46 19.11 -0.68
N THR D 9 15.35 18.12 -0.77
CA THR D 9 14.95 16.70 -0.79
C THR D 9 14.76 16.16 0.64
N GLY D 10 14.96 17.02 1.63
CA GLY D 10 14.76 16.64 3.03
C GLY D 10 15.92 15.90 3.64
N LYS D 11 17.13 16.18 3.16
CA LYS D 11 18.33 15.57 3.72
C LYS D 11 18.94 16.52 4.73
N THR D 12 19.50 15.98 5.80
CA THR D 12 20.10 16.78 6.86
C THR D 12 21.59 16.49 7.03
N ILE D 13 22.41 17.50 6.77
CA ILE D 13 23.86 17.39 6.90
C ILE D 13 24.34 18.08 8.17
N THR D 14 25.14 17.40 8.99
CA THR D 14 25.77 18.02 10.14
C THR D 14 27.10 18.61 9.74
N LEU D 15 27.33 19.85 10.13
CA LEU D 15 28.58 20.53 9.84
C LEU D 15 29.34 20.91 11.13
N GLU D 16 30.66 20.73 11.12
CA GLU D 16 31.46 21.25 12.23
C GLU D 16 32.07 22.57 11.78
N VAL D 17 31.79 23.63 12.53
CA VAL D 17 32.14 24.98 12.07
C VAL D 17 32.66 25.91 13.18
N GLU D 18 33.34 26.97 12.76
CA GLU D 18 33.64 28.07 13.65
C GLU D 18 32.72 29.24 13.34
N SER D 19 32.30 29.95 14.38
CA SER D 19 31.43 31.12 14.23
C SER D 19 32.00 32.19 13.30
N SER D 20 33.34 32.24 13.21
CA SER D 20 34.03 33.16 12.30
C SER D 20 34.45 32.47 11.00
N ASP D 21 33.87 31.30 10.74
CA ASP D 21 34.05 30.64 9.45
C ASP D 21 33.34 31.43 8.37
N THR D 22 34.03 31.63 7.25
CA THR D 22 33.45 32.33 6.11
C THR D 22 32.45 31.43 5.40
N ILE D 23 31.56 32.04 4.63
CA ILE D 23 30.56 31.29 3.89
C ILE D 23 31.24 30.37 2.89
N ASP D 24 32.33 30.86 2.30
CA ASP D 24 33.15 30.08 1.37
C ASP D 24 33.58 28.77 2.02
N ASN D 25 34.16 28.89 3.21
CA ASN D 25 34.62 27.72 3.97
C ASN D 25 33.48 26.76 4.29
N VAL D 26 32.37 27.30 4.77
CA VAL D 26 31.18 26.50 5.00
C VAL D 26 30.72 25.82 3.70
N LYS D 27 30.72 26.55 2.60
CA LYS D 27 30.30 25.99 1.32
C LYS D 27 31.18 24.81 0.87
N SER D 28 32.50 24.94 1.04
CA SER D 28 33.42 23.86 0.68
C SER D 28 33.30 22.66 1.63
N LYS D 29 32.80 22.91 2.83
CA LYS D 29 32.53 21.82 3.76
C LYS D 29 31.34 21.01 3.27
N ILE D 30 30.37 21.70 2.66
CA ILE D 30 29.25 21.05 2.02
C ILE D 30 29.73 20.28 0.80
N GLN D 31 30.55 20.91 -0.03
CA GLN D 31 31.05 20.27 -1.23
C GLN D 31 31.78 18.97 -0.93
N ASP D 32 32.50 18.91 0.19
CA ASP D 32 33.10 17.68 0.70
C ASP D 32 32.03 16.63 0.94
N LYS D 33 30.98 17.04 1.65
CA LYS D 33 29.99 16.13 2.21
C LYS D 33 28.90 15.74 1.19
N GLU D 34 28.53 16.68 0.32
CA GLU D 34 27.51 16.47 -0.73
C GLU D 34 28.02 16.35 -2.15
N GLY D 35 29.15 16.99 -2.45
CA GLY D 35 29.71 16.96 -3.80
C GLY D 35 29.19 18.04 -4.72
N ILE D 36 28.34 18.95 -4.21
CA ILE D 36 27.85 20.06 -5.01
C ILE D 36 28.81 21.27 -4.92
N PRO D 37 29.28 21.78 -6.07
CA PRO D 37 30.30 22.83 -6.05
C PRO D 37 29.76 24.10 -5.41
N PRO D 38 30.64 24.85 -4.71
CA PRO D 38 30.24 26.06 -4.01
C PRO D 38 29.37 27.01 -4.85
N ASP D 39 29.75 27.18 -6.12
CA ASP D 39 29.01 28.00 -7.09
C ASP D 39 27.52 27.74 -7.17
N GLN D 40 27.15 26.46 -7.07
CA GLN D 40 25.79 26.04 -7.34
C GLN D 40 24.95 25.90 -6.07
N GLN D 41 25.55 26.29 -4.95
CA GLN D 41 24.91 26.18 -3.64
C GLN D 41 24.15 27.46 -3.30
N ARG D 42 22.92 27.31 -2.84
CA ARG D 42 22.11 28.46 -2.39
C ARG D 42 21.66 28.19 -0.97
N LEU D 43 22.32 28.86 -0.04
CA LEU D 43 22.04 28.65 1.35
C LEU D 43 21.15 29.77 1.86
N ILE D 44 20.05 29.42 2.49
CA ILE D 44 19.22 30.45 3.09
C ILE D 44 19.13 30.28 4.59
N PHE D 45 19.02 31.40 5.30
CA PHE D 45 18.90 31.40 6.75
C PHE D 45 18.26 32.70 7.17
N ALA D 46 17.25 32.60 8.05
CA ALA D 46 16.57 33.74 8.67
C ALA D 46 16.13 34.84 7.70
N GLY D 47 15.71 34.45 6.50
CA GLY D 47 15.26 35.38 5.47
C GLY D 47 16.36 35.94 4.56
N LYS D 48 17.55 35.35 4.61
CA LYS D 48 18.67 35.90 3.87
C LYS D 48 19.43 34.82 3.14
N GLN D 49 19.94 35.15 1.97
CA GLN D 49 20.82 34.24 1.27
C GLN D 49 22.26 34.57 1.58
N LEU D 50 22.97 33.58 2.12
CA LEU D 50 24.37 33.72 2.55
C LEU D 50 25.30 34.02 1.38
N GLU D 51 26.05 35.11 1.50
CA GLU D 51 26.91 35.58 0.41
C GLU D 51 28.37 35.24 0.66
N ASP D 52 29.15 35.10 -0.42
CA ASP D 52 30.52 34.63 -0.34
C ASP D 52 31.47 35.46 0.51
N GLY D 53 31.33 36.78 0.46
CA GLY D 53 32.25 37.63 1.23
C GLY D 53 32.17 37.41 2.75
N ARG D 54 30.99 37.07 3.24
CA ARG D 54 30.64 37.23 4.66
C ARG D 54 31.06 36.04 5.55
N THR D 55 30.80 36.16 6.86
CA THR D 55 31.06 35.11 7.85
C THR D 55 29.76 34.59 8.47
N LEU D 56 29.84 33.42 9.10
CA LEU D 56 28.71 32.88 9.85
C LEU D 56 28.23 33.92 10.89
N SER D 57 29.21 34.58 11.50
CA SER D 57 29.01 35.66 12.45
C SER D 57 28.06 36.74 11.91
N ASP D 58 28.38 37.27 10.73
CA ASP D 58 27.58 38.31 10.07
C ASP D 58 26.07 38.03 10.01
N TYR D 59 25.71 36.78 9.76
CA TYR D 59 24.31 36.39 9.64
C TYR D 59 23.75 35.88 10.96
N ASN D 60 24.53 36.06 12.04
CA ASN D 60 24.13 35.64 13.38
C ASN D 60 23.81 34.13 13.47
N ILE D 61 24.54 33.31 12.72
CA ILE D 61 24.35 31.87 12.76
C ILE D 61 25.03 31.32 14.02
N GLN D 62 24.27 30.60 14.84
CA GLN D 62 24.76 30.11 16.13
C GLN D 62 24.72 28.58 16.27
N LYS D 63 25.24 28.04 17.37
CA LYS D 63 25.25 26.58 17.54
C LYS D 63 23.87 25.99 17.29
N GLU D 64 23.83 24.96 16.45
CA GLU D 64 22.61 24.19 16.17
C GLU D 64 21.61 24.91 15.26
N SER D 65 22.01 26.05 14.71
CA SER D 65 21.26 26.73 13.65
C SER D 65 21.07 25.80 12.47
N THR D 66 19.97 25.97 11.73
CA THR D 66 19.73 25.18 10.54
C THR D 66 19.76 26.06 9.29
N LEU D 67 20.66 25.73 8.37
CA LEU D 67 20.69 26.42 7.09
C LEU D 67 19.95 25.57 6.09
N HIS D 68 19.32 26.21 5.11
CA HIS D 68 18.57 25.51 4.09
C HIS D 68 19.25 25.64 2.75
N LEU D 69 19.60 24.48 2.20
CA LEU D 69 20.20 24.38 0.88
C LEU D 69 19.14 24.19 -0.21
N VAL D 70 19.09 25.15 -1.11
CA VAL D 70 17.92 25.36 -1.91
C VAL D 70 18.21 25.48 -3.45
N LEU D 71 17.20 25.23 -4.29
CA LEU D 71 17.40 25.17 -5.75
C LEU D 71 16.40 26.01 -6.53
N ARG D 72 16.75 26.32 -7.79
CA ARG D 72 15.82 26.90 -8.75
C ARG D 72 15.46 25.79 -9.70
N LEU D 73 14.21 25.76 -10.13
CA LEU D 73 13.71 24.62 -10.87
C LEU D 73 13.18 25.06 -12.22
N ARG D 74 13.63 24.42 -13.28
CA ARG D 74 13.13 24.73 -14.62
C ARG D 74 11.80 24.03 -14.77
N GLY D 75 11.00 24.34 -15.77
CA GLY D 75 9.74 23.63 -15.87
C GLY D 75 8.58 24.37 -15.24
N GLY D 76 7.48 24.49 -16.00
CA GLY D 76 6.30 25.21 -15.59
C GLY D 76 5.38 25.47 -16.77
#